data_3ZSF
#
_entry.id   3ZSF
#
_cell.length_a   74.090
_cell.length_b   99.830
_cell.length_c   128.830
_cell.angle_alpha   90.00
_cell.angle_beta   91.50
_cell.angle_gamma   90.00
#
_symmetry.space_group_name_H-M   'P 1 21 1'
#
loop_
_entity.id
_entity.type
_entity.pdbx_description
1 polymer 'ABC TRANSPORTER, PERIPLASMIC BINDING PROTEIN, AMINO ACID'
2 water water
#
_entity_poly.entity_id   1
_entity_poly.type   'polypeptide(L)'
_entity_poly.pdbx_seq_one_letter_code
;MGHHHHHHHHHHSSGHIDDDDKHMAAAGGSEGGSGASSAPAQSAISGSLIERINNKGTVTVGTEGTYAPFTYHDKDGKLT
GYDVEVTRAVAEKLGVKVEFKETQWDSMMAGLKAGRFDVVANQVGLTSPERQATFDKSEPYSWSGAVLVAHNDSNIKSIA
DIKGVKTAQSLTSNYGEKAKAAGAQLVPVDGLAQSLTLIEQKRADATLNDELAVLDYLKKNPNAGVKIVWSAPADEKVGS
GLIVNKGNDEAVAKFSTAINELKADGTLKKLGEQFFGKDISVQ
;
_entity_poly.pdbx_strand_id   A,B,C,D,E,F,G,H
#
# COMPACT_ATOMS: atom_id res chain seq x y z
N GLY A 47 -29.34 -55.75 -25.58
CA GLY A 47 -28.96 -55.06 -26.86
C GLY A 47 -28.64 -53.57 -26.62
N SER A 48 -28.71 -52.75 -27.65
CA SER A 48 -28.50 -51.30 -27.47
C SER A 48 -29.75 -50.69 -26.83
N LEU A 49 -29.68 -49.44 -26.42
CA LEU A 49 -30.86 -48.77 -25.85
C LEU A 49 -32.06 -48.74 -26.80
N ILE A 50 -31.90 -48.25 -28.02
CA ILE A 50 -33.05 -48.13 -28.95
C ILE A 50 -33.68 -49.47 -29.27
N GLU A 51 -32.88 -50.52 -29.29
CA GLU A 51 -33.42 -51.86 -29.59
C GLU A 51 -34.27 -52.35 -28.43
N ARG A 52 -33.74 -52.23 -27.21
CA ARG A 52 -34.51 -52.54 -26.02
C ARG A 52 -35.78 -51.69 -25.94
N ILE A 53 -35.73 -50.42 -26.30
CA ILE A 53 -36.97 -49.62 -26.35
C ILE A 53 -37.97 -50.22 -27.37
N ASN A 54 -37.49 -50.58 -28.54
CA ASN A 54 -38.35 -51.12 -29.59
C ASN A 54 -38.78 -52.60 -29.36
N ASN A 55 -38.01 -53.38 -28.60
CA ASN A 55 -38.27 -54.82 -28.36
C ASN A 55 -38.86 -55.13 -26.93
N LYS A 56 -39.58 -54.15 -26.35
CA LYS A 56 -40.16 -54.23 -24.97
C LYS A 56 -39.20 -54.73 -23.89
N GLY A 57 -37.97 -54.19 -23.89
CA GLY A 57 -36.91 -54.63 -22.97
C GLY A 57 -36.81 -53.81 -21.68
N THR A 58 -35.62 -53.75 -21.09
CA THR A 58 -35.43 -53.12 -19.82
C THR A 58 -34.48 -51.94 -19.94
N VAL A 59 -34.93 -50.82 -19.38
CA VAL A 59 -34.17 -49.56 -19.34
C VAL A 59 -33.77 -49.20 -17.93
N THR A 60 -32.52 -48.77 -17.78
CA THR A 60 -32.02 -48.44 -16.49
C THR A 60 -31.91 -46.92 -16.32
N VAL A 61 -32.38 -46.42 -15.18
CA VAL A 61 -32.49 -44.98 -14.85
C VAL A 61 -31.73 -44.66 -13.55
N GLY A 62 -30.78 -43.74 -13.62
CA GLY A 62 -30.12 -43.20 -12.45
C GLY A 62 -30.98 -42.06 -11.82
N THR A 63 -31.04 -42.05 -10.49
CA THR A 63 -31.84 -41.16 -9.69
C THR A 63 -31.34 -41.26 -8.26
N GLU A 64 -31.46 -40.21 -7.48
CA GLU A 64 -30.81 -40.14 -6.17
C GLU A 64 -31.57 -40.90 -5.13
N GLY A 65 -32.90 -40.81 -5.20
CA GLY A 65 -33.79 -41.31 -4.19
C GLY A 65 -33.73 -40.65 -2.82
N THR A 66 -33.13 -39.44 -2.71
CA THR A 66 -32.91 -38.78 -1.38
C THR A 66 -33.23 -37.28 -1.46
N TYR A 67 -34.22 -36.93 -2.29
CA TYR A 67 -34.55 -35.55 -2.66
C TYR A 67 -36.04 -35.43 -2.93
N ALA A 68 -36.81 -35.39 -1.85
CA ALA A 68 -38.23 -35.12 -1.92
C ALA A 68 -38.48 -33.71 -2.43
N PRO A 69 -39.55 -33.52 -3.20
CA PRO A 69 -40.58 -34.40 -3.69
C PRO A 69 -40.34 -34.94 -5.09
N PHE A 70 -39.07 -35.07 -5.46
CA PHE A 70 -38.68 -35.41 -6.82
C PHE A 70 -38.35 -36.90 -6.96
N THR A 71 -37.54 -37.41 -6.03
CA THR A 71 -37.04 -38.78 -6.06
C THR A 71 -36.64 -39.14 -4.63
N TYR A 72 -37.51 -39.89 -3.98
CA TYR A 72 -37.41 -40.17 -2.55
C TYR A 72 -38.18 -41.40 -2.20
N HIS A 73 -38.01 -41.83 -0.95
CA HIS A 73 -38.74 -42.97 -0.41
C HIS A 73 -39.88 -42.47 0.41
N ASP A 74 -41.09 -42.85 0.02
CA ASP A 74 -42.24 -42.60 0.87
C ASP A 74 -42.17 -43.40 2.21
N LYS A 75 -43.18 -43.24 3.05
CA LYS A 75 -43.16 -43.78 4.42
C LYS A 75 -43.30 -45.32 4.46
N ASP A 76 -43.76 -45.92 3.38
CA ASP A 76 -43.79 -47.36 3.28
C ASP A 76 -42.45 -47.87 2.73
N GLY A 77 -41.56 -46.95 2.30
CA GLY A 77 -40.30 -47.35 1.64
C GLY A 77 -40.28 -47.29 0.11
N LYS A 78 -41.43 -47.10 -0.53
CA LYS A 78 -41.49 -47.06 -1.98
C LYS A 78 -40.76 -45.86 -2.61
N LEU A 79 -39.95 -46.15 -3.61
CA LEU A 79 -39.31 -45.12 -4.41
C LEU A 79 -40.41 -44.44 -5.20
N THR A 80 -40.54 -43.13 -5.01
CA THR A 80 -41.54 -42.34 -5.67
C THR A 80 -40.99 -40.90 -5.87
N GLY A 81 -41.88 -39.95 -6.14
CA GLY A 81 -41.47 -38.58 -6.39
C GLY A 81 -41.81 -38.19 -7.82
N TYR A 82 -41.80 -36.90 -8.12
CA TYR A 82 -42.24 -36.42 -9.44
C TYR A 82 -41.42 -37.09 -10.56
N ASP A 83 -40.12 -37.08 -10.42
CA ASP A 83 -39.20 -37.53 -11.47
C ASP A 83 -39.30 -39.04 -11.65
N VAL A 84 -39.45 -39.79 -10.55
CA VAL A 84 -39.59 -41.24 -10.65
C VAL A 84 -40.94 -41.54 -11.29
N GLU A 85 -41.99 -40.81 -10.94
CA GLU A 85 -43.32 -41.21 -11.45
C GLU A 85 -43.50 -40.87 -12.93
N VAL A 86 -42.95 -39.74 -13.38
CA VAL A 86 -42.89 -39.42 -14.83
C VAL A 86 -42.20 -40.55 -15.61
N THR A 87 -41.09 -41.04 -15.08
CA THR A 87 -40.29 -42.01 -15.74
C THR A 87 -41.02 -43.33 -15.79
N ARG A 88 -41.70 -43.68 -14.69
CA ARG A 88 -42.57 -44.86 -14.72
C ARG A 88 -43.68 -44.77 -15.78
N ALA A 89 -44.25 -43.59 -15.98
CA ALA A 89 -45.33 -43.43 -16.98
C ALA A 89 -44.77 -43.41 -18.42
N VAL A 90 -43.57 -42.86 -18.58
CA VAL A 90 -42.90 -42.89 -19.87
C VAL A 90 -42.61 -44.34 -20.25
N ALA A 91 -41.97 -45.04 -19.32
CA ALA A 91 -41.67 -46.46 -19.52
C ALA A 91 -42.94 -47.17 -19.95
N GLU A 92 -44.05 -46.90 -19.27
CA GLU A 92 -45.29 -47.59 -19.60
C GLU A 92 -45.80 -47.26 -21.01
N LYS A 93 -45.60 -46.02 -21.46
CA LYS A 93 -45.93 -45.66 -22.84
C LYS A 93 -45.18 -46.46 -23.89
N LEU A 94 -43.87 -46.66 -23.68
CA LEU A 94 -43.03 -47.37 -24.64
C LEU A 94 -43.11 -48.87 -24.47
N GLY A 95 -43.91 -49.34 -23.52
CA GLY A 95 -43.99 -50.76 -23.23
C GLY A 95 -42.69 -51.36 -22.71
N VAL A 96 -41.87 -50.54 -22.04
CA VAL A 96 -40.57 -51.00 -21.53
C VAL A 96 -40.64 -51.14 -20.01
N LYS A 97 -39.76 -51.98 -19.43
CA LYS A 97 -39.66 -52.13 -18.01
C LYS A 97 -38.60 -51.16 -17.57
N VAL A 98 -38.75 -50.60 -16.36
CA VAL A 98 -37.76 -49.71 -15.83
C VAL A 98 -37.12 -50.24 -14.56
N GLU A 99 -35.81 -50.06 -14.43
CA GLU A 99 -35.08 -50.30 -13.19
C GLU A 99 -34.29 -49.05 -12.72
N PHE A 100 -34.62 -48.54 -11.54
CA PHE A 100 -33.92 -47.42 -10.93
C PHE A 100 -32.68 -47.86 -10.14
N LYS A 101 -31.64 -47.05 -10.27
CA LYS A 101 -30.33 -47.31 -9.67
C LYS A 101 -30.02 -46.08 -8.85
N GLU A 102 -30.03 -46.28 -7.53
CA GLU A 102 -30.02 -45.18 -6.63
C GLU A 102 -28.58 -44.88 -6.25
N THR A 103 -28.14 -43.63 -6.53
CA THR A 103 -26.76 -43.14 -6.34
C THR A 103 -26.79 -41.62 -6.16
N GLN A 104 -25.83 -41.05 -5.44
CA GLN A 104 -25.80 -39.58 -5.22
C GLN A 104 -25.30 -38.81 -6.42
N TRP A 105 -25.66 -37.55 -6.48
CA TRP A 105 -25.58 -36.73 -7.68
C TRP A 105 -24.28 -36.89 -8.50
N ASP A 106 -23.13 -36.81 -7.85
CA ASP A 106 -21.85 -36.77 -8.53
C ASP A 106 -21.46 -38.08 -9.18
N SER A 107 -21.86 -39.16 -8.52
CA SER A 107 -21.80 -40.48 -9.07
C SER A 107 -22.83 -40.70 -10.18
N MET A 108 -23.98 -40.06 -10.10
CA MET A 108 -25.02 -40.32 -11.07
C MET A 108 -24.46 -40.01 -12.43
N MET A 109 -23.93 -38.80 -12.59
CA MET A 109 -23.52 -38.35 -13.91
C MET A 109 -22.34 -39.16 -14.47
N ALA A 110 -21.28 -39.37 -13.68
CA ALA A 110 -20.13 -40.13 -14.14
C ALA A 110 -20.65 -41.50 -14.47
N GLY A 111 -21.59 -41.97 -13.64
CA GLY A 111 -22.25 -43.24 -13.86
C GLY A 111 -22.91 -43.40 -15.22
N LEU A 112 -23.59 -42.32 -15.64
CA LEU A 112 -24.28 -42.28 -16.92
C LEU A 112 -23.23 -42.31 -18.06
N LYS A 113 -22.24 -41.46 -17.95
CA LYS A 113 -21.20 -41.35 -18.94
C LYS A 113 -20.44 -42.69 -19.03
N ALA A 114 -20.34 -43.37 -17.90
CA ALA A 114 -19.56 -44.58 -17.88
C ALA A 114 -20.45 -45.75 -18.23
N GLY A 115 -21.73 -45.53 -18.44
CA GLY A 115 -22.60 -46.60 -18.94
C GLY A 115 -23.16 -47.53 -17.88
N ARG A 116 -23.21 -47.08 -16.63
CA ARG A 116 -23.78 -47.85 -15.52
C ARG A 116 -25.32 -47.81 -15.57
N PHE A 117 -25.90 -46.78 -16.17
CA PHE A 117 -27.31 -46.81 -16.59
C PHE A 117 -27.49 -46.12 -17.96
N ASP A 118 -28.68 -46.23 -18.54
CA ASP A 118 -29.00 -45.63 -19.84
C ASP A 118 -29.40 -44.18 -19.79
N VAL A 119 -30.02 -43.78 -18.69
CA VAL A 119 -30.75 -42.55 -18.59
C VAL A 119 -30.59 -42.08 -17.18
N VAL A 120 -30.56 -40.76 -17.02
CA VAL A 120 -30.65 -40.11 -15.70
C VAL A 120 -31.93 -39.21 -15.54
N ALA A 121 -32.65 -39.37 -14.42
CA ALA A 121 -33.85 -38.61 -14.09
C ALA A 121 -33.70 -38.02 -12.69
N ASN A 122 -33.42 -36.73 -12.62
CA ASN A 122 -33.11 -36.08 -11.38
C ASN A 122 -33.11 -34.52 -11.49
N GLN A 123 -34.17 -33.94 -12.01
CA GLN A 123 -34.25 -32.48 -12.13
C GLN A 123 -32.95 -31.94 -12.80
N VAL A 124 -32.54 -32.53 -13.93
CA VAL A 124 -31.36 -32.08 -14.64
C VAL A 124 -31.81 -31.20 -15.85
N GLY A 125 -31.39 -29.94 -15.87
CA GLY A 125 -31.73 -29.02 -16.99
C GLY A 125 -30.60 -28.85 -17.99
N LEU A 126 -29.42 -29.25 -17.56
CA LEU A 126 -28.28 -29.32 -18.46
C LEU A 126 -27.99 -27.99 -19.09
N THR A 127 -28.04 -26.93 -18.30
CA THR A 127 -27.91 -25.60 -18.82
C THR A 127 -26.48 -25.24 -19.26
N SER A 128 -25.48 -25.90 -18.71
CA SER A 128 -24.10 -25.65 -19.05
C SER A 128 -23.65 -26.15 -20.47
N PRO A 129 -23.26 -25.20 -21.34
CA PRO A 129 -22.74 -25.58 -22.67
C PRO A 129 -21.75 -26.75 -22.60
N GLU A 130 -20.84 -26.75 -21.61
CA GLU A 130 -19.93 -27.86 -21.41
C GLU A 130 -20.67 -29.21 -21.18
N ARG A 131 -21.76 -29.24 -20.41
CA ARG A 131 -22.47 -30.50 -20.22
C ARG A 131 -23.26 -30.92 -21.47
N GLN A 132 -23.65 -29.93 -22.27
CA GLN A 132 -24.39 -30.22 -23.50
C GLN A 132 -23.51 -30.95 -24.57
N ALA A 133 -22.19 -30.82 -24.47
CA ALA A 133 -21.28 -31.56 -25.37
C ALA A 133 -21.11 -33.01 -24.95
N THR A 134 -21.56 -33.38 -23.75
CA THR A 134 -21.42 -34.75 -23.31
C THR A 134 -22.76 -35.44 -23.20
N PHE A 135 -23.85 -34.72 -22.98
CA PHE A 135 -25.13 -35.35 -22.83
C PHE A 135 -26.23 -34.71 -23.65
N ASP A 136 -27.29 -35.46 -23.88
CA ASP A 136 -28.44 -35.01 -24.57
C ASP A 136 -29.56 -35.01 -23.53
N LYS A 137 -30.50 -34.10 -23.69
CA LYS A 137 -31.63 -34.00 -22.86
C LYS A 137 -32.91 -34.12 -23.69
N SER A 138 -33.85 -34.95 -23.24
CA SER A 138 -35.19 -35.02 -23.81
C SER A 138 -36.04 -33.72 -23.73
N GLU A 139 -37.20 -33.75 -24.35
CA GLU A 139 -38.21 -32.77 -24.07
C GLU A 139 -38.38 -32.72 -22.51
N PRO A 140 -38.35 -31.51 -21.93
CA PRO A 140 -38.56 -31.40 -20.51
C PRO A 140 -39.93 -31.84 -20.06
N TYR A 141 -39.94 -32.50 -18.93
CA TYR A 141 -41.15 -32.91 -18.27
C TYR A 141 -41.48 -32.03 -17.08
N SER A 142 -40.64 -31.04 -16.78
CA SER A 142 -41.02 -30.01 -15.84
C SER A 142 -40.21 -28.74 -16.04
N TRP A 143 -40.74 -27.60 -15.58
CA TRP A 143 -40.18 -26.26 -15.81
C TRP A 143 -40.19 -25.46 -14.54
N SER A 144 -39.07 -24.91 -14.15
CA SER A 144 -39.02 -24.13 -12.94
C SER A 144 -38.23 -22.88 -13.20
N GLY A 145 -38.46 -21.87 -12.36
CA GLY A 145 -37.85 -20.56 -12.51
C GLY A 145 -38.12 -19.73 -11.25
N ALA A 146 -37.64 -18.49 -11.24
CA ALA A 146 -37.71 -17.66 -10.09
C ALA A 146 -39.17 -17.31 -9.88
N VAL A 147 -39.57 -17.20 -8.62
CA VAL A 147 -40.89 -16.57 -8.30
C VAL A 147 -40.72 -15.59 -7.17
N LEU A 148 -41.74 -14.76 -7.01
CA LEU A 148 -41.73 -13.69 -5.99
C LEU A 148 -42.84 -13.93 -5.02
N VAL A 149 -42.49 -13.99 -3.75
CA VAL A 149 -43.49 -14.29 -2.69
C VAL A 149 -43.63 -13.07 -1.78
N ALA A 150 -44.88 -12.67 -1.55
CA ALA A 150 -45.25 -11.58 -0.66
C ALA A 150 -46.47 -11.94 0.29
N HIS A 151 -46.74 -11.09 1.28
CA HIS A 151 -47.89 -11.30 2.19
C HIS A 151 -49.23 -11.36 1.41
N ASN A 152 -50.18 -12.13 1.91
CA ASN A 152 -51.53 -12.14 1.36
C ASN A 152 -52.12 -10.74 1.16
N ASP A 153 -51.74 -9.76 1.99
CA ASP A 153 -52.26 -8.35 1.87
C ASP A 153 -51.57 -7.46 0.83
N SER A 154 -50.57 -8.02 0.16
CA SER A 154 -49.65 -7.27 -0.68
C SER A 154 -50.21 -6.99 -2.08
N ASN A 155 -49.71 -5.88 -2.65
CA ASN A 155 -50.04 -5.45 -4.01
C ASN A 155 -48.80 -5.42 -4.89
N ILE A 156 -47.68 -5.99 -4.43
CA ILE A 156 -46.50 -6.08 -5.27
C ILE A 156 -46.89 -7.00 -6.44
N LYS A 157 -46.28 -6.77 -7.61
CA LYS A 157 -46.61 -7.48 -8.89
C LYS A 157 -45.42 -7.95 -9.72
N SER A 158 -44.29 -7.27 -9.61
CA SER A 158 -43.14 -7.50 -10.49
C SER A 158 -41.79 -7.35 -9.77
N ILE A 159 -40.72 -7.67 -10.48
CA ILE A 159 -39.37 -7.46 -10.01
C ILE A 159 -39.05 -5.98 -9.88
N ALA A 160 -39.76 -5.15 -10.64
CA ALA A 160 -39.66 -3.70 -10.47
C ALA A 160 -40.20 -3.24 -9.08
N ASP A 161 -41.28 -3.86 -8.62
CA ASP A 161 -41.94 -3.45 -7.37
C ASP A 161 -41.11 -3.66 -6.08
N ILE A 162 -39.99 -4.36 -6.16
CA ILE A 162 -39.16 -4.54 -4.97
C ILE A 162 -37.92 -3.66 -4.88
N LYS A 163 -37.67 -2.80 -5.90
CA LYS A 163 -36.54 -1.85 -5.84
C LYS A 163 -36.73 -0.97 -4.61
N GLY A 164 -35.74 -1.02 -3.73
CA GLY A 164 -35.80 -0.35 -2.43
C GLY A 164 -36.63 -1.00 -1.33
N VAL A 165 -37.26 -2.13 -1.62
CA VAL A 165 -38.17 -2.82 -0.68
C VAL A 165 -37.42 -3.80 0.23
N LYS A 166 -37.96 -4.06 1.42
CA LYS A 166 -37.33 -5.03 2.30
C LYS A 166 -37.55 -6.46 1.79
N THR A 167 -36.46 -7.10 1.38
CA THR A 167 -36.58 -8.41 0.76
C THR A 167 -35.73 -9.48 1.45
N ALA A 168 -36.42 -10.48 2.04
CA ALA A 168 -35.78 -11.56 2.83
C ALA A 168 -35.04 -12.61 1.95
N GLN A 169 -33.72 -12.67 2.11
CA GLN A 169 -32.85 -13.62 1.39
C GLN A 169 -31.60 -13.97 2.21
N SER A 170 -31.03 -15.12 1.91
CA SER A 170 -29.70 -15.46 2.37
C SER A 170 -28.72 -14.66 1.54
N LEU A 171 -27.86 -13.97 2.23
CA LEU A 171 -26.91 -13.11 1.62
C LEU A 171 -25.94 -13.80 0.64
N THR A 172 -25.80 -15.11 0.68
CA THR A 172 -24.85 -15.69 -0.22
C THR A 172 -25.52 -16.63 -1.20
N SER A 173 -26.81 -16.52 -1.35
CA SER A 173 -27.55 -17.45 -2.21
C SER A 173 -27.74 -16.83 -3.57
N ASN A 174 -28.08 -17.64 -4.56
N ASN A 174 -28.13 -17.63 -4.55
CA ASN A 174 -28.26 -17.13 -5.91
CA ASN A 174 -28.38 -17.12 -5.91
C ASN A 174 -29.48 -16.13 -5.94
C ASN A 174 -29.48 -16.07 -5.88
N TYR A 175 -30.50 -16.33 -5.10
CA TYR A 175 -31.65 -15.40 -5.04
C TYR A 175 -31.35 -14.08 -4.29
N GLY A 176 -30.43 -14.13 -3.32
CA GLY A 176 -29.83 -12.92 -2.75
C GLY A 176 -29.24 -11.97 -3.80
N GLU A 177 -28.38 -12.51 -4.67
CA GLU A 177 -27.73 -11.76 -5.75
C GLU A 177 -28.77 -11.19 -6.68
N LYS A 178 -29.77 -11.99 -7.00
CA LYS A 178 -30.88 -11.52 -7.84
C LYS A 178 -31.63 -10.35 -7.17
N ALA A 179 -32.02 -10.49 -5.89
CA ALA A 179 -32.66 -9.37 -5.17
C ALA A 179 -31.79 -8.08 -5.15
N LYS A 180 -30.49 -8.25 -4.93
CA LYS A 180 -29.62 -7.12 -4.73
C LYS A 180 -29.42 -6.40 -6.09
N ALA A 181 -29.32 -7.21 -7.15
CA ALA A 181 -29.25 -6.74 -8.53
C ALA A 181 -30.47 -5.91 -8.90
N ALA A 182 -31.63 -6.34 -8.39
CA ALA A 182 -32.90 -5.65 -8.65
C ALA A 182 -33.13 -4.46 -7.72
N GLY A 183 -32.12 -4.15 -6.90
CA GLY A 183 -32.13 -2.96 -6.06
C GLY A 183 -32.87 -3.08 -4.75
N ALA A 184 -33.12 -4.30 -4.31
CA ALA A 184 -33.86 -4.54 -3.09
C ALA A 184 -33.00 -4.23 -1.84
N GLN A 185 -33.67 -3.98 -0.73
CA GLN A 185 -32.97 -3.88 0.54
C GLN A 185 -32.98 -5.31 1.17
N LEU A 186 -31.82 -5.95 1.30
CA LEU A 186 -31.77 -7.37 1.74
C LEU A 186 -31.98 -7.49 3.21
N VAL A 187 -32.87 -8.38 3.63
CA VAL A 187 -32.94 -8.68 5.07
C VAL A 187 -32.44 -10.09 5.22
N PRO A 188 -31.39 -10.27 6.01
CA PRO A 188 -30.75 -11.55 6.09
C PRO A 188 -31.54 -12.64 6.80
N VAL A 189 -31.74 -13.75 6.12
CA VAL A 189 -32.27 -14.98 6.74
C VAL A 189 -31.37 -16.14 6.32
N ASP A 190 -31.61 -17.32 6.87
CA ASP A 190 -30.87 -18.51 6.46
C ASP A 190 -31.49 -19.34 5.37
N GLY A 191 -32.73 -19.06 4.97
CA GLY A 191 -33.43 -19.98 4.12
C GLY A 191 -34.90 -19.63 3.94
N LEU A 192 -35.59 -20.52 3.25
CA LEU A 192 -36.94 -20.25 2.82
C LEU A 192 -37.93 -20.08 4.01
N ALA A 193 -37.96 -21.04 4.95
CA ALA A 193 -38.91 -21.01 6.10
C ALA A 193 -38.78 -19.71 6.89
N GLN A 194 -37.54 -19.31 7.12
CA GLN A 194 -37.24 -18.06 7.79
C GLN A 194 -37.64 -16.86 6.95
N SER A 195 -37.56 -16.97 5.62
CA SER A 195 -37.93 -15.82 4.79
C SER A 195 -39.43 -15.61 4.89
N LEU A 196 -40.21 -16.67 4.85
CA LEU A 196 -41.69 -16.52 4.97
C LEU A 196 -42.11 -16.14 6.36
N THR A 197 -41.40 -16.59 7.40
CA THR A 197 -41.70 -16.14 8.76
C THR A 197 -41.60 -14.62 8.81
N LEU A 198 -40.55 -14.07 8.22
CA LEU A 198 -40.36 -12.61 8.25
C LEU A 198 -41.45 -11.87 7.49
N ILE A 199 -41.89 -12.40 6.35
CA ILE A 199 -42.95 -11.78 5.61
C ILE A 199 -44.26 -11.80 6.41
N GLU A 200 -44.54 -12.94 7.04
CA GLU A 200 -45.65 -13.10 8.00
C GLU A 200 -45.59 -12.03 9.09
N GLN A 201 -44.42 -11.81 9.68
CA GLN A 201 -44.25 -10.83 10.79
C GLN A 201 -44.18 -9.37 10.30
N LYS A 202 -44.20 -9.17 8.99
CA LYS A 202 -44.10 -7.86 8.36
C LYS A 202 -42.76 -7.12 8.52
N ARG A 203 -41.72 -7.85 8.91
CA ARG A 203 -40.34 -7.33 8.88
C ARG A 203 -39.66 -7.48 7.51
N ALA A 204 -40.31 -8.10 6.54
CA ALA A 204 -39.94 -8.03 5.14
C ALA A 204 -41.21 -8.02 4.33
N ASP A 205 -41.17 -7.41 3.14
CA ASP A 205 -42.31 -7.42 2.26
C ASP A 205 -42.25 -8.50 1.21
N ALA A 206 -41.06 -9.01 0.87
CA ALA A 206 -40.95 -9.96 -0.24
C ALA A 206 -39.75 -10.89 -0.17
N THR A 207 -39.83 -12.00 -0.89
CA THR A 207 -38.68 -12.89 -1.07
C THR A 207 -38.71 -13.49 -2.47
N LEU A 208 -37.53 -13.67 -3.03
CA LEU A 208 -37.31 -14.32 -4.33
C LEU A 208 -36.81 -15.78 -4.14
N ASN A 209 -37.36 -16.75 -4.84
CA ASN A 209 -36.94 -18.16 -4.65
C ASN A 209 -37.43 -18.96 -5.85
N ASP A 210 -37.26 -20.28 -5.82
CA ASP A 210 -37.60 -21.15 -6.96
C ASP A 210 -39.07 -21.60 -6.93
N GLU A 211 -39.73 -21.58 -8.07
CA GLU A 211 -41.10 -22.02 -8.16
C GLU A 211 -41.34 -23.29 -7.36
N LEU A 212 -40.58 -24.34 -7.66
CA LEU A 212 -40.99 -25.66 -7.21
C LEU A 212 -40.68 -25.81 -5.74
N ALA A 213 -39.58 -25.27 -5.27
CA ALA A 213 -39.33 -25.23 -3.81
C ALA A 213 -40.49 -24.54 -3.08
N VAL A 214 -40.90 -23.38 -3.59
CA VAL A 214 -42.01 -22.69 -2.96
C VAL A 214 -43.35 -23.44 -2.97
N LEU A 215 -43.73 -24.01 -4.12
CA LEU A 215 -45.02 -24.66 -4.21
C LEU A 215 -45.02 -25.86 -3.23
N ASP A 216 -43.86 -26.54 -3.12
CA ASP A 216 -43.69 -27.72 -2.27
C ASP A 216 -43.83 -27.30 -0.83
N TYR A 217 -43.37 -26.10 -0.50
CA TYR A 217 -43.47 -25.60 0.87
C TYR A 217 -44.90 -25.19 1.24
N LEU A 218 -45.57 -24.49 0.31
CA LEU A 218 -46.94 -24.03 0.54
C LEU A 218 -47.94 -25.18 0.59
N LYS A 219 -47.59 -26.32 0.00
CA LYS A 219 -48.47 -27.45 0.01
C LYS A 219 -48.39 -28.22 1.34
N LYS A 220 -47.19 -28.27 1.90
CA LYS A 220 -46.93 -28.90 3.21
C LYS A 220 -47.30 -27.96 4.39
N ASN A 221 -47.19 -26.65 4.16
CA ASN A 221 -47.55 -25.62 5.12
C ASN A 221 -48.70 -24.68 4.62
N PRO A 222 -49.94 -25.20 4.56
CA PRO A 222 -51.03 -24.40 3.99
C PRO A 222 -51.45 -23.22 4.89
N ASN A 223 -51.06 -23.30 6.17
CA ASN A 223 -51.14 -22.17 7.09
C ASN A 223 -50.48 -20.88 6.59
N ALA A 224 -49.69 -20.98 5.52
CA ALA A 224 -48.73 -19.95 5.16
C ALA A 224 -49.14 -18.46 5.41
N GLY A 225 -50.21 -17.95 4.81
CA GLY A 225 -50.53 -16.50 4.91
C GLY A 225 -49.76 -15.65 3.89
N VAL A 226 -49.17 -16.32 2.90
CA VAL A 226 -48.29 -15.66 1.88
C VAL A 226 -48.67 -16.12 0.48
N LYS A 227 -48.20 -15.42 -0.55
CA LYS A 227 -48.55 -15.89 -1.88
C LYS A 227 -47.57 -15.49 -2.94
N ILE A 228 -47.55 -16.29 -3.99
CA ILE A 228 -46.76 -15.98 -5.16
C ILE A 228 -47.44 -14.80 -5.83
N VAL A 229 -46.71 -13.72 -6.02
CA VAL A 229 -47.26 -12.54 -6.71
C VAL A 229 -46.64 -12.30 -8.10
N TRP A 230 -45.67 -13.12 -8.49
CA TRP A 230 -45.00 -13.01 -9.79
C TRP A 230 -44.23 -14.28 -10.06
N SER A 231 -44.19 -14.71 -11.32
CA SER A 231 -43.37 -15.84 -11.74
C SER A 231 -42.55 -15.40 -12.94
N ALA A 232 -41.27 -15.80 -12.99
CA ALA A 232 -40.43 -15.48 -14.16
C ALA A 232 -41.18 -15.94 -15.42
N PRO A 233 -41.16 -15.16 -16.51
CA PRO A 233 -41.82 -15.65 -17.75
C PRO A 233 -41.14 -16.90 -18.40
N ALA A 234 -41.84 -17.52 -19.35
CA ALA A 234 -41.36 -18.75 -20.03
C ALA A 234 -39.86 -18.74 -20.40
N ASP A 235 -39.37 -17.63 -20.95
CA ASP A 235 -38.01 -17.59 -21.47
C ASP A 235 -36.96 -17.51 -20.36
N GLU A 236 -37.37 -17.27 -19.13
CA GLU A 236 -36.46 -17.30 -17.98
C GLU A 236 -36.47 -18.67 -17.23
N LYS A 237 -37.28 -19.63 -17.70
CA LYS A 237 -37.46 -20.88 -16.96
C LYS A 237 -36.46 -21.95 -17.40
N VAL A 238 -36.14 -22.90 -16.51
CA VAL A 238 -35.30 -23.99 -16.84
C VAL A 238 -36.13 -25.29 -16.84
N GLY A 239 -35.93 -26.16 -17.81
CA GLY A 239 -36.78 -27.31 -18.05
C GLY A 239 -35.98 -28.56 -17.75
N SER A 240 -36.53 -29.46 -16.93
CA SER A 240 -35.86 -30.72 -16.57
C SER A 240 -36.26 -31.87 -17.47
N GLY A 241 -35.27 -32.64 -17.90
CA GLY A 241 -35.53 -33.76 -18.84
C GLY A 241 -34.70 -35.00 -18.56
N LEU A 242 -35.13 -36.11 -19.18
CA LEU A 242 -34.34 -37.36 -19.17
C LEU A 242 -33.05 -37.12 -19.92
N ILE A 243 -31.92 -37.46 -19.32
CA ILE A 243 -30.60 -37.22 -19.84
C ILE A 243 -30.03 -38.60 -20.28
N VAL A 244 -29.46 -38.64 -21.48
CA VAL A 244 -28.82 -39.87 -22.04
C VAL A 244 -27.51 -39.48 -22.64
N ASN A 245 -26.64 -40.46 -22.81
CA ASN A 245 -25.37 -40.21 -23.47
C ASN A 245 -25.51 -39.76 -24.94
N LYS A 246 -24.48 -39.12 -25.46
CA LYS A 246 -24.50 -38.75 -26.89
C LYS A 246 -24.65 -39.98 -27.75
N GLY A 247 -25.34 -39.81 -28.86
CA GLY A 247 -25.36 -40.82 -29.93
C GLY A 247 -26.54 -41.75 -29.81
N ASN A 248 -27.57 -41.30 -29.07
CA ASN A 248 -28.77 -42.05 -28.88
C ASN A 248 -30.01 -41.21 -29.34
N ASP A 249 -29.92 -40.61 -30.53
CA ASP A 249 -30.93 -39.63 -31.00
C ASP A 249 -32.29 -40.27 -31.13
N GLU A 250 -32.32 -41.51 -31.56
CA GLU A 250 -33.56 -42.23 -31.74
C GLU A 250 -34.23 -42.52 -30.41
N ALA A 251 -33.43 -42.84 -29.42
CA ALA A 251 -33.94 -43.09 -28.08
C ALA A 251 -34.54 -41.83 -27.43
N VAL A 252 -33.86 -40.71 -27.59
CA VAL A 252 -34.35 -39.48 -27.01
C VAL A 252 -35.64 -39.05 -27.67
N ALA A 253 -35.71 -39.25 -28.97
CA ALA A 253 -36.88 -38.81 -29.70
C ALA A 253 -38.08 -39.59 -29.14
N LYS A 254 -37.89 -40.88 -28.91
CA LYS A 254 -38.93 -41.68 -28.31
C LYS A 254 -39.32 -41.20 -26.90
N PHE A 255 -38.35 -40.99 -26.02
CA PHE A 255 -38.64 -40.39 -24.70
C PHE A 255 -39.41 -39.08 -24.84
N SER A 256 -38.98 -38.19 -25.73
CA SER A 256 -39.68 -36.93 -25.94
C SER A 256 -41.08 -37.20 -26.43
N THR A 257 -41.21 -38.11 -27.36
CA THR A 257 -42.51 -38.36 -27.85
C THR A 257 -43.44 -38.89 -26.73
N ALA A 258 -42.93 -39.82 -25.92
CA ALA A 258 -43.70 -40.34 -24.78
C ALA A 258 -44.08 -39.19 -23.81
N ILE A 259 -43.15 -38.27 -23.61
CA ILE A 259 -43.38 -37.17 -22.70
C ILE A 259 -44.53 -36.27 -23.16
N ASN A 260 -44.50 -35.90 -24.43
CA ASN A 260 -45.55 -35.11 -25.05
C ASN A 260 -46.90 -35.84 -25.00
N GLU A 261 -46.86 -37.17 -25.20
CA GLU A 261 -48.07 -38.02 -25.04
C GLU A 261 -48.64 -37.85 -23.64
N LEU A 262 -47.75 -37.91 -22.65
CA LEU A 262 -48.16 -37.74 -21.28
C LEU A 262 -48.62 -36.32 -20.97
N LYS A 263 -48.10 -35.35 -21.70
CA LYS A 263 -48.48 -33.93 -21.52
C LYS A 263 -49.91 -33.69 -22.00
N ALA A 264 -50.29 -34.38 -23.07
CA ALA A 264 -51.56 -34.12 -23.74
C ALA A 264 -52.67 -34.98 -23.17
N ASP A 265 -52.36 -36.21 -22.75
CA ASP A 265 -53.37 -37.09 -22.11
C ASP A 265 -53.67 -36.79 -20.63
N GLY A 266 -53.03 -35.75 -20.09
CA GLY A 266 -53.33 -35.24 -18.76
C GLY A 266 -52.42 -35.71 -17.65
N THR A 267 -51.56 -36.70 -17.93
CA THR A 267 -50.81 -37.41 -16.88
C THR A 267 -49.76 -36.54 -16.21
N LEU A 268 -49.13 -35.64 -16.92
CA LEU A 268 -48.13 -34.83 -16.30
C LEU A 268 -48.85 -33.85 -15.37
N LYS A 269 -50.04 -33.42 -15.76
CA LYS A 269 -50.81 -32.47 -14.97
C LYS A 269 -51.25 -33.15 -13.69
N LYS A 270 -51.62 -34.42 -13.77
CA LYS A 270 -52.00 -35.21 -12.59
C LYS A 270 -50.79 -35.34 -11.65
N LEU A 271 -49.62 -35.62 -12.21
CA LEU A 271 -48.42 -35.73 -11.38
C LEU A 271 -47.95 -34.40 -10.75
N GLY A 272 -48.11 -33.28 -11.46
CA GLY A 272 -47.76 -31.99 -10.87
C GLY A 272 -48.71 -31.65 -9.70
N GLU A 273 -50.00 -31.85 -9.92
N GLU A 273 -49.99 -31.84 -9.96
CA GLU A 273 -50.97 -31.57 -8.89
CA GLU A 273 -51.04 -31.67 -8.97
C GLU A 273 -50.70 -32.37 -7.60
C GLU A 273 -50.71 -32.37 -7.65
N GLN A 274 -50.35 -33.65 -7.76
CA GLN A 274 -50.08 -34.52 -6.64
C GLN A 274 -48.85 -34.10 -5.84
N PHE A 275 -47.73 -33.81 -6.49
CA PHE A 275 -46.52 -33.41 -5.76
C PHE A 275 -46.40 -31.87 -5.56
N PHE A 276 -47.13 -31.04 -6.27
CA PHE A 276 -46.94 -29.59 -6.13
C PHE A 276 -48.20 -28.72 -6.11
N GLY A 277 -49.35 -29.33 -6.30
CA GLY A 277 -50.60 -28.62 -6.30
C GLY A 277 -50.84 -27.86 -7.57
N LYS A 278 -50.03 -28.12 -8.60
CA LYS A 278 -50.07 -27.35 -9.84
C LYS A 278 -49.46 -28.17 -10.95
N ASP A 279 -49.86 -27.89 -12.18
CA ASP A 279 -49.16 -28.38 -13.34
C ASP A 279 -47.84 -27.67 -13.49
N ILE A 280 -46.75 -28.43 -13.53
CA ILE A 280 -45.41 -27.84 -13.62
C ILE A 280 -44.77 -28.20 -14.95
N SER A 281 -45.59 -28.81 -15.82
CA SER A 281 -45.15 -29.33 -17.10
C SER A 281 -45.18 -28.25 -18.20
N VAL A 282 -45.88 -27.15 -17.95
CA VAL A 282 -45.96 -26.04 -18.91
C VAL A 282 -44.90 -24.94 -18.67
N GLN A 283 -44.03 -24.73 -19.66
CA GLN A 283 -43.08 -23.62 -19.67
C GLN A 283 -43.83 -22.32 -19.48
N SER B 46 -3.44 -25.46 6.04
CA SER B 46 -3.76 -25.35 7.51
C SER B 46 -4.63 -24.12 7.86
N GLY B 47 -5.79 -24.36 8.45
CA GLY B 47 -6.67 -23.27 8.87
C GLY B 47 -7.83 -23.21 7.91
N SER B 48 -8.88 -22.57 8.36
CA SER B 48 -10.03 -22.41 7.53
C SER B 48 -9.71 -21.47 6.36
N LEU B 49 -10.59 -21.52 5.38
CA LEU B 49 -10.50 -20.70 4.21
C LEU B 49 -10.50 -19.22 4.58
N ILE B 50 -11.42 -18.77 5.46
CA ILE B 50 -11.45 -17.36 5.83
C ILE B 50 -10.17 -16.98 6.61
N GLU B 51 -9.63 -17.88 7.41
CA GLU B 51 -8.39 -17.55 8.13
C GLU B 51 -7.27 -17.29 7.14
N ARG B 52 -7.21 -18.08 6.07
CA ARG B 52 -6.11 -17.94 5.13
C ARG B 52 -6.28 -16.71 4.26
N ILE B 53 -7.51 -16.43 3.86
CA ILE B 53 -7.84 -15.20 3.14
C ILE B 53 -7.50 -13.94 3.91
N ASN B 54 -7.69 -13.95 5.24
CA ASN B 54 -7.44 -12.79 6.06
C ASN B 54 -5.99 -12.64 6.44
N ASN B 55 -5.21 -13.72 6.32
CA ASN B 55 -3.81 -13.73 6.84
C ASN B 55 -2.75 -14.17 5.79
N LYS B 56 -2.99 -13.77 4.54
CA LYS B 56 -2.03 -13.95 3.43
C LYS B 56 -1.56 -15.41 3.24
N GLY B 57 -2.49 -16.35 3.34
CA GLY B 57 -2.16 -17.77 3.18
C GLY B 57 -2.33 -18.23 1.73
N THR B 58 -2.48 -19.55 1.56
CA THR B 58 -2.60 -20.15 0.26
C THR B 58 -4.01 -20.70 0.14
N VAL B 59 -4.65 -20.43 -0.99
CA VAL B 59 -5.96 -20.94 -1.36
C VAL B 59 -5.79 -21.85 -2.60
N THR B 60 -6.44 -23.02 -2.58
CA THR B 60 -6.30 -24.01 -3.61
C THR B 60 -7.62 -24.01 -4.41
N VAL B 61 -7.48 -24.14 -5.71
CA VAL B 61 -8.56 -23.96 -6.64
C VAL B 61 -8.59 -25.13 -7.64
N GLY B 62 -9.76 -25.77 -7.75
CA GLY B 62 -9.98 -26.75 -8.75
C GLY B 62 -10.41 -26.19 -10.09
N THR B 63 -9.86 -26.71 -11.17
CA THR B 63 -10.19 -26.30 -12.52
C THR B 63 -9.76 -27.43 -13.47
N GLU B 64 -10.34 -27.49 -14.66
CA GLU B 64 -9.97 -28.62 -15.58
C GLU B 64 -8.60 -28.52 -16.24
N GLY B 65 -8.28 -27.34 -16.74
CA GLY B 65 -7.11 -27.16 -17.58
C GLY B 65 -7.20 -27.74 -19.00
N THR B 66 -8.37 -28.22 -19.41
CA THR B 66 -8.56 -28.84 -20.72
C THR B 66 -9.77 -28.27 -21.45
N TYR B 67 -10.14 -27.03 -21.10
CA TYR B 67 -11.35 -26.42 -21.67
C TYR B 67 -11.06 -25.01 -22.07
N ALA B 68 -10.51 -24.85 -23.27
CA ALA B 68 -10.21 -23.53 -23.82
C ALA B 68 -11.50 -22.79 -24.19
N PRO B 69 -11.52 -21.48 -24.04
CA PRO B 69 -10.54 -20.55 -23.52
C PRO B 69 -10.76 -20.24 -22.04
N PHE B 70 -11.28 -21.19 -21.26
CA PHE B 70 -11.67 -20.90 -19.84
C PHE B 70 -10.57 -21.34 -18.92
N THR B 71 -9.96 -22.47 -19.25
CA THR B 71 -9.02 -23.12 -18.38
C THR B 71 -8.24 -24.15 -19.21
N TYR B 72 -7.10 -23.70 -19.73
CA TYR B 72 -6.30 -24.48 -20.68
C TYR B 72 -4.85 -24.13 -20.55
N HIS B 73 -4.01 -24.90 -21.23
CA HIS B 73 -2.57 -24.69 -21.24
C HIS B 73 -2.24 -24.04 -22.58
N ASP B 74 -1.47 -22.99 -22.55
CA ASP B 74 -1.18 -22.29 -23.78
C ASP B 74 -0.05 -23.03 -24.50
N LYS B 75 0.39 -22.48 -25.62
CA LYS B 75 1.47 -23.08 -26.42
C LYS B 75 2.80 -23.28 -25.64
N ASP B 76 3.07 -22.52 -24.59
CA ASP B 76 4.26 -22.77 -23.77
C ASP B 76 4.01 -23.69 -22.57
N GLY B 77 2.82 -24.26 -22.44
CA GLY B 77 2.49 -25.11 -21.30
C GLY B 77 1.87 -24.43 -20.08
N LYS B 78 1.65 -23.13 -20.12
CA LYS B 78 1.24 -22.38 -18.93
C LYS B 78 -0.27 -22.48 -18.77
N LEU B 79 -0.72 -22.78 -17.55
CA LEU B 79 -2.14 -22.76 -17.26
C LEU B 79 -2.67 -21.31 -17.33
N THR B 80 -3.66 -21.10 -18.17
CA THR B 80 -4.24 -19.80 -18.38
C THR B 80 -5.70 -20.01 -18.71
N GLY B 81 -6.31 -19.03 -19.33
CA GLY B 81 -7.72 -19.05 -19.63
C GLY B 81 -8.46 -18.04 -18.75
N TYR B 82 -9.64 -17.63 -19.19
CA TYR B 82 -10.40 -16.58 -18.54
C TYR B 82 -10.63 -16.87 -17.03
N ASP B 83 -11.05 -18.10 -16.70
CA ASP B 83 -11.43 -18.41 -15.32
C ASP B 83 -10.18 -18.44 -14.45
N VAL B 84 -9.11 -18.96 -15.03
CA VAL B 84 -7.86 -19.07 -14.34
C VAL B 84 -7.26 -17.68 -14.06
N GLU B 85 -7.27 -16.78 -15.03
CA GLU B 85 -6.65 -15.47 -14.85
C GLU B 85 -7.51 -14.61 -13.90
N VAL B 86 -8.83 -14.72 -13.99
CA VAL B 86 -9.68 -14.04 -13.06
C VAL B 86 -9.30 -14.47 -11.65
N THR B 87 -9.08 -15.77 -11.44
CA THR B 87 -8.74 -16.28 -10.14
C THR B 87 -7.41 -15.77 -9.61
N ARG B 88 -6.42 -15.64 -10.48
CA ARG B 88 -5.14 -15.04 -10.09
C ARG B 88 -5.31 -13.57 -9.69
N ALA B 89 -6.16 -12.85 -10.40
CA ALA B 89 -6.40 -11.43 -10.10
C ALA B 89 -7.19 -11.29 -8.78
N VAL B 90 -8.13 -12.21 -8.51
CA VAL B 90 -8.81 -12.26 -7.23
C VAL B 90 -7.81 -12.60 -6.09
N ALA B 91 -6.98 -13.59 -6.31
CA ALA B 91 -5.96 -13.90 -5.32
C ALA B 91 -5.08 -12.65 -5.08
N GLU B 92 -4.71 -11.91 -6.13
CA GLU B 92 -3.86 -10.72 -5.96
C GLU B 92 -4.51 -9.58 -5.14
N LYS B 93 -5.80 -9.36 -5.34
CA LYS B 93 -6.58 -8.40 -4.60
C LYS B 93 -6.71 -8.78 -3.10
N LEU B 94 -6.90 -10.08 -2.82
CA LEU B 94 -7.00 -10.57 -1.46
C LEU B 94 -5.63 -10.71 -0.76
N GLY B 95 -4.55 -10.63 -1.51
CA GLY B 95 -3.23 -10.84 -0.93
C GLY B 95 -2.92 -12.30 -0.63
N VAL B 96 -3.58 -13.27 -1.26
CA VAL B 96 -3.25 -14.66 -1.03
C VAL B 96 -2.48 -15.30 -2.19
N LYS B 97 -1.86 -16.41 -1.87
CA LYS B 97 -1.20 -17.23 -2.86
C LYS B 97 -2.24 -18.24 -3.32
N VAL B 98 -2.21 -18.57 -4.60
CA VAL B 98 -3.17 -19.47 -5.21
C VAL B 98 -2.44 -20.67 -5.89
N GLU B 99 -2.94 -21.88 -5.67
CA GLU B 99 -2.42 -23.09 -6.28
C GLU B 99 -3.58 -23.76 -6.99
N PHE B 100 -3.41 -24.00 -8.29
CA PHE B 100 -4.41 -24.68 -9.07
C PHE B 100 -4.18 -26.19 -9.05
N LYS B 101 -5.29 -26.89 -8.87
CA LYS B 101 -5.33 -28.34 -8.78
C LYS B 101 -6.15 -28.89 -9.96
N GLU B 102 -5.46 -29.32 -11.01
CA GLU B 102 -6.11 -29.65 -12.27
C GLU B 102 -6.75 -31.03 -12.10
N THR B 103 -8.01 -31.10 -12.49
CA THR B 103 -8.87 -32.14 -12.06
C THR B 103 -9.89 -32.37 -13.16
N GLN B 104 -10.20 -33.63 -13.41
CA GLN B 104 -11.20 -33.97 -14.39
C GLN B 104 -12.59 -33.52 -13.95
N TRP B 105 -13.40 -33.04 -14.87
CA TRP B 105 -14.70 -32.49 -14.46
C TRP B 105 -15.49 -33.40 -13.53
N ASP B 106 -15.59 -34.68 -13.86
N ASP B 106 -15.64 -34.67 -13.85
CA ASP B 106 -16.50 -35.52 -13.11
CA ASP B 106 -16.56 -35.47 -13.07
C ASP B 106 -16.05 -35.84 -11.69
C ASP B 106 -16.03 -35.89 -11.70
N SER B 107 -14.82 -35.48 -11.30
CA SER B 107 -14.44 -35.58 -9.91
C SER B 107 -14.25 -34.21 -9.26
N MET B 108 -14.71 -33.17 -9.95
CA MET B 108 -14.46 -31.80 -9.51
C MET B 108 -15.32 -31.36 -8.31
N MET B 109 -16.63 -31.57 -8.39
CA MET B 109 -17.49 -31.13 -7.30
C MET B 109 -17.38 -32.06 -6.08
N ALA B 110 -17.22 -33.37 -6.30
CA ALA B 110 -16.98 -34.32 -5.20
C ALA B 110 -15.70 -33.95 -4.50
N GLY B 111 -14.69 -33.52 -5.28
CA GLY B 111 -13.43 -33.02 -4.71
C GLY B 111 -13.60 -31.76 -3.82
N LEU B 112 -14.41 -30.84 -4.28
CA LEU B 112 -14.66 -29.61 -3.50
C LEU B 112 -15.35 -30.11 -2.16
N LYS B 113 -16.40 -30.90 -2.30
CA LYS B 113 -17.13 -31.38 -1.16
C LYS B 113 -16.21 -32.12 -0.17
N ALA B 114 -15.27 -32.90 -0.68
CA ALA B 114 -14.36 -33.66 0.17
C ALA B 114 -13.19 -32.84 0.69
N GLY B 115 -13.09 -31.57 0.31
CA GLY B 115 -12.03 -30.71 0.81
C GLY B 115 -10.66 -30.91 0.18
N ARG B 116 -10.62 -31.49 -1.03
CA ARG B 116 -9.37 -31.56 -1.82
C ARG B 116 -8.92 -30.21 -2.35
N PHE B 117 -9.84 -29.27 -2.52
CA PHE B 117 -9.45 -27.86 -2.74
C PHE B 117 -10.49 -26.96 -2.12
N ASP B 118 -10.17 -25.68 -1.97
CA ASP B 118 -11.07 -24.67 -1.34
C ASP B 118 -12.18 -24.16 -2.23
N VAL B 119 -11.89 -24.03 -3.53
CA VAL B 119 -12.76 -23.38 -4.49
C VAL B 119 -12.74 -24.09 -5.83
N VAL B 120 -13.80 -23.96 -6.62
CA VAL B 120 -13.83 -24.40 -8.01
C VAL B 120 -13.99 -23.15 -8.94
N ALA B 121 -13.17 -23.05 -9.97
CA ALA B 121 -13.27 -22.01 -10.98
C ALA B 121 -13.29 -22.71 -12.37
N ASN B 122 -14.50 -22.88 -12.91
CA ASN B 122 -14.71 -23.72 -14.07
C ASN B 122 -16.04 -23.53 -14.73
N GLN B 123 -16.38 -22.28 -14.99
CA GLN B 123 -17.65 -21.96 -15.63
C GLN B 123 -18.86 -22.60 -14.96
N VAL B 124 -18.87 -22.62 -13.64
CA VAL B 124 -19.98 -23.24 -12.92
C VAL B 124 -21.06 -22.23 -12.57
N GLY B 125 -22.25 -22.44 -13.12
CA GLY B 125 -23.40 -21.62 -12.88
C GLY B 125 -24.23 -21.95 -11.66
N LEU B 126 -24.22 -23.23 -11.25
CA LEU B 126 -24.93 -23.64 -10.08
C LEU B 126 -26.40 -23.27 -10.28
N THR B 127 -26.95 -23.59 -11.45
CA THR B 127 -28.36 -23.23 -11.73
C THR B 127 -29.39 -24.21 -11.12
N SER B 128 -28.99 -25.44 -10.80
CA SER B 128 -29.87 -26.36 -10.11
C SER B 128 -30.18 -25.89 -8.66
N PRO B 129 -31.44 -25.77 -8.31
CA PRO B 129 -31.83 -25.51 -6.86
C PRO B 129 -31.27 -26.49 -5.85
N GLU B 130 -31.23 -27.75 -6.20
CA GLU B 130 -30.65 -28.79 -5.35
C GLU B 130 -29.16 -28.54 -5.08
N ARG B 131 -28.40 -28.16 -6.10
CA ARG B 131 -26.97 -27.96 -5.93
C ARG B 131 -26.68 -26.64 -5.19
N GLN B 132 -27.57 -25.65 -5.36
CA GLN B 132 -27.54 -24.44 -4.55
C GLN B 132 -27.65 -24.72 -3.05
N ALA B 133 -28.18 -25.87 -2.66
CA ALA B 133 -28.24 -26.23 -1.25
C ALA B 133 -26.93 -26.80 -0.73
N THR B 134 -26.03 -27.25 -1.64
CA THR B 134 -24.79 -27.95 -1.24
C THR B 134 -23.59 -27.03 -1.32
N PHE B 135 -23.65 -26.04 -2.21
CA PHE B 135 -22.51 -25.18 -2.47
C PHE B 135 -22.94 -23.72 -2.57
N ASP B 136 -22.04 -22.79 -2.36
CA ASP B 136 -22.30 -21.35 -2.56
C ASP B 136 -21.49 -20.84 -3.75
N LYS B 137 -22.02 -19.81 -4.38
CA LYS B 137 -21.37 -19.20 -5.55
C LYS B 137 -21.11 -17.73 -5.33
N SER B 138 -19.91 -17.28 -5.64
CA SER B 138 -19.62 -15.85 -5.58
C SER B 138 -20.47 -15.06 -6.58
N GLU B 139 -20.45 -13.73 -6.46
CA GLU B 139 -20.80 -12.82 -7.54
C GLU B 139 -20.11 -13.27 -8.83
N PRO B 140 -20.88 -13.41 -9.89
CA PRO B 140 -20.27 -13.95 -11.09
C PRO B 140 -19.19 -13.07 -11.69
N TYR B 141 -18.18 -13.73 -12.26
CA TYR B 141 -17.09 -13.08 -12.97
C TYR B 141 -17.32 -13.14 -14.47
N SER B 142 -18.28 -13.95 -14.93
CA SER B 142 -18.69 -13.90 -16.33
C SER B 142 -20.19 -14.23 -16.43
N TRP B 143 -20.84 -13.72 -17.50
CA TRP B 143 -22.23 -13.95 -17.78
C TRP B 143 -22.38 -14.35 -19.22
N SER B 144 -23.30 -15.26 -19.50
CA SER B 144 -23.54 -15.70 -20.83
C SER B 144 -25.01 -16.07 -21.04
N GLY B 145 -25.42 -16.08 -22.30
CA GLY B 145 -26.80 -16.34 -22.67
C GLY B 145 -26.84 -16.75 -24.13
N ALA B 146 -28.04 -17.06 -24.64
CA ALA B 146 -28.23 -17.42 -26.03
C ALA B 146 -27.96 -16.22 -26.95
N VAL B 147 -27.38 -16.50 -28.11
CA VAL B 147 -27.23 -15.50 -29.17
C VAL B 147 -27.69 -16.11 -30.47
N LEU B 148 -28.16 -15.27 -31.36
CA LEU B 148 -28.50 -15.68 -32.73
C LEU B 148 -27.39 -15.24 -33.66
N VAL B 149 -26.84 -16.20 -34.39
CA VAL B 149 -25.77 -15.97 -35.31
C VAL B 149 -26.29 -16.19 -36.74
N ALA B 150 -26.02 -15.22 -37.62
CA ALA B 150 -26.40 -15.31 -39.03
C ALA B 150 -25.36 -14.62 -39.91
N HIS B 151 -25.57 -14.68 -41.22
CA HIS B 151 -24.66 -14.06 -42.17
C HIS B 151 -24.46 -12.58 -41.90
N ASN B 152 -23.28 -12.07 -42.28
CA ASN B 152 -22.91 -10.66 -42.09
C ASN B 152 -23.95 -9.64 -42.62
N ASP B 153 -24.69 -10.02 -43.65
CA ASP B 153 -25.63 -9.14 -44.34
C ASP B 153 -27.09 -9.58 -44.23
N SER B 154 -27.38 -10.45 -43.26
CA SER B 154 -28.73 -10.91 -42.98
C SER B 154 -29.65 -9.75 -42.55
N ASN B 155 -30.95 -9.88 -42.82
CA ASN B 155 -31.95 -8.96 -42.27
C ASN B 155 -32.42 -9.41 -40.88
N ILE B 156 -32.11 -10.66 -40.53
CA ILE B 156 -32.52 -11.23 -39.26
C ILE B 156 -31.94 -10.44 -38.10
N LYS B 157 -32.80 -10.03 -37.19
CA LYS B 157 -32.38 -9.35 -35.97
C LYS B 157 -33.23 -9.69 -34.73
N SER B 158 -33.90 -10.84 -34.75
CA SER B 158 -34.74 -11.25 -33.62
C SER B 158 -35.16 -12.72 -33.68
N ILE B 159 -35.58 -13.22 -32.52
CA ILE B 159 -36.16 -14.56 -32.40
C ILE B 159 -37.48 -14.63 -33.17
N ALA B 160 -38.21 -13.51 -33.20
CA ALA B 160 -39.42 -13.41 -34.00
C ALA B 160 -39.11 -13.59 -35.50
N ASP B 161 -37.95 -13.08 -35.93
CA ASP B 161 -37.58 -13.08 -37.36
C ASP B 161 -37.07 -14.44 -37.90
N ILE B 162 -37.07 -15.48 -37.08
CA ILE B 162 -36.68 -16.83 -37.52
C ILE B 162 -37.89 -17.74 -37.76
N LYS B 163 -39.09 -17.16 -37.76
CA LYS B 163 -40.30 -17.91 -38.10
C LYS B 163 -40.14 -18.53 -39.48
N GLY B 164 -40.11 -19.86 -39.52
CA GLY B 164 -39.96 -20.62 -40.76
C GLY B 164 -38.67 -20.32 -41.50
N VAL B 165 -37.54 -20.46 -40.82
CA VAL B 165 -36.24 -20.21 -41.41
C VAL B 165 -35.30 -21.39 -41.20
N LYS B 166 -34.45 -21.67 -42.18
CA LYS B 166 -33.43 -22.72 -42.05
C LYS B 166 -32.48 -22.33 -40.93
N THR B 167 -32.49 -23.11 -39.83
CA THR B 167 -31.68 -22.83 -38.63
C THR B 167 -31.01 -24.10 -38.13
N ALA B 168 -29.68 -24.12 -38.10
CA ALA B 168 -28.92 -25.30 -37.73
C ALA B 168 -28.82 -25.49 -36.21
N GLN B 169 -29.38 -26.58 -35.70
CA GLN B 169 -29.29 -26.92 -34.28
C GLN B 169 -29.02 -28.40 -34.04
N SER B 170 -28.73 -28.74 -32.79
CA SER B 170 -28.81 -30.11 -32.32
C SER B 170 -30.18 -30.28 -31.71
N LEU B 171 -30.95 -31.25 -32.21
CA LEU B 171 -32.33 -31.46 -31.75
C LEU B 171 -32.45 -31.65 -30.24
N THR B 172 -31.40 -32.24 -29.64
CA THR B 172 -31.45 -32.66 -28.25
C THR B 172 -30.67 -31.70 -27.33
N SER B 173 -30.67 -30.41 -27.70
CA SER B 173 -30.00 -29.35 -26.93
C SER B 173 -30.99 -28.30 -26.45
N ASN B 174 -30.57 -27.52 -25.46
CA ASN B 174 -31.39 -26.42 -24.95
C ASN B 174 -31.76 -25.44 -26.06
N TYR B 175 -30.82 -25.21 -26.99
CA TYR B 175 -31.04 -24.26 -28.10
C TYR B 175 -31.92 -24.86 -29.18
N GLY B 176 -31.88 -26.18 -29.33
CA GLY B 176 -32.81 -26.88 -30.22
C GLY B 176 -34.26 -26.76 -29.73
N GLU B 177 -34.42 -26.78 -28.40
CA GLU B 177 -35.73 -26.56 -27.78
C GLU B 177 -36.21 -25.13 -28.06
N LYS B 178 -35.32 -24.15 -27.90
CA LYS B 178 -35.64 -22.72 -28.08
C LYS B 178 -35.94 -22.36 -29.54
N ALA B 179 -35.15 -22.91 -30.47
CA ALA B 179 -35.34 -22.69 -31.90
C ALA B 179 -36.70 -23.20 -32.36
N LYS B 180 -37.03 -24.42 -31.93
CA LYS B 180 -38.31 -25.05 -32.28
C LYS B 180 -39.51 -24.26 -31.72
N ALA B 181 -39.40 -23.83 -30.47
CA ALA B 181 -40.44 -23.03 -29.80
C ALA B 181 -40.68 -21.67 -30.45
N ALA B 182 -39.68 -21.20 -31.20
CA ALA B 182 -39.80 -19.96 -31.95
C ALA B 182 -40.39 -20.20 -33.34
N GLY B 183 -40.71 -21.45 -33.67
CA GLY B 183 -41.36 -21.81 -34.94
C GLY B 183 -40.39 -21.90 -36.10
N ALA B 184 -39.15 -22.27 -35.80
CA ALA B 184 -38.08 -22.30 -36.79
C ALA B 184 -38.05 -23.61 -37.57
N GLN B 185 -37.50 -23.56 -38.79
CA GLN B 185 -37.34 -24.73 -39.64
C GLN B 185 -36.00 -25.40 -39.33
N LEU B 186 -36.03 -26.40 -38.47
CA LEU B 186 -34.81 -26.96 -37.90
C LEU B 186 -34.01 -27.83 -38.86
N VAL B 187 -32.70 -27.67 -38.83
CA VAL B 187 -31.75 -28.49 -39.58
C VAL B 187 -30.83 -29.19 -38.57
N PRO B 188 -30.70 -30.53 -38.65
CA PRO B 188 -29.99 -31.28 -37.62
C PRO B 188 -28.47 -31.26 -37.78
N VAL B 189 -27.75 -31.03 -36.67
CA VAL B 189 -26.28 -31.03 -36.65
C VAL B 189 -25.77 -31.36 -35.25
N ASP B 190 -24.58 -31.94 -35.15
CA ASP B 190 -24.01 -32.41 -33.87
C ASP B 190 -23.60 -31.32 -32.86
N GLY B 191 -23.07 -30.20 -33.35
CA GLY B 191 -22.57 -29.11 -32.47
C GLY B 191 -22.46 -27.73 -33.10
N LEU B 192 -21.72 -26.83 -32.44
CA LEU B 192 -21.59 -25.42 -32.87
C LEU B 192 -20.65 -25.27 -34.06
N ALA B 193 -19.51 -25.95 -34.00
CA ALA B 193 -18.53 -25.92 -35.08
C ALA B 193 -19.25 -26.16 -36.40
N GLN B 194 -19.96 -27.28 -36.45
CA GLN B 194 -20.68 -27.69 -37.65
C GLN B 194 -21.79 -26.69 -38.00
N SER B 195 -22.55 -26.25 -36.99
CA SER B 195 -23.62 -25.29 -37.23
C SER B 195 -23.11 -24.05 -37.98
N LEU B 196 -21.90 -23.63 -37.66
CA LEU B 196 -21.31 -22.45 -38.29
C LEU B 196 -20.81 -22.71 -39.71
N THR B 197 -20.38 -23.93 -39.98
CA THR B 197 -19.98 -24.28 -41.34
C THR B 197 -21.22 -24.36 -42.25
N LEU B 198 -22.27 -25.03 -41.77
CA LEU B 198 -23.51 -25.18 -42.52
C LEU B 198 -24.07 -23.82 -42.95
N ILE B 199 -23.99 -22.84 -42.06
CA ILE B 199 -24.37 -21.48 -42.43
C ILE B 199 -23.39 -20.99 -43.48
N GLU B 200 -22.11 -21.03 -43.15
CA GLU B 200 -21.07 -20.51 -44.01
C GLU B 200 -21.15 -21.09 -45.43
N GLN B 201 -21.69 -22.31 -45.55
CA GLN B 201 -21.93 -22.96 -46.85
C GLN B 201 -23.39 -22.84 -47.31
N LYS B 202 -24.07 -21.78 -46.87
CA LYS B 202 -25.43 -21.43 -47.32
C LYS B 202 -26.45 -22.58 -47.34
N ARG B 203 -26.40 -23.45 -46.32
CA ARG B 203 -27.39 -24.52 -46.12
C ARG B 203 -28.35 -24.22 -44.97
N ALA B 204 -27.95 -23.32 -44.07
CA ALA B 204 -28.86 -22.77 -43.07
C ALA B 204 -28.61 -21.28 -42.99
N ASP B 205 -29.60 -20.55 -42.49
CA ASP B 205 -29.53 -19.10 -42.42
C ASP B 205 -29.10 -18.57 -41.02
N ALA B 206 -29.31 -19.38 -39.98
CA ALA B 206 -29.05 -18.96 -38.61
C ALA B 206 -28.71 -20.12 -37.69
N THR B 207 -28.26 -19.76 -36.49
CA THR B 207 -28.15 -20.72 -35.39
C THR B 207 -28.20 -20.00 -34.05
N LEU B 208 -28.73 -20.68 -33.03
CA LEU B 208 -28.72 -20.22 -31.65
C LEU B 208 -27.65 -20.98 -30.94
N ASN B 209 -26.83 -20.28 -30.19
CA ASN B 209 -25.87 -20.94 -29.32
C ASN B 209 -25.48 -19.99 -28.19
N ASP B 210 -24.55 -20.45 -27.36
CA ASP B 210 -24.07 -19.70 -26.22
C ASP B 210 -23.18 -18.49 -26.67
N GLU B 211 -23.38 -17.36 -25.99
CA GLU B 211 -22.63 -16.15 -26.25
C GLU B 211 -21.13 -16.40 -26.20
N LEU B 212 -20.66 -17.05 -25.13
CA LEU B 212 -19.23 -17.11 -24.95
C LEU B 212 -18.58 -18.03 -25.96
N ALA B 213 -19.25 -19.14 -26.31
CA ALA B 213 -18.67 -20.13 -27.23
C ALA B 213 -18.55 -19.49 -28.62
N VAL B 214 -19.57 -18.69 -28.96
CA VAL B 214 -19.60 -17.93 -30.21
C VAL B 214 -18.57 -16.82 -30.21
N LEU B 215 -18.47 -16.06 -29.14
CA LEU B 215 -17.45 -15.00 -29.12
C LEU B 215 -16.07 -15.59 -29.30
N ASP B 216 -15.80 -16.70 -28.64
CA ASP B 216 -14.51 -17.38 -28.80
C ASP B 216 -14.21 -17.79 -30.27
N TYR B 217 -15.24 -18.30 -30.96
CA TYR B 217 -15.13 -18.70 -32.34
C TYR B 217 -14.85 -17.52 -33.27
N LEU B 218 -15.58 -16.43 -33.06
CA LEU B 218 -15.36 -15.21 -33.82
C LEU B 218 -13.96 -14.67 -33.59
N LYS B 219 -13.50 -14.56 -32.36
CA LYS B 219 -12.12 -14.15 -32.10
C LYS B 219 -11.09 -15.03 -32.83
N LYS B 220 -11.29 -16.34 -32.87
CA LYS B 220 -10.28 -17.29 -33.41
C LYS B 220 -10.24 -17.26 -34.95
N ASN B 221 -11.43 -17.30 -35.56
CA ASN B 221 -11.61 -17.22 -37.00
C ASN B 221 -12.48 -16.02 -37.36
N PRO B 222 -11.87 -14.83 -37.55
CA PRO B 222 -12.66 -13.60 -37.70
C PRO B 222 -13.02 -13.24 -39.16
N ASN B 223 -12.97 -14.20 -40.06
CA ASN B 223 -13.44 -13.99 -41.42
C ASN B 223 -14.45 -15.09 -41.76
N GLY B 225 -17.17 -13.82 -41.60
CA GLY B 225 -18.15 -14.48 -42.48
C GLY B 225 -19.61 -14.32 -41.95
N VAL B 226 -19.74 -14.43 -40.64
CA VAL B 226 -21.01 -14.46 -39.92
C VAL B 226 -20.85 -13.66 -38.62
N LYS B 227 -21.95 -13.37 -37.94
CA LYS B 227 -21.90 -12.60 -36.68
C LYS B 227 -23.14 -12.67 -35.80
N ILE B 228 -23.01 -12.12 -34.60
CA ILE B 228 -24.11 -12.09 -33.67
C ILE B 228 -25.06 -11.01 -34.13
N VAL B 229 -26.33 -11.38 -34.33
CA VAL B 229 -27.40 -10.45 -34.74
C VAL B 229 -28.47 -10.24 -33.67
N TRP B 230 -28.48 -11.09 -32.64
CA TRP B 230 -29.39 -10.87 -31.50
C TRP B 230 -28.85 -11.56 -30.25
N SER B 231 -28.97 -10.88 -29.11
CA SER B 231 -28.55 -11.43 -27.83
C SER B 231 -29.73 -11.42 -26.86
N ALA B 232 -29.98 -12.59 -26.25
CA ALA B 232 -31.00 -12.77 -25.21
C ALA B 232 -30.74 -11.77 -24.08
N PRO B 233 -31.81 -11.20 -23.49
CA PRO B 233 -31.65 -10.12 -22.49
C PRO B 233 -31.02 -10.52 -21.15
N ALA B 234 -30.67 -9.50 -20.40
CA ALA B 234 -30.04 -9.65 -19.10
C ALA B 234 -30.65 -10.77 -18.23
N ASP B 235 -31.98 -10.78 -18.06
CA ASP B 235 -32.60 -11.72 -17.13
C ASP B 235 -32.57 -13.16 -17.62
N GLU B 236 -32.14 -13.40 -18.85
CA GLU B 236 -32.04 -14.74 -19.36
C GLU B 236 -30.62 -15.25 -19.36
N LYS B 237 -29.73 -14.58 -18.65
CA LYS B 237 -28.32 -14.92 -18.64
C LYS B 237 -27.97 -15.64 -17.33
N VAL B 238 -26.98 -16.53 -17.42
CA VAL B 238 -26.45 -17.29 -16.30
C VAL B 238 -25.04 -16.75 -16.02
N GLY B 239 -24.71 -16.57 -14.76
CA GLY B 239 -23.38 -16.22 -14.36
C GLY B 239 -22.60 -17.35 -13.72
N SER B 240 -21.31 -17.39 -14.04
CA SER B 240 -20.37 -18.30 -13.40
C SER B 240 -19.60 -17.55 -12.34
N GLY B 241 -19.37 -18.20 -11.20
CA GLY B 241 -18.66 -17.60 -10.08
C GLY B 241 -17.79 -18.61 -9.39
N LEU B 242 -17.01 -18.16 -8.41
CA LEU B 242 -16.21 -19.09 -7.59
C LEU B 242 -17.14 -19.85 -6.71
N ILE B 243 -16.98 -21.18 -6.70
CA ILE B 243 -17.82 -22.12 -5.94
C ILE B 243 -17.07 -22.67 -4.72
N VAL B 244 -17.73 -22.63 -3.56
CA VAL B 244 -17.11 -22.99 -2.27
C VAL B 244 -18.07 -23.92 -1.55
N ASN B 245 -17.61 -24.68 -0.60
CA ASN B 245 -18.55 -25.38 0.30
C ASN B 245 -19.42 -24.41 1.13
N LYS B 246 -20.60 -24.87 1.50
CA LYS B 246 -21.40 -24.26 2.56
C LYS B 246 -20.54 -24.13 3.82
N GLY B 247 -20.86 -23.17 4.68
CA GLY B 247 -20.12 -22.97 5.91
C GLY B 247 -18.92 -22.11 5.68
N ASN B 248 -18.91 -21.36 4.56
CA ASN B 248 -17.79 -20.45 4.23
C ASN B 248 -18.27 -19.08 3.81
N ASP B 249 -19.29 -18.60 4.51
CA ASP B 249 -20.00 -17.38 4.13
C ASP B 249 -19.14 -16.15 4.05
N GLU B 250 -18.30 -15.95 5.05
CA GLU B 250 -17.38 -14.83 5.03
C GLU B 250 -16.44 -14.94 3.85
N ALA B 251 -15.91 -16.12 3.57
CA ALA B 251 -14.92 -16.28 2.45
C ALA B 251 -15.60 -15.92 1.15
N VAL B 252 -16.83 -16.40 1.00
CA VAL B 252 -17.57 -16.15 -0.19
C VAL B 252 -17.75 -14.64 -0.36
N ALA B 253 -18.22 -13.94 0.66
CA ALA B 253 -18.44 -12.51 0.58
C ALA B 253 -17.13 -11.80 0.18
N LYS B 254 -16.01 -12.24 0.75
CA LYS B 254 -14.73 -11.63 0.36
C LYS B 254 -14.39 -11.88 -1.11
N PHE B 255 -14.66 -13.07 -1.63
CA PHE B 255 -14.45 -13.31 -3.07
C PHE B 255 -15.35 -12.41 -3.90
N SER B 256 -16.59 -12.21 -3.45
CA SER B 256 -17.55 -11.38 -4.16
C SER B 256 -17.15 -9.91 -4.18
N THR B 257 -16.70 -9.40 -3.03
CA THR B 257 -16.10 -8.11 -2.97
C THR B 257 -14.91 -8.02 -3.94
N ALA B 258 -14.02 -8.99 -3.93
CA ALA B 258 -12.83 -8.86 -4.79
C ALA B 258 -13.20 -8.79 -6.28
N ILE B 259 -14.15 -9.63 -6.67
CA ILE B 259 -14.67 -9.62 -8.06
C ILE B 259 -15.24 -8.24 -8.42
N ASN B 260 -16.02 -7.62 -7.55
CA ASN B 260 -16.57 -6.32 -7.87
C ASN B 260 -15.53 -5.23 -7.95
N GLU B 261 -14.47 -5.34 -7.15
CA GLU B 261 -13.35 -4.41 -7.24
C GLU B 261 -12.63 -4.58 -8.57
N LEU B 262 -12.54 -5.80 -9.07
CA LEU B 262 -11.91 -6.07 -10.39
C LEU B 262 -12.70 -5.53 -11.54
N LYS B 263 -14.04 -5.54 -11.42
CA LYS B 263 -14.89 -4.88 -12.37
C LYS B 263 -14.59 -3.38 -12.31
N ALA B 264 -14.63 -2.80 -11.10
CA ALA B 264 -14.47 -1.34 -10.95
C ALA B 264 -13.14 -0.85 -11.46
N ASP B 265 -12.08 -1.64 -11.26
CA ASP B 265 -10.74 -1.21 -11.65
C ASP B 265 -10.36 -1.53 -13.12
N GLY B 266 -11.30 -2.04 -13.89
CA GLY B 266 -11.07 -2.38 -15.30
C GLY B 266 -10.46 -3.79 -15.57
N THR B 267 -10.11 -4.53 -14.52
CA THR B 267 -9.39 -5.77 -14.73
C THR B 267 -10.24 -6.83 -15.47
N LEU B 268 -11.50 -6.98 -15.08
CA LEU B 268 -12.36 -7.91 -15.75
C LEU B 268 -12.67 -7.56 -17.21
N LYS B 269 -12.71 -6.30 -17.54
CA LYS B 269 -12.91 -5.84 -18.93
C LYS B 269 -11.69 -6.22 -19.76
N LYS B 270 -10.54 -5.95 -19.22
CA LYS B 270 -9.29 -6.35 -19.82
C LYS B 270 -9.20 -7.86 -20.11
N LEU B 271 -9.54 -8.69 -19.13
CA LEU B 271 -9.48 -10.13 -19.32
C LEU B 271 -10.54 -10.60 -20.31
N GLY B 272 -11.69 -9.95 -20.31
CA GLY B 272 -12.74 -10.30 -21.28
C GLY B 272 -12.29 -10.02 -22.70
N GLU B 273 -11.70 -8.83 -22.89
CA GLU B 273 -11.25 -8.42 -24.21
C GLU B 273 -10.21 -9.42 -24.73
N GLN B 274 -9.27 -9.79 -23.85
CA GLN B 274 -8.20 -10.71 -24.18
C GLN B 274 -8.73 -12.09 -24.65
N PHE B 275 -9.68 -12.66 -23.93
CA PHE B 275 -10.20 -13.97 -24.30
C PHE B 275 -11.41 -13.98 -25.23
N PHE B 276 -12.20 -12.94 -25.23
CA PHE B 276 -13.44 -12.95 -26.02
C PHE B 276 -13.66 -11.72 -26.90
N GLY B 277 -12.72 -10.77 -26.89
CA GLY B 277 -12.89 -9.51 -27.60
C GLY B 277 -13.97 -8.60 -27.00
N LYS B 278 -14.42 -8.88 -25.78
CA LYS B 278 -15.39 -7.99 -25.12
C LYS B 278 -15.59 -8.29 -23.59
N ASP B 279 -15.97 -7.27 -22.85
CA ASP B 279 -16.24 -7.40 -21.42
C ASP B 279 -17.39 -8.40 -21.27
N ILE B 280 -17.20 -9.46 -20.50
CA ILE B 280 -18.28 -10.39 -20.36
C ILE B 280 -18.75 -10.50 -18.91
N SER B 281 -18.27 -9.59 -18.07
CA SER B 281 -18.51 -9.66 -16.65
C SER B 281 -19.75 -8.89 -16.27
N VAL B 282 -20.37 -8.23 -17.23
CA VAL B 282 -21.52 -7.37 -17.01
C VAL B 282 -22.76 -8.09 -17.49
N GLN B 283 -23.73 -8.25 -16.61
CA GLN B 283 -24.96 -8.97 -16.96
C GLN B 283 -25.69 -8.27 -18.11
N GLY C 47 28.37 -51.75 2.04
CA GLY C 47 28.89 -51.22 0.73
C GLY C 47 29.29 -49.75 0.82
N SER C 48 29.09 -49.00 -0.26
CA SER C 48 29.26 -47.54 -0.19
C SER C 48 28.05 -46.92 0.52
N LEU C 49 28.18 -45.69 0.96
CA LEU C 49 27.08 -44.99 1.56
C LEU C 49 25.86 -44.90 0.62
N ILE C 50 26.04 -44.47 -0.63
CA ILE C 50 24.91 -44.37 -1.55
C ILE C 50 24.26 -45.75 -1.83
N GLU C 51 25.06 -46.80 -1.96
CA GLU C 51 24.51 -48.15 -2.14
C GLU C 51 23.65 -48.60 -0.93
N ARG C 52 24.10 -48.26 0.28
CA ARG C 52 23.41 -48.66 1.48
C ARG C 52 22.10 -47.92 1.59
N ILE C 53 22.08 -46.69 1.12
CA ILE C 53 20.82 -45.93 1.08
C ILE C 53 19.87 -46.53 0.08
N ASN C 54 20.31 -46.68 -1.16
CA ASN C 54 19.44 -47.19 -2.22
C ASN C 54 18.95 -48.62 -1.99
N ASN C 55 19.75 -49.43 -1.29
CA ASN C 55 19.43 -50.83 -1.02
C ASN C 55 18.88 -51.05 0.39
N LYS C 56 18.43 -49.97 1.04
CA LYS C 56 17.83 -50.06 2.36
C LYS C 56 18.72 -50.83 3.37
N GLY C 57 20.03 -50.55 3.36
CA GLY C 57 20.90 -51.00 4.46
C GLY C 57 20.88 -50.07 5.69
N THR C 58 22.01 -50.04 6.41
CA THR C 58 22.16 -49.26 7.63
C THR C 58 23.17 -48.16 7.42
N VAL C 59 22.95 -47.08 8.19
CA VAL C 59 23.70 -45.82 8.15
C VAL C 59 24.09 -45.45 9.59
N THR C 60 25.39 -45.23 9.82
CA THR C 60 25.88 -44.88 11.14
C THR C 60 26.04 -43.34 11.27
N VAL C 61 25.56 -42.80 12.40
CA VAL C 61 25.47 -41.37 12.58
C VAL C 61 26.11 -40.99 13.89
N GLY C 62 27.05 -40.06 13.83
CA GLY C 62 27.79 -39.60 14.99
C GLY C 62 26.97 -38.51 15.66
N THR C 63 26.85 -38.58 16.97
CA THR C 63 26.14 -37.55 17.75
C THR C 63 26.66 -37.53 19.22
N GLU C 64 26.47 -36.42 19.94
CA GLU C 64 27.00 -36.38 21.30
C GLU C 64 26.14 -37.20 22.33
N GLY C 65 24.84 -37.04 22.29
CA GLY C 65 23.99 -37.65 23.31
C GLY C 65 24.12 -37.02 24.69
N THR C 66 24.71 -35.82 24.76
CA THR C 66 24.97 -35.13 26.02
C THR C 66 24.60 -33.64 25.90
N TYR C 67 23.69 -33.30 24.98
CA TYR C 67 23.37 -31.92 24.65
C TYR C 67 21.90 -31.77 24.40
N ALA C 68 21.18 -31.65 25.49
CA ALA C 68 19.77 -31.46 25.48
C ALA C 68 19.51 -30.06 24.96
N PRO C 69 18.39 -29.85 24.24
CA PRO C 69 17.34 -30.79 23.90
C PRO C 69 17.52 -31.25 22.43
N PHE C 70 18.78 -31.27 21.97
CA PHE C 70 19.12 -31.59 20.59
C PHE C 70 19.46 -33.00 20.44
N THR C 71 20.32 -33.47 21.35
CA THR C 71 20.79 -34.87 21.36
C THR C 71 21.07 -35.30 22.83
N TYR C 72 20.18 -36.08 23.41
CA TYR C 72 20.32 -36.35 24.84
C TYR C 72 19.58 -37.63 25.27
N HIS C 73 19.79 -38.01 26.53
CA HIS C 73 19.14 -39.16 27.07
C HIS C 73 17.95 -38.71 27.93
N ASP C 74 16.75 -39.23 27.65
CA ASP C 74 15.57 -38.86 28.43
C ASP C 74 15.64 -39.55 29.79
N LYS C 75 14.55 -39.48 30.55
CA LYS C 75 14.57 -39.93 31.93
C LYS C 75 14.60 -41.45 31.99
N ASP C 76 14.07 -42.10 30.95
CA ASP C 76 14.13 -43.55 30.83
C ASP C 76 15.49 -43.98 30.27
N GLY C 77 16.26 -43.00 29.83
CA GLY C 77 17.55 -43.20 29.21
C GLY C 77 17.50 -43.39 27.71
N LYS C 78 16.34 -43.19 27.07
CA LYS C 78 16.26 -43.30 25.59
C LYS C 78 17.04 -42.15 24.92
N LEU C 79 17.94 -42.45 23.97
CA LEU C 79 18.56 -41.41 23.09
C LEU C 79 17.48 -40.75 22.29
N THR C 80 17.32 -39.45 22.56
CA THR C 80 16.36 -38.60 21.89
C THR C 80 16.91 -37.19 21.67
N GLY C 81 16.00 -36.20 21.47
CA GLY C 81 16.36 -34.79 21.17
C GLY C 81 16.02 -34.46 19.70
N TYR C 82 15.91 -33.16 19.39
CA TYR C 82 15.57 -32.72 18.03
C TYR C 82 16.39 -33.31 16.84
N ASP C 83 17.72 -33.38 16.96
CA ASP C 83 18.60 -33.77 15.81
C ASP C 83 18.44 -35.29 15.64
N VAL C 84 18.33 -35.98 16.76
CA VAL C 84 18.14 -37.43 16.78
C VAL C 84 16.82 -37.85 16.19
N GLU C 85 15.72 -37.15 16.48
CA GLU C 85 14.43 -37.60 15.94
C GLU C 85 14.27 -37.10 14.53
N VAL C 86 14.94 -36.03 14.15
CA VAL C 86 14.92 -35.66 12.76
C VAL C 86 15.65 -36.71 11.99
N THR C 87 16.81 -37.12 12.48
CA THR C 87 17.58 -38.14 11.82
C THR C 87 16.84 -39.45 11.69
N ARG C 88 16.26 -39.92 12.79
CA ARG C 88 15.39 -41.10 12.69
C ARG C 88 14.34 -40.92 11.59
N ALA C 89 13.79 -39.72 11.43
CA ALA C 89 12.68 -39.52 10.48
C ALA C 89 13.19 -39.57 9.04
N VAL C 90 14.41 -39.05 8.82
CA VAL C 90 15.13 -39.21 7.54
C VAL C 90 15.39 -40.68 7.22
N ALA C 91 15.66 -41.44 8.25
CA ALA C 91 16.02 -42.81 8.03
C ALA C 91 14.78 -43.47 7.46
N GLU C 92 13.64 -43.14 8.05
CA GLU C 92 12.38 -43.78 7.71
C GLU C 92 11.85 -43.36 6.34
N LYS C 93 12.01 -42.10 5.97
CA LYS C 93 11.72 -41.67 4.61
C LYS C 93 12.60 -42.42 3.58
N LEU C 94 13.90 -42.58 3.86
CA LEU C 94 14.78 -43.23 2.91
C LEU C 94 14.71 -44.76 2.93
N GLY C 95 14.12 -45.30 3.99
CA GLY C 95 13.97 -46.74 4.13
C GLY C 95 15.20 -47.43 4.70
N VAL C 96 16.05 -46.69 5.41
CA VAL C 96 17.27 -47.29 5.95
C VAL C 96 17.13 -47.49 7.44
N LYS C 97 18.01 -48.29 8.01
CA LYS C 97 18.12 -48.37 9.46
C LYS C 97 19.20 -47.39 9.87
N VAL C 98 19.00 -46.68 11.00
CA VAL C 98 20.03 -45.83 11.57
C VAL C 98 20.51 -46.41 12.90
N GLU C 99 21.84 -46.40 13.10
CA GLU C 99 22.52 -46.61 14.37
C GLU C 99 23.25 -45.32 14.81
N PHE C 100 23.08 -44.95 16.07
CA PHE C 100 23.75 -43.80 16.60
C PHE C 100 25.02 -44.20 17.30
N LYS C 101 26.11 -43.46 17.06
CA LYS C 101 27.32 -43.65 17.83
C LYS C 101 27.58 -42.35 18.63
N GLU C 102 27.56 -42.48 19.95
CA GLU C 102 27.64 -41.31 20.80
C GLU C 102 29.09 -40.94 21.08
N THR C 103 29.45 -39.69 20.81
CA THR C 103 30.83 -39.29 21.04
C THR C 103 30.92 -37.81 21.11
N GLN C 104 31.88 -37.34 21.89
CA GLN C 104 32.02 -35.91 22.15
C GLN C 104 32.57 -35.18 20.94
N TRP C 105 32.26 -33.88 20.92
CA TRP C 105 32.33 -33.04 19.75
C TRP C 105 33.61 -33.22 18.98
N ASP C 106 34.72 -33.14 19.66
CA ASP C 106 36.04 -33.07 19.03
C ASP C 106 36.37 -34.38 18.36
N SER C 107 36.14 -35.45 19.12
CA SER C 107 36.28 -36.74 18.58
C SER C 107 35.26 -37.02 17.50
N MET C 108 34.18 -36.25 17.46
CA MET C 108 33.12 -36.50 16.48
C MET C 108 33.44 -36.06 15.05
N MET C 109 34.01 -34.87 14.87
CA MET C 109 34.42 -34.47 13.51
C MET C 109 35.56 -35.34 13.02
N ALA C 110 36.53 -35.61 13.87
CA ALA C 110 37.72 -36.39 13.42
C ALA C 110 37.25 -37.83 13.02
N GLY C 111 36.25 -38.35 13.75
CA GLY C 111 35.73 -39.67 13.54
C GLY C 111 34.89 -39.76 12.29
N LEU C 112 34.15 -38.71 11.96
CA LEU C 112 33.50 -38.67 10.66
C LEU C 112 34.59 -38.63 9.54
N LYS C 113 35.65 -37.83 9.72
CA LYS C 113 36.69 -37.72 8.68
C LYS C 113 37.49 -39.00 8.55
N ALA C 114 37.62 -39.74 9.63
CA ALA C 114 38.33 -41.02 9.63
C ALA C 114 37.45 -42.18 9.22
N GLY C 115 36.19 -41.92 8.94
CA GLY C 115 35.28 -42.96 8.48
C GLY C 115 34.73 -43.87 9.54
N ARG C 116 34.69 -43.42 10.78
CA ARG C 116 34.02 -44.14 11.89
C ARG C 116 32.50 -44.12 11.78
N PHE C 117 31.93 -43.12 11.15
CA PHE C 117 30.49 -43.15 10.87
C PHE C 117 30.24 -42.53 9.55
N ASP C 118 29.03 -42.70 9.02
CA ASP C 118 28.68 -42.13 7.70
C ASP C 118 28.35 -40.62 7.72
N VAL C 119 27.80 -40.14 8.84
CA VAL C 119 27.14 -38.83 8.91
C VAL C 119 27.20 -38.31 10.34
N VAL C 120 27.15 -36.98 10.52
CA VAL C 120 27.11 -36.43 11.87
C VAL C 120 25.88 -35.60 12.05
N ALA C 121 25.24 -35.69 13.22
CA ALA C 121 24.00 -34.91 13.43
C ALA C 121 24.07 -34.22 14.78
N ASN C 122 24.49 -32.95 14.77
CA ASN C 122 24.87 -32.32 16.03
C ASN C 122 24.87 -30.80 16.03
N GLN C 123 23.78 -30.25 15.55
CA GLN C 123 23.65 -28.83 15.45
C GLN C 123 24.89 -28.19 14.78
N VAL C 124 25.24 -28.67 13.60
CA VAL C 124 26.49 -28.29 12.94
C VAL C 124 26.10 -27.48 11.72
N GLY C 125 26.63 -26.25 11.64
CA GLY C 125 26.27 -25.35 10.59
C GLY C 125 27.38 -25.13 9.58
N LEU C 126 28.63 -25.38 9.99
CA LEU C 126 29.70 -25.57 9.05
C LEU C 126 30.03 -24.23 8.36
N THR C 127 30.08 -23.16 9.18
CA THR C 127 30.26 -21.81 8.66
C THR C 127 31.72 -21.53 8.27
N SER C 128 32.70 -22.12 8.95
CA SER C 128 34.09 -22.02 8.53
C SER C 128 34.28 -22.43 7.06
N PRO C 129 34.87 -21.56 6.25
CA PRO C 129 35.29 -21.92 4.89
C PRO C 129 36.26 -23.10 4.90
N GLU C 130 37.21 -23.11 5.84
CA GLU C 130 38.11 -24.24 6.00
C GLU C 130 37.36 -25.57 6.13
N ARG C 131 36.33 -25.65 6.99
CA ARG C 131 35.56 -26.90 7.23
C ARG C 131 34.66 -27.28 6.06
N GLN C 132 34.08 -26.27 5.42
CA GLN C 132 33.39 -26.51 4.14
C GLN C 132 34.27 -27.13 3.04
N ALA C 133 35.61 -27.17 3.20
CA ALA C 133 36.52 -27.87 2.25
C ALA C 133 36.77 -29.36 2.55
N THR C 134 36.52 -29.77 3.78
CA THR C 134 36.61 -31.15 4.16
C THR C 134 35.23 -31.83 4.26
N PHE C 135 34.16 -31.05 4.48
CA PHE C 135 32.82 -31.64 4.66
C PHE C 135 31.75 -30.92 3.82
N ASP C 136 30.70 -31.69 3.52
CA ASP C 136 29.45 -31.19 2.96
C ASP C 136 28.32 -31.28 4.00
N LYS C 137 27.25 -30.53 3.76
CA LYS C 137 26.13 -30.38 4.66
C LYS C 137 24.81 -30.37 3.85
N SER C 138 23.82 -31.15 4.28
CA SER C 138 22.54 -31.19 3.61
C SER C 138 21.81 -29.90 3.77
N GLU C 139 20.68 -29.81 3.07
CA GLU C 139 19.64 -28.87 3.45
C GLU C 139 19.46 -28.85 4.95
N PRO C 140 19.51 -27.68 5.57
CA PRO C 140 19.35 -27.67 7.04
C PRO C 140 18.01 -28.17 7.53
N TYR C 141 18.01 -28.85 8.67
CA TYR C 141 16.77 -29.20 9.34
C TYR C 141 16.40 -28.22 10.49
N SER C 142 17.28 -27.29 10.82
CA SER C 142 17.00 -26.25 11.78
C SER C 142 17.79 -24.99 11.47
N TRP C 143 17.29 -23.87 11.96
CA TRP C 143 17.85 -22.54 11.71
C TRP C 143 17.78 -21.78 13.01
N SER C 144 18.91 -21.21 13.43
CA SER C 144 18.97 -20.24 14.54
C SER C 144 19.73 -18.96 14.18
N GLY C 145 19.56 -17.95 15.03
CA GLY C 145 20.26 -16.68 14.92
C GLY C 145 20.10 -15.86 16.20
N ALA C 146 20.48 -14.59 16.15
CA ALA C 146 20.35 -13.73 17.34
C ALA C 146 18.93 -13.31 17.57
N VAL C 147 18.58 -13.22 18.86
CA VAL C 147 17.31 -12.63 19.29
C VAL C 147 17.53 -11.60 20.41
N LEU C 148 16.63 -10.64 20.48
CA LEU C 148 16.60 -9.65 21.55
C LEU C 148 15.44 -10.01 22.50
N VAL C 149 15.76 -10.21 23.77
CA VAL C 149 14.76 -10.47 24.79
C VAL C 149 14.61 -9.20 25.63
N ALA C 150 13.37 -8.81 25.90
CA ALA C 150 13.08 -7.66 26.81
C ALA C 150 11.84 -7.87 27.67
N HIS C 151 11.59 -6.93 28.57
CA HIS C 151 10.49 -7.04 29.51
C HIS C 151 9.19 -7.05 28.73
N ASN C 152 8.19 -7.77 29.26
CA ASN C 152 6.85 -7.86 28.67
C ASN C 152 6.26 -6.51 28.21
N ASP C 153 6.67 -5.41 28.86
CA ASP C 153 6.05 -4.09 28.68
C ASP C 153 6.95 -3.11 27.89
N SER C 154 8.09 -3.61 27.41
CA SER C 154 9.07 -2.84 26.61
C SER C 154 8.63 -2.48 25.19
N ASN C 155 9.17 -1.39 24.67
CA ASN C 155 8.95 -0.97 23.25
C ASN C 155 10.07 -1.32 22.26
N ILE C 156 11.17 -1.84 22.76
CA ILE C 156 12.29 -2.27 21.93
C ILE C 156 11.89 -3.33 20.91
N LYS C 157 12.24 -3.11 19.65
CA LYS C 157 11.88 -4.01 18.55
C LYS C 157 12.91 -3.94 17.43
N SER C 158 14.18 -3.83 17.79
CA SER C 158 15.33 -3.78 16.86
C SER C 158 16.63 -3.62 17.61
N ILE C 159 17.73 -3.81 16.90
CA ILE C 159 19.04 -3.55 17.47
C ILE C 159 19.36 -2.05 17.52
N ALA C 160 18.89 -1.29 16.55
CA ALA C 160 18.97 0.16 16.65
C ALA C 160 18.45 0.64 18.01
N ASP C 161 17.39 0.00 18.53
CA ASP C 161 16.75 0.47 19.78
C ASP C 161 17.53 0.19 21.08
N ILE C 162 18.58 -0.62 21.04
CA ILE C 162 19.39 -0.82 22.24
C ILE C 162 20.60 0.07 22.39
N LYS C 163 20.77 1.10 21.53
CA LYS C 163 21.77 2.17 21.76
C LYS C 163 21.47 2.92 23.05
N GLY C 164 22.49 3.10 23.88
CA GLY C 164 22.33 3.75 25.17
C GLY C 164 21.70 2.91 26.27
N VAL C 165 21.17 1.73 25.91
CA VAL C 165 20.29 0.97 26.81
C VAL C 165 21.04 -0.11 27.63
N LYS C 166 20.56 -0.38 28.84
CA LYS C 166 21.19 -1.37 29.73
C LYS C 166 20.93 -2.76 29.17
N THR C 167 21.99 -3.42 28.73
CA THR C 167 21.88 -4.72 28.05
C THR C 167 22.67 -5.73 28.87
N ALA C 168 21.97 -6.77 29.33
CA ALA C 168 22.57 -7.74 30.24
C ALA C 168 23.30 -8.82 29.47
N GLN C 169 24.62 -8.95 29.69
CA GLN C 169 25.45 -9.99 28.99
C GLN C 169 26.70 -10.41 29.76
N SER C 170 27.19 -11.59 29.45
CA SER C 170 28.53 -11.92 29.82
C SER C 170 29.49 -11.12 28.95
N LEU C 171 30.44 -10.52 29.64
CA LEU C 171 31.22 -9.45 29.07
C LEU C 171 32.07 -10.06 27.98
N THR C 172 32.56 -11.27 28.22
CA THR C 172 33.48 -11.93 27.32
C THR C 172 32.86 -12.87 26.25
N SER C 173 31.54 -12.89 26.15
CA SER C 173 30.80 -13.74 25.24
C SER C 173 30.50 -13.09 23.88
N ASN C 174 30.18 -13.92 22.88
CA ASN C 174 29.89 -13.39 21.54
C ASN C 174 28.73 -12.35 21.57
N TYR C 175 27.77 -12.57 22.44
CA TYR C 175 26.59 -11.69 22.53
C TYR C 175 26.88 -10.40 23.29
N GLY C 176 27.79 -10.51 24.25
CA GLY C 176 28.39 -9.33 24.85
C GLY C 176 29.05 -8.43 23.81
N GLU C 177 29.75 -9.03 22.85
CA GLU C 177 30.51 -8.24 21.88
C GLU C 177 29.57 -7.56 20.88
N LYS C 178 28.54 -8.29 20.45
CA LYS C 178 27.51 -7.69 19.59
C LYS C 178 26.76 -6.57 20.31
N ALA C 179 26.41 -6.75 21.58
CA ALA C 179 25.70 -5.69 22.35
C ALA C 179 26.59 -4.42 22.39
N LYS C 180 27.84 -4.63 22.78
CA LYS C 180 28.81 -3.58 22.85
C LYS C 180 28.92 -2.88 21.50
N ALA C 181 29.07 -3.62 20.41
CA ALA C 181 29.14 -2.99 19.08
C ALA C 181 27.83 -2.29 18.66
N ALA C 182 26.69 -2.66 19.22
CA ALA C 182 25.44 -1.87 19.02
C ALA C 182 25.38 -0.59 19.90
N GLY C 183 26.45 -0.31 20.63
CA GLY C 183 26.47 0.81 21.51
C GLY C 183 25.50 0.67 22.67
N ALA C 184 25.25 -0.53 23.13
CA ALA C 184 24.53 -0.77 24.37
C ALA C 184 25.48 -0.53 25.53
N GLN C 185 24.90 -0.45 26.72
CA GLN C 185 25.66 -0.28 27.98
C GLN C 185 25.58 -1.65 28.63
N LEU C 186 26.70 -2.34 28.69
CA LEU C 186 26.70 -3.69 29.22
C LEU C 186 26.55 -3.75 30.76
N VAL C 187 25.54 -4.52 31.19
CA VAL C 187 25.35 -4.92 32.58
C VAL C 187 25.77 -6.40 32.75
N PRO C 188 26.91 -6.65 33.40
CA PRO C 188 27.52 -7.97 33.40
C PRO C 188 26.70 -9.00 34.11
N VAL C 189 26.59 -10.18 33.51
CA VAL C 189 26.00 -11.37 34.13
C VAL C 189 26.83 -12.59 33.71
N ASP C 190 26.59 -13.74 34.33
CA ASP C 190 27.24 -14.97 33.97
C ASP C 190 26.55 -15.79 32.91
N GLY C 191 25.26 -15.60 32.67
CA GLY C 191 24.59 -16.42 31.64
C GLY C 191 23.10 -16.12 31.45
N LEU C 192 22.42 -16.97 30.71
CA LEU C 192 21.03 -16.73 30.29
C LEU C 192 20.06 -16.42 31.43
N ALA C 193 20.01 -17.31 32.43
CA ALA C 193 19.17 -17.13 33.65
C ALA C 193 19.36 -15.76 34.33
N GLN C 194 20.60 -15.42 34.58
CA GLN C 194 20.89 -14.22 35.30
C GLN C 194 20.43 -13.01 34.50
N SER C 195 20.67 -13.05 33.18
CA SER C 195 20.24 -11.96 32.28
C SER C 195 18.75 -11.84 32.35
N LEU C 196 18.03 -12.93 32.39
CA LEU C 196 16.57 -12.84 32.41
C LEU C 196 16.07 -12.30 33.74
N THR C 197 16.78 -12.64 34.81
CA THR C 197 16.35 -12.22 36.14
C THR C 197 16.53 -10.75 36.24
N LEU C 198 17.65 -10.29 35.71
CA LEU C 198 17.96 -8.85 35.66
C LEU C 198 16.86 -8.06 34.96
N ILE C 199 16.45 -8.54 33.78
CA ILE C 199 15.36 -7.89 33.04
C ILE C 199 14.02 -7.86 33.81
N GLU C 200 13.62 -9.02 34.36
CA GLU C 200 12.42 -9.12 35.23
C GLU C 200 12.43 -8.06 36.36
N GLN C 201 13.60 -7.83 36.97
CA GLN C 201 13.75 -6.87 38.06
C GLN C 201 13.85 -5.41 37.59
N LYS C 202 13.75 -5.15 36.29
CA LYS C 202 13.91 -3.79 35.78
C LYS C 202 15.32 -3.20 35.99
N ARG C 203 16.33 -4.07 36.12
CA ARG C 203 17.73 -3.60 36.29
C ARG C 203 18.57 -3.69 35.00
N ALA C 204 18.04 -4.32 33.95
CA ALA C 204 18.52 -4.12 32.57
C ALA C 204 17.28 -4.14 31.69
N ASP C 205 17.39 -3.61 30.49
CA ASP C 205 16.23 -3.48 29.63
C ASP C 205 16.19 -4.59 28.54
N ALA C 206 17.30 -5.27 28.32
CA ALA C 206 17.29 -6.27 27.27
C ALA C 206 18.46 -7.24 27.37
N THR C 207 18.37 -8.31 26.59
CA THR C 207 19.49 -9.19 26.40
C THR C 207 19.50 -9.87 24.98
N LEU C 208 20.70 -9.99 24.41
CA LEU C 208 20.86 -10.71 23.15
C LEU C 208 21.35 -12.14 23.42
N ASN C 209 20.75 -13.12 22.75
CA ASN C 209 21.22 -14.52 22.88
C ASN C 209 20.77 -15.33 21.70
N ASP C 210 21.07 -16.62 21.68
CA ASP C 210 20.69 -17.46 20.58
C ASP C 210 19.20 -17.79 20.62
N GLU C 211 18.51 -17.84 19.48
CA GLU C 211 17.10 -18.19 19.41
C GLU C 211 16.79 -19.55 20.08
N LEU C 212 17.47 -20.63 19.69
CA LEU C 212 17.04 -21.89 20.19
C LEU C 212 17.21 -21.94 21.73
N ALA C 213 18.35 -21.46 22.21
CA ALA C 213 18.69 -21.51 23.61
C ALA C 213 17.59 -20.78 24.40
N VAL C 214 17.19 -19.60 23.95
CA VAL C 214 16.06 -18.83 24.52
C VAL C 214 14.67 -19.48 24.47
N LEU C 215 14.37 -20.16 23.38
CA LEU C 215 13.11 -20.89 23.22
C LEU C 215 13.04 -22.10 24.17
N ASP C 216 14.18 -22.78 24.30
CA ASP C 216 14.28 -23.92 25.21
C ASP C 216 14.10 -23.47 26.67
N TYR C 217 14.83 -22.45 27.06
CA TYR C 217 14.70 -21.82 28.38
C TYR C 217 13.28 -21.34 28.71
N LEU C 218 12.67 -20.51 27.86
CA LEU C 218 11.29 -20.09 28.04
C LEU C 218 10.30 -21.25 28.10
N LYS C 219 10.59 -22.31 27.35
CA LYS C 219 9.72 -23.45 27.33
C LYS C 219 9.71 -24.13 28.67
N LYS C 220 10.88 -24.25 29.30
CA LYS C 220 10.98 -24.89 30.63
C LYS C 220 10.63 -23.96 31.82
N ASN C 221 10.73 -22.66 31.62
CA ASN C 221 10.52 -21.62 32.64
C ASN C 221 9.58 -20.55 32.14
N PRO C 222 8.34 -20.94 31.87
CA PRO C 222 7.40 -19.90 31.52
C PRO C 222 7.09 -19.03 32.75
N GLY C 225 8.07 -13.35 32.70
CA GLY C 225 7.73 -11.92 32.46
C GLY C 225 8.57 -11.24 31.34
N VAL C 226 9.20 -12.06 30.50
CA VAL C 226 9.98 -11.52 29.39
C VAL C 226 9.50 -12.14 28.09
N LYS C 227 9.82 -11.49 26.98
CA LYS C 227 9.54 -12.05 25.63
C LYS C 227 10.58 -11.62 24.61
N ILE C 228 10.57 -12.31 23.48
CA ILE C 228 11.47 -12.03 22.36
C ILE C 228 10.87 -10.89 21.59
N VAL C 229 11.60 -9.80 21.43
CA VAL C 229 11.03 -8.64 20.79
C VAL C 229 11.56 -8.38 19.41
N TRP C 230 12.61 -9.10 19.04
CA TRP C 230 13.27 -9.00 17.74
C TRP C 230 14.05 -10.29 17.46
N SER C 231 14.00 -10.75 16.21
CA SER C 231 14.70 -11.91 15.73
C SER C 231 15.50 -11.56 14.50
N ALA C 232 16.79 -11.94 14.49
CA ALA C 232 17.64 -11.75 13.33
C ALA C 232 16.93 -12.29 12.08
N PRO C 233 16.97 -11.54 10.95
CA PRO C 233 16.26 -11.94 9.72
C PRO C 233 16.90 -13.14 9.04
N ALA C 234 16.26 -13.69 8.03
CA ALA C 234 16.73 -14.89 7.30
C ALA C 234 18.23 -14.98 6.95
N ASP C 235 18.81 -13.96 6.33
CA ASP C 235 20.21 -14.08 5.90
C ASP C 235 21.20 -13.94 7.03
N GLU C 236 20.68 -13.85 8.26
CA GLU C 236 21.54 -13.76 9.43
C GLU C 236 21.52 -15.04 10.22
N LYS C 237 20.71 -15.99 9.79
CA LYS C 237 20.49 -17.23 10.50
C LYS C 237 21.47 -18.29 9.99
N VAL C 238 21.78 -19.27 10.82
CA VAL C 238 22.68 -20.34 10.48
C VAL C 238 21.88 -21.63 10.49
N GLY C 239 22.14 -22.51 9.54
CA GLY C 239 21.35 -23.69 9.33
C GLY C 239 22.16 -24.91 9.73
N SER C 240 21.60 -25.77 10.58
CA SER C 240 22.32 -26.98 10.97
C SER C 240 21.80 -28.04 10.05
N GLY C 241 22.69 -28.88 9.54
CA GLY C 241 22.32 -29.95 8.59
C GLY C 241 23.02 -31.23 8.92
N LEU C 242 22.83 -32.30 8.13
CA LEU C 242 23.54 -33.57 8.33
C LEU C 242 24.90 -33.41 7.64
N ILE C 243 25.98 -33.70 8.35
CA ILE C 243 27.32 -33.48 7.80
C ILE C 243 27.88 -34.82 7.28
N VAL C 244 28.39 -34.80 6.04
CA VAL C 244 29.13 -35.94 5.42
C VAL C 244 30.53 -35.60 4.88
N ASN C 245 31.32 -36.63 4.64
CA ASN C 245 32.61 -36.50 3.98
C ASN C 245 32.38 -36.05 2.54
N LYS C 246 33.37 -35.37 2.00
CA LYS C 246 33.45 -35.02 0.59
C LYS C 246 33.33 -36.22 -0.32
N GLY C 247 32.66 -36.06 -1.44
CA GLY C 247 32.52 -37.15 -2.40
C GLY C 247 31.37 -38.11 -2.13
N ASN C 248 30.35 -37.63 -1.44
CA ASN C 248 29.13 -38.40 -1.29
C ASN C 248 27.93 -37.57 -1.77
N ASP C 249 28.11 -36.81 -2.86
CA ASP C 249 27.14 -35.80 -3.33
C ASP C 249 25.73 -36.34 -3.52
N GLU C 250 25.60 -37.57 -3.98
CA GLU C 250 24.30 -38.17 -4.27
C GLU C 250 23.61 -38.52 -2.98
N ALA C 251 24.37 -39.09 -2.06
CA ALA C 251 23.94 -39.40 -0.71
C ALA C 251 23.38 -38.13 -0.01
N VAL C 252 24.09 -37.01 -0.20
CA VAL C 252 23.67 -35.73 0.35
C VAL C 252 22.34 -35.25 -0.30
N ALA C 253 22.30 -35.32 -1.61
CA ALA C 253 21.06 -35.06 -2.36
C ALA C 253 19.86 -35.85 -1.76
N LYS C 254 20.08 -37.10 -1.39
CA LYS C 254 18.95 -37.91 -0.91
C LYS C 254 18.54 -37.50 0.51
N PHE C 255 19.53 -37.22 1.36
CA PHE C 255 19.30 -36.63 2.67
C PHE C 255 18.52 -35.32 2.52
N SER C 256 18.98 -34.42 1.67
CA SER C 256 18.31 -33.16 1.42
C SER C 256 16.85 -33.33 1.01
N THR C 257 16.60 -34.20 0.04
CA THR C 257 15.26 -34.43 -0.43
C THR C 257 14.38 -34.94 0.70
N ALA C 258 14.97 -35.77 1.56
CA ALA C 258 14.20 -36.38 2.61
C ALA C 258 13.80 -35.27 3.60
N ILE C 259 14.68 -34.30 3.77
CA ILE C 259 14.48 -33.26 4.77
C ILE C 259 13.34 -32.35 4.33
N ASN C 260 13.31 -32.05 3.06
CA ASN C 260 12.28 -31.15 2.51
C ASN C 260 10.94 -31.81 2.52
N GLU C 261 10.95 -33.13 2.40
CA GLU C 261 9.73 -33.93 2.51
C GLU C 261 9.25 -33.92 3.97
N LEU C 262 10.13 -33.99 4.94
CA LEU C 262 9.73 -33.79 6.36
C LEU C 262 9.22 -32.34 6.64
N LYS C 263 9.73 -31.37 5.90
CA LYS C 263 9.20 -30.01 5.95
C LYS C 263 7.82 -29.98 5.31
N ALA C 264 7.71 -30.49 4.10
CA ALA C 264 6.46 -30.37 3.38
C ALA C 264 5.34 -31.00 4.17
N ASP C 265 5.59 -32.16 4.80
CA ASP C 265 4.50 -32.93 5.45
C ASP C 265 4.21 -32.55 6.94
N GLY C 266 4.92 -31.57 7.48
CA GLY C 266 4.70 -31.16 8.88
C GLY C 266 5.48 -31.93 9.96
N THR C 267 6.29 -32.90 9.56
CA THR C 267 7.11 -33.62 10.52
C THR C 267 8.09 -32.71 11.21
N LEU C 268 8.82 -31.86 10.48
CA LEU C 268 9.83 -31.04 11.14
C LEU C 268 9.15 -29.97 12.02
N LYS C 269 7.98 -29.51 11.61
CA LYS C 269 7.17 -28.64 12.46
C LYS C 269 6.72 -29.36 13.75
N LYS C 270 6.16 -30.54 13.64
CA LYS C 270 5.84 -31.35 14.84
C LYS C 270 7.02 -31.39 15.80
N LEU C 271 8.17 -31.92 15.33
CA LEU C 271 9.31 -32.11 16.23
C LEU C 271 9.77 -30.78 16.84
N GLY C 272 9.70 -29.72 16.05
CA GLY C 272 10.02 -28.39 16.56
C GLY C 272 9.06 -27.99 17.69
N GLU C 273 7.76 -28.12 17.48
CA GLU C 273 6.82 -27.82 18.59
C GLU C 273 7.19 -28.59 19.85
N GLN C 274 7.56 -29.86 19.66
CA GLN C 274 7.82 -30.80 20.73
C GLN C 274 9.01 -30.29 21.58
N PHE C 275 10.07 -29.81 20.91
CA PHE C 275 11.34 -29.53 21.62
C PHE C 275 11.53 -28.03 21.90
N PHE C 276 10.79 -27.18 21.18
CA PHE C 276 10.96 -25.74 21.30
C PHE C 276 9.62 -24.97 21.35
N GLY C 277 8.49 -25.64 21.38
CA GLY C 277 7.21 -24.95 21.20
C GLY C 277 7.13 -24.12 19.92
N LYS C 278 7.85 -24.48 18.87
CA LYS C 278 7.90 -23.65 17.65
C LYS C 278 8.54 -24.39 16.47
N ASP C 279 8.13 -24.05 15.26
CA ASP C 279 8.77 -24.59 14.06
C ASP C 279 10.12 -23.92 13.81
N ILE C 280 11.19 -24.66 13.97
CA ILE C 280 12.52 -24.04 13.76
C ILE C 280 13.14 -24.41 12.43
N SER C 281 12.40 -25.11 11.58
CA SER C 281 12.95 -25.63 10.33
C SER C 281 12.83 -24.62 9.18
N VAL C 282 12.23 -23.47 9.46
CA VAL C 282 11.95 -22.45 8.46
C VAL C 282 12.87 -21.23 8.62
N GLN C 283 13.65 -20.94 7.58
CA GLN C 283 14.65 -19.85 7.64
C GLN C 283 13.98 -18.52 7.95
N GLY D 47 52.51 -20.91 35.85
CA GLY D 47 51.55 -19.87 36.28
C GLY D 47 50.37 -19.80 35.33
N SER D 48 49.34 -19.12 35.77
CA SER D 48 48.15 -18.91 34.96
C SER D 48 48.41 -17.97 33.80
N LEU D 49 47.50 -18.00 32.83
CA LEU D 49 47.63 -17.18 31.66
C LEU D 49 47.62 -15.67 32.03
N ILE D 50 46.80 -15.24 32.96
CA ILE D 50 46.78 -13.81 33.32
C ILE D 50 48.00 -13.42 34.13
N GLU D 51 48.54 -14.34 34.91
CA GLU D 51 49.82 -14.05 35.57
C GLU D 51 50.94 -13.79 34.53
N ARG D 52 51.00 -14.63 33.50
CA ARG D 52 52.09 -14.51 32.53
C ARG D 52 51.91 -13.28 31.64
N ILE D 53 50.66 -13.00 31.26
CA ILE D 53 50.33 -11.73 30.59
C ILE D 53 50.72 -10.49 31.38
N ASN D 54 50.53 -10.48 32.70
CA ASN D 54 50.82 -9.30 33.51
C ASN D 54 52.29 -9.20 33.90
N ASN D 55 53.05 -10.27 33.73
CA ASN D 55 54.43 -10.30 34.26
C ASN D 55 55.48 -10.71 33.23
N LYS D 56 55.22 -10.36 31.96
CA LYS D 56 56.18 -10.54 30.85
C LYS D 56 56.65 -11.99 30.66
N GLY D 57 55.72 -12.93 30.80
CA GLY D 57 56.02 -14.35 30.59
C GLY D 57 55.79 -14.78 29.15
N THR D 58 55.66 -16.10 28.95
CA THR D 58 55.52 -16.71 27.63
C THR D 58 54.14 -17.28 27.49
N VAL D 59 53.48 -16.94 26.38
CA VAL D 59 52.18 -17.46 26.00
C VAL D 59 52.38 -18.41 24.81
N THR D 60 51.62 -19.50 24.80
CA THR D 60 51.74 -20.51 23.79
C THR D 60 50.45 -20.54 23.00
N VAL D 61 50.60 -20.63 21.68
CA VAL D 61 49.53 -20.43 20.78
C VAL D 61 49.45 -21.55 19.75
N GLY D 62 48.28 -22.20 19.65
CA GLY D 62 48.04 -23.23 18.68
C GLY D 62 47.61 -22.69 17.34
N THR D 63 48.12 -23.25 16.26
CA THR D 63 47.80 -22.79 14.90
C THR D 63 48.30 -23.85 13.90
N GLU D 64 47.68 -23.95 12.71
CA GLU D 64 47.99 -25.05 11.78
C GLU D 64 49.36 -24.96 11.08
N GLY D 65 49.65 -23.79 10.57
CA GLY D 65 50.85 -23.61 9.78
C GLY D 65 50.79 -24.21 8.38
N THR D 66 49.60 -24.62 7.97
CA THR D 66 49.39 -25.24 6.68
C THR D 66 48.17 -24.65 5.97
N TYR D 67 47.77 -23.45 6.36
CA TYR D 67 46.58 -22.85 5.78
C TYR D 67 46.91 -21.42 5.34
N ALA D 68 47.43 -21.29 4.14
CA ALA D 68 47.71 -19.98 3.56
C ALA D 68 46.41 -19.24 3.26
N PRO D 69 46.39 -17.92 3.42
CA PRO D 69 47.42 -17.00 3.89
C PRO D 69 47.25 -16.68 5.39
N PHE D 70 46.71 -17.63 6.15
CA PHE D 70 46.31 -17.33 7.55
C PHE D 70 47.40 -17.77 8.52
N THR D 71 48.00 -18.91 8.19
CA THR D 71 48.97 -19.55 9.05
C THR D 71 49.76 -20.56 8.20
N TYR D 72 50.92 -20.14 7.73
CA TYR D 72 51.67 -20.93 6.77
C TYR D 72 53.15 -20.58 6.85
N HIS D 73 53.95 -21.41 6.20
CA HIS D 73 55.38 -21.20 6.14
C HIS D 73 55.72 -20.59 4.80
N ASP D 74 56.46 -19.48 4.80
CA ASP D 74 56.78 -18.78 3.58
C ASP D 74 57.92 -19.51 2.86
N LYS D 75 58.33 -18.97 1.73
CA LYS D 75 59.40 -19.59 0.94
C LYS D 75 60.75 -19.79 1.70
N ASP D 76 60.99 -19.04 2.76
CA ASP D 76 62.17 -19.30 3.60
C ASP D 76 61.90 -20.17 4.85
N GLY D 77 60.71 -20.72 4.96
CA GLY D 77 60.41 -21.62 6.07
C GLY D 77 59.88 -20.96 7.33
N LYS D 78 59.64 -19.64 7.26
CA LYS D 78 59.24 -18.87 8.44
C LYS D 78 57.75 -18.96 8.58
N LEU D 79 57.29 -19.27 9.78
CA LEU D 79 55.87 -19.27 10.06
C LEU D 79 55.40 -17.82 9.96
N THR D 80 54.35 -17.59 9.20
CA THR D 80 53.79 -16.28 9.05
C THR D 80 52.35 -16.44 8.67
N GLY D 81 51.75 -15.42 8.07
CA GLY D 81 50.32 -15.41 7.77
C GLY D 81 49.59 -14.38 8.64
N TYR D 82 48.38 -14.00 8.23
CA TYR D 82 47.65 -12.99 8.91
C TYR D 82 47.44 -13.30 10.41
N ASP D 83 47.00 -14.51 10.74
CA ASP D 83 46.63 -14.81 12.12
C ASP D 83 47.89 -14.84 13.00
N VAL D 84 48.95 -15.39 12.42
CA VAL D 84 50.24 -15.50 13.12
C VAL D 84 50.83 -14.12 13.39
N GLU D 85 50.79 -13.23 12.42
CA GLU D 85 51.40 -11.91 12.56
C GLU D 85 50.56 -11.03 13.50
N VAL D 86 49.25 -11.16 13.44
CA VAL D 86 48.40 -10.50 14.42
C VAL D 86 48.81 -10.96 15.80
N THR D 87 49.05 -12.26 15.96
CA THR D 87 49.40 -12.79 17.26
C THR D 87 50.74 -12.33 17.79
N ARG D 88 51.71 -12.16 16.90
CA ARG D 88 52.99 -11.56 17.30
C ARG D 88 52.80 -10.10 17.73
N ALA D 89 51.98 -9.38 16.99
CA ALA D 89 51.76 -7.96 17.32
C ALA D 89 51.02 -7.87 18.70
N VAL D 90 50.04 -8.75 18.93
CA VAL D 90 49.34 -8.79 20.22
C VAL D 90 50.34 -9.13 21.33
N ALA D 91 51.15 -10.13 21.10
CA ALA D 91 52.23 -10.40 22.04
C ALA D 91 53.12 -9.17 22.33
N GLU D 92 53.48 -8.43 21.29
CA GLU D 92 54.34 -7.24 21.45
C GLU D 92 53.68 -6.11 22.28
N LYS D 93 52.38 -5.91 22.10
CA LYS D 93 51.61 -4.94 22.84
C LYS D 93 51.48 -5.29 24.33
N LEU D 94 51.31 -6.58 24.61
CA LEU D 94 51.23 -7.06 25.97
C LEU D 94 52.58 -7.24 26.63
N GLY D 95 53.66 -7.19 25.86
CA GLY D 95 54.98 -7.40 26.44
C GLY D 95 55.28 -8.87 26.81
N VAL D 96 54.62 -9.81 26.16
CA VAL D 96 54.91 -11.21 26.39
C VAL D 96 55.66 -11.84 25.25
N LYS D 97 56.26 -12.98 25.52
CA LYS D 97 56.90 -13.78 24.53
C LYS D 97 55.83 -14.76 24.07
N VAL D 98 55.85 -15.11 22.78
CA VAL D 98 54.88 -16.03 22.21
C VAL D 98 55.62 -17.18 21.53
N GLU D 99 55.12 -18.41 21.74
CA GLU D 99 55.65 -19.63 21.12
C GLU D 99 54.52 -20.33 20.37
N PHE D 100 54.73 -20.60 19.09
CA PHE D 100 53.66 -21.21 18.33
C PHE D 100 53.82 -22.71 18.36
N LYS D 101 52.69 -23.40 18.49
CA LYS D 101 52.66 -24.83 18.57
C LYS D 101 51.86 -25.27 17.40
N GLU D 102 52.53 -25.68 16.34
CA GLU D 102 51.84 -26.05 15.10
C GLU D 102 51.20 -27.45 15.27
N THR D 103 49.92 -27.54 14.90
CA THR D 103 49.06 -28.57 15.34
C THR D 103 48.03 -28.78 14.27
N GLN D 104 47.71 -30.04 14.01
CA GLN D 104 46.70 -30.40 13.03
C GLN D 104 45.31 -29.96 13.50
N TRP D 105 44.52 -29.44 12.57
CA TRP D 105 43.24 -28.88 12.98
C TRP D 105 42.47 -29.84 13.87
N ASP D 106 42.43 -31.09 13.47
CA ASP D 106 41.65 -32.10 14.14
C ASP D 106 41.97 -32.25 15.66
N SER D 107 43.20 -31.92 16.07
CA SER D 107 43.53 -32.02 17.48
C SER D 107 43.72 -30.65 18.12
N MET D 108 43.28 -29.59 17.47
CA MET D 108 43.53 -28.25 17.94
C MET D 108 42.68 -27.87 19.17
N MET D 109 41.37 -28.02 19.07
CA MET D 109 40.51 -27.55 20.15
C MET D 109 40.59 -28.47 21.36
N ALA D 110 40.79 -29.79 21.12
CA ALA D 110 41.02 -30.73 22.23
C ALA D 110 42.28 -30.33 22.89
N GLY D 111 43.27 -29.94 22.10
CA GLY D 111 44.54 -29.49 22.67
C GLY D 111 44.39 -28.29 23.61
N LEU D 112 43.60 -27.32 23.19
CA LEU D 112 43.37 -26.12 23.96
C LEU D 112 42.71 -26.53 25.29
N LYS D 113 41.62 -27.28 25.18
CA LYS D 113 40.90 -27.80 26.32
C LYS D 113 41.77 -28.62 27.28
N ALA D 114 42.73 -29.35 26.75
CA ALA D 114 43.64 -30.14 27.59
C ALA D 114 44.84 -29.32 28.09
N GLY D 115 44.94 -28.07 27.69
CA GLY D 115 46.03 -27.20 28.18
C GLY D 115 47.38 -27.44 27.56
N ARG D 116 47.42 -28.00 26.36
CA ARG D 116 48.67 -28.07 25.58
C ARG D 116 49.13 -26.72 25.06
N PHE D 117 48.22 -25.78 24.93
CA PHE D 117 48.59 -24.38 24.69
C PHE D 117 47.56 -23.42 25.29
N ASP D 118 47.93 -22.16 25.48
CA ASP D 118 47.03 -21.16 26.09
C ASP D 118 45.93 -20.67 25.16
N VAL D 119 46.22 -20.57 23.86
CA VAL D 119 45.34 -19.87 22.92
C VAL D 119 45.33 -20.54 21.54
N VAL D 120 44.25 -20.38 20.80
CA VAL D 120 44.21 -20.81 19.43
C VAL D 120 44.05 -19.57 18.51
N ALA D 121 44.88 -19.49 17.46
CA ALA D 121 44.77 -18.45 16.46
C ALA D 121 44.71 -19.15 15.11
N ASN D 122 43.49 -19.32 14.62
CA ASN D 122 43.28 -20.12 13.43
C ASN D 122 41.97 -19.91 12.76
N GLN D 123 41.65 -18.66 12.47
CA GLN D 123 40.41 -18.34 11.84
C GLN D 123 39.20 -19.03 12.54
N VAL D 124 39.14 -18.97 13.85
CA VAL D 124 38.05 -19.61 14.55
C VAL D 124 37.00 -18.58 14.83
N GLY D 125 35.81 -18.81 14.27
CA GLY D 125 34.63 -17.94 14.55
C GLY D 125 33.79 -18.30 15.81
N LEU D 126 33.82 -19.56 16.24
CA LEU D 126 33.08 -19.94 17.43
C LEU D 126 31.58 -19.54 17.27
N THR D 127 31.00 -19.87 16.11
CA THR D 127 29.64 -19.51 15.84
C THR D 127 28.60 -20.47 16.43
N SER D 128 28.99 -21.71 16.77
CA SER D 128 28.10 -22.65 17.47
C SER D 128 27.79 -22.20 18.93
N PRO D 129 26.55 -22.08 19.30
CA PRO D 129 26.22 -21.77 20.70
C PRO D 129 26.79 -22.79 21.71
N GLU D 130 26.77 -24.08 21.33
CA GLU D 130 27.36 -25.11 22.16
C GLU D 130 28.85 -24.86 22.41
N ARG D 131 29.59 -24.46 21.40
CA ARG D 131 31.04 -24.30 21.57
C ARG D 131 31.36 -23.00 22.31
N GLN D 132 30.48 -22.01 22.17
CA GLN D 132 30.55 -20.77 23.01
C GLN D 132 30.42 -21.06 24.50
N ALA D 133 29.89 -22.22 24.86
CA ALA D 133 29.82 -22.63 26.26
C ALA D 133 31.12 -23.28 26.75
N THR D 134 32.03 -23.64 25.84
CA THR D 134 33.29 -24.30 26.24
C THR D 134 34.50 -23.37 26.16
N PHE D 135 34.44 -22.40 25.28
CA PHE D 135 35.58 -21.53 24.99
C PHE D 135 35.13 -20.06 24.91
N ASP D 136 36.08 -19.16 25.11
CA ASP D 136 35.84 -17.74 24.94
C ASP D 136 36.67 -17.27 23.74
N LYS D 137 36.21 -16.18 23.15
CA LYS D 137 36.79 -15.60 21.94
C LYS D 137 37.00 -14.16 22.19
N SER D 138 38.21 -13.69 21.87
CA SER D 138 38.51 -12.27 21.93
C SER D 138 37.70 -11.47 20.91
N GLU D 139 37.68 -10.15 21.07
CA GLU D 139 37.35 -9.23 20.01
C GLU D 139 38.02 -9.70 18.70
N PRO D 140 37.26 -9.81 17.62
CA PRO D 140 37.85 -10.33 16.44
C PRO D 140 38.91 -9.48 15.81
N TYR D 141 39.93 -10.14 15.27
CA TYR D 141 41.00 -9.46 14.54
C TYR D 141 40.77 -9.49 13.04
N SER D 142 39.77 -10.25 12.59
CA SER D 142 39.34 -10.25 11.19
C SER D 142 37.86 -10.58 11.05
N TRP D 143 37.22 -10.03 10.03
CA TRP D 143 35.80 -10.23 9.79
C TRP D 143 35.62 -10.58 8.34
N SER D 144 34.74 -11.53 8.06
CA SER D 144 34.50 -11.99 6.71
C SER D 144 33.04 -12.39 6.52
N GLY D 145 32.59 -12.35 5.27
CA GLY D 145 31.20 -12.63 4.92
C GLY D 145 31.15 -13.07 3.45
N ALA D 146 29.92 -13.32 2.96
CA ALA D 146 29.71 -13.69 1.58
C ALA D 146 29.99 -12.48 0.63
N VAL D 147 30.56 -12.78 -0.53
CA VAL D 147 30.74 -11.79 -1.59
C VAL D 147 30.27 -12.38 -2.90
N LEU D 148 29.78 -11.53 -3.78
CA LEU D 148 29.42 -11.93 -5.11
C LEU D 148 30.54 -11.48 -6.05
N VAL D 149 31.06 -12.45 -6.81
CA VAL D 149 32.13 -12.22 -7.77
C VAL D 149 31.54 -12.42 -9.16
N ALA D 150 31.85 -11.49 -10.06
CA ALA D 150 31.45 -11.57 -11.45
C ALA D 150 32.51 -10.88 -12.33
N HIS D 151 32.31 -10.95 -13.65
CA HIS D 151 33.22 -10.32 -14.62
C HIS D 151 33.44 -8.83 -14.34
N ASN D 152 34.62 -8.34 -14.70
CA ASN D 152 34.98 -6.92 -14.51
C ASN D 152 33.95 -5.90 -15.03
N ASP D 153 33.19 -6.27 -16.07
CA ASP D 153 32.25 -5.36 -16.76
C ASP D 153 30.79 -5.81 -16.62
N SER D 154 30.52 -6.68 -15.65
CA SER D 154 29.15 -7.14 -15.37
C SER D 154 28.27 -5.98 -14.92
N ASN D 155 26.97 -6.10 -15.19
CA ASN D 155 25.98 -5.17 -14.64
C ASN D 155 25.52 -5.65 -13.26
N ILE D 156 25.81 -6.90 -12.92
CA ILE D 156 25.41 -7.48 -11.64
C ILE D 156 26.02 -6.71 -10.47
N LYS D 157 25.16 -6.29 -9.54
CA LYS D 157 25.61 -5.60 -8.32
C LYS D 157 24.74 -5.93 -7.11
N SER D 158 24.07 -7.06 -7.13
CA SER D 158 23.23 -7.46 -6.00
C SER D 158 22.78 -8.91 -6.04
N ILE D 159 22.36 -9.40 -4.88
CA ILE D 159 21.78 -10.73 -4.75
C ILE D 159 20.45 -10.79 -5.50
N ALA D 160 19.73 -9.66 -5.54
CA ALA D 160 18.51 -9.57 -6.34
C ALA D 160 18.83 -9.76 -7.83
N ASP D 161 20.00 -9.27 -8.26
CA ASP D 161 20.35 -9.25 -9.68
C ASP D 161 20.86 -10.59 -10.23
N ILE D 162 20.84 -11.64 -9.42
CA ILE D 162 21.22 -12.98 -9.91
C ILE D 162 20.01 -13.90 -10.11
N LYS D 163 18.81 -13.33 -10.08
CA LYS D 163 17.58 -14.06 -10.42
C LYS D 163 17.72 -14.67 -11.81
N GLY D 164 17.73 -16.01 -11.85
CA GLY D 164 17.87 -16.77 -13.10
C GLY D 164 19.16 -16.49 -13.85
N VAL D 165 20.29 -16.63 -13.16
CA VAL D 165 21.61 -16.36 -13.74
C VAL D 165 22.54 -17.54 -13.53
N LYS D 166 23.36 -17.83 -14.54
CA LYS D 166 24.35 -18.88 -14.44
C LYS D 166 25.30 -18.49 -13.31
N THR D 167 25.30 -19.30 -12.23
CA THR D 167 26.13 -19.04 -11.04
C THR D 167 26.80 -20.33 -10.56
N ALA D 168 28.13 -20.35 -10.53
CA ALA D 168 28.89 -21.56 -10.17
C ALA D 168 29.03 -21.74 -8.66
N GLN D 169 28.45 -22.83 -8.14
CA GLN D 169 28.55 -23.16 -6.71
C GLN D 169 28.85 -24.63 -6.49
N SER D 170 29.15 -24.96 -5.25
CA SER D 170 29.02 -26.35 -4.77
C SER D 170 27.66 -26.52 -4.13
N LEU D 171 26.87 -27.47 -4.64
CA LEU D 171 25.49 -27.67 -4.18
C LEU D 171 25.39 -27.84 -2.66
N THR D 172 26.42 -28.45 -2.07
CA THR D 172 26.38 -28.88 -0.68
C THR D 172 27.16 -27.94 0.26
N SER D 173 27.17 -26.66 -0.11
CA SER D 173 27.87 -25.60 0.64
C SER D 173 26.88 -24.54 1.14
N ASN D 174 27.32 -23.77 2.13
CA ASN D 174 26.53 -22.64 2.64
C ASN D 174 26.17 -21.65 1.55
N TYR D 175 27.09 -21.44 0.59
CA TYR D 175 26.86 -20.50 -0.52
C TYR D 175 25.97 -21.10 -1.60
N GLY D 176 25.99 -22.42 -1.76
CA GLY D 176 25.03 -23.10 -2.63
C GLY D 176 23.60 -22.96 -2.14
N GLU D 177 23.45 -23.00 -0.81
CA GLU D 177 22.17 -22.75 -0.12
C GLU D 177 21.68 -21.34 -0.42
N LYS D 178 22.58 -20.35 -0.28
CA LYS D 178 22.25 -18.92 -0.46
C LYS D 178 21.96 -18.55 -1.92
N ALA D 179 22.73 -19.12 -2.85
CA ALA D 179 22.53 -18.90 -4.30
C ALA D 179 21.16 -19.39 -4.76
N LYS D 180 20.83 -20.61 -4.32
CA LYS D 180 19.53 -21.24 -4.65
C LYS D 180 18.34 -20.43 -4.09
N ALA D 181 18.47 -20.01 -2.83
CA ALA D 181 17.45 -19.19 -2.15
C ALA D 181 17.23 -17.83 -2.80
N ALA D 182 18.21 -17.36 -3.57
CA ALA D 182 18.10 -16.11 -4.32
C ALA D 182 17.50 -16.35 -5.69
N GLY D 183 17.15 -17.60 -6.00
CA GLY D 183 16.50 -17.95 -7.26
C GLY D 183 17.45 -18.05 -8.44
N ALA D 184 18.69 -18.43 -8.15
CA ALA D 184 19.76 -18.46 -9.15
C ALA D 184 19.77 -19.77 -9.94
N GLN D 185 20.32 -19.70 -11.16
CA GLN D 185 20.47 -20.88 -12.01
C GLN D 185 21.82 -21.53 -11.70
N LEU D 186 21.78 -22.55 -10.85
CA LEU D 186 22.99 -23.14 -10.30
C LEU D 186 23.77 -24.02 -11.28
N VAL D 187 25.09 -23.85 -11.26
CA VAL D 187 26.02 -24.67 -12.01
C VAL D 187 26.96 -25.39 -11.00
N PRO D 188 27.05 -26.73 -11.08
CA PRO D 188 27.77 -27.50 -10.05
C PRO D 188 29.29 -27.50 -10.22
N VAL D 189 30.02 -27.29 -9.12
CA VAL D 189 31.48 -27.29 -9.13
C VAL D 189 31.99 -27.63 -7.73
N ASP D 190 33.20 -28.20 -7.64
CA ASP D 190 33.78 -28.68 -6.36
C ASP D 190 34.21 -27.61 -5.35
N GLY D 191 34.75 -26.48 -5.82
CA GLY D 191 35.25 -25.40 -4.95
C GLY D 191 35.34 -24.01 -5.59
N LEU D 192 36.11 -23.13 -4.93
CA LEU D 192 36.25 -21.72 -5.37
C LEU D 192 37.17 -21.58 -6.57
N ALA D 193 38.30 -22.30 -6.52
CA ALA D 193 39.28 -22.27 -7.62
C ALA D 193 38.55 -22.52 -8.93
N GLN D 194 37.84 -23.65 -8.97
CA GLN D 194 37.09 -24.04 -10.17
C GLN D 194 35.99 -23.01 -10.49
N SER D 195 35.26 -22.55 -9.47
CA SER D 195 34.19 -21.55 -9.70
C SER D 195 34.69 -20.32 -10.45
N LEU D 196 35.91 -19.89 -10.13
CA LEU D 196 36.52 -18.74 -10.78
C LEU D 196 36.98 -19.01 -12.21
N THR D 197 37.40 -20.24 -12.50
CA THR D 197 37.80 -20.61 -13.86
C THR D 197 36.57 -20.69 -14.77
N LEU D 198 35.52 -21.35 -14.27
CA LEU D 198 34.27 -21.48 -15.02
C LEU D 198 33.71 -20.12 -15.42
N ILE D 199 33.80 -19.13 -14.54
CA ILE D 199 33.43 -17.75 -14.90
C ILE D 199 34.38 -17.24 -15.97
N GLU D 200 35.67 -17.30 -15.65
CA GLU D 200 36.73 -16.78 -16.50
C GLU D 200 36.63 -17.36 -17.93
N GLN D 201 36.07 -18.56 -18.05
CA GLN D 201 35.82 -19.21 -19.34
C GLN D 201 34.36 -19.09 -19.79
N LYS D 202 33.69 -18.03 -19.34
CA LYS D 202 32.34 -17.68 -19.80
C LYS D 202 31.29 -18.81 -19.78
N ARG D 203 31.34 -19.68 -18.79
CA ARG D 203 30.32 -20.73 -18.58
C ARG D 203 29.37 -20.44 -17.39
N ALA D 204 29.82 -19.57 -16.50
CA ALA D 204 28.94 -18.99 -15.48
C ALA D 204 29.19 -17.49 -15.41
N ASP D 205 28.22 -16.77 -14.89
CA ASP D 205 28.29 -15.32 -14.81
C ASP D 205 28.69 -14.82 -13.41
N ALA D 206 28.49 -15.63 -12.37
CA ALA D 206 28.77 -15.19 -11.01
C ALA D 206 29.08 -16.36 -10.10
N THR D 207 29.58 -16.01 -8.90
CA THR D 207 29.70 -16.96 -7.80
C THR D 207 29.69 -16.25 -6.44
N LEU D 208 29.17 -16.95 -5.44
CA LEU D 208 29.19 -16.48 -4.04
C LEU D 208 30.26 -17.23 -3.32
N ASN D 209 31.08 -16.51 -2.59
CA ASN D 209 32.07 -17.17 -1.76
C ASN D 209 32.47 -16.21 -0.64
N ASP D 210 33.42 -16.68 0.16
CA ASP D 210 33.90 -15.97 1.33
C ASP D 210 34.82 -14.80 0.94
N GLU D 211 34.63 -13.67 1.61
CA GLU D 211 35.37 -12.44 1.28
C GLU D 211 36.87 -12.66 1.34
N LEU D 212 37.34 -13.29 2.40
CA LEU D 212 38.79 -13.42 2.54
C LEU D 212 39.38 -14.38 1.48
N ALA D 213 38.69 -15.49 1.19
CA ALA D 213 39.26 -16.45 0.25
C ALA D 213 39.39 -15.77 -1.12
N VAL D 214 38.34 -15.00 -1.43
CA VAL D 214 38.30 -14.29 -2.67
C VAL D 214 39.35 -13.20 -2.72
N LEU D 215 39.50 -12.41 -1.65
CA LEU D 215 40.49 -11.35 -1.64
C LEU D 215 41.88 -11.95 -1.83
N ASP D 216 42.16 -13.08 -1.19
CA ASP D 216 43.45 -13.76 -1.33
C ASP D 216 43.73 -14.17 -2.81
N TYR D 217 42.69 -14.62 -3.50
CA TYR D 217 42.79 -15.05 -4.88
C TYR D 217 43.06 -13.88 -5.80
N LEU D 218 42.36 -12.78 -5.56
CA LEU D 218 42.56 -11.55 -6.33
C LEU D 218 43.97 -11.02 -6.13
N LYS D 219 44.43 -10.92 -4.89
CA LYS D 219 45.83 -10.53 -4.64
C LYS D 219 46.83 -11.41 -5.41
N LYS D 220 46.63 -12.74 -5.42
CA LYS D 220 47.61 -13.69 -5.97
C LYS D 220 47.64 -13.65 -7.52
N ASN D 221 46.44 -13.67 -8.11
CA ASN D 221 46.26 -13.60 -9.56
C ASN D 221 45.40 -12.39 -9.90
N PRO D 222 46.01 -11.21 -10.04
CA PRO D 222 45.25 -9.96 -10.23
C PRO D 222 44.89 -9.59 -11.69
N ASN D 223 44.97 -10.54 -12.61
CA ASN D 223 44.47 -10.34 -13.98
C ASN D 223 43.40 -11.37 -14.35
N ALA D 224 42.78 -11.92 -13.32
CA ALA D 224 41.69 -12.88 -13.48
C ALA D 224 40.54 -12.38 -14.38
N GLY D 225 40.37 -11.06 -14.43
CA GLY D 225 39.30 -10.45 -15.24
C GLY D 225 37.96 -10.50 -14.53
N VAL D 226 38.02 -10.67 -13.22
CA VAL D 226 36.82 -10.75 -12.37
C VAL D 226 37.04 -9.95 -11.07
N LYS D 227 35.95 -9.65 -10.37
CA LYS D 227 36.02 -8.91 -9.12
C LYS D 227 34.77 -8.96 -8.26
N ILE D 228 34.92 -8.44 -7.05
CA ILE D 228 33.81 -8.38 -6.11
C ILE D 228 32.87 -7.25 -6.55
N VAL D 229 31.61 -7.62 -6.74
CA VAL D 229 30.57 -6.69 -7.16
C VAL D 229 29.50 -6.47 -6.11
N TRP D 230 29.45 -7.33 -5.08
CA TRP D 230 28.58 -7.11 -3.91
C TRP D 230 29.15 -7.80 -2.67
N SER D 231 29.04 -7.14 -1.53
CA SER D 231 29.46 -7.72 -0.26
C SER D 231 28.29 -7.68 0.71
N ALA D 232 28.03 -8.83 1.35
CA ALA D 232 27.07 -8.97 2.44
C ALA D 232 27.30 -7.94 3.54
N PRO D 233 26.22 -7.41 4.13
CA PRO D 233 26.40 -6.34 5.11
C PRO D 233 27.06 -6.77 6.40
N ALA D 234 27.39 -5.76 7.22
CA ALA D 234 28.02 -5.91 8.52
C ALA D 234 27.44 -7.01 9.39
N ASP D 235 26.11 -7.02 9.57
CA ASP D 235 25.47 -7.98 10.50
C ASP D 235 25.50 -9.43 10.00
N GLU D 236 25.92 -9.67 8.77
CA GLU D 236 26.01 -11.02 8.24
C GLU D 236 27.45 -11.55 8.25
N LYS D 237 28.34 -10.85 8.92
CA LYS D 237 29.74 -11.21 8.93
C LYS D 237 30.15 -11.92 10.24
N VAL D 238 31.10 -12.82 10.14
CA VAL D 238 31.62 -13.61 11.24
C VAL D 238 33.05 -13.09 11.54
N GLY D 239 33.36 -12.93 12.81
CA GLY D 239 34.67 -12.56 13.20
C GLY D 239 35.46 -13.69 13.83
N SER D 240 36.73 -13.76 13.48
CA SER D 240 37.67 -14.67 14.12
C SER D 240 38.49 -13.96 15.19
N GLY D 241 38.68 -14.59 16.32
CA GLY D 241 39.42 -13.97 17.40
C GLY D 241 40.30 -15.00 18.08
N LEU D 242 41.16 -14.56 19.01
CA LEU D 242 41.90 -15.50 19.85
C LEU D 242 40.95 -16.29 20.74
N ILE D 243 41.14 -17.62 20.79
CA ILE D 243 40.24 -18.50 21.53
C ILE D 243 40.99 -19.04 22.77
N VAL D 244 40.31 -18.99 23.94
CA VAL D 244 40.90 -19.45 25.20
C VAL D 244 39.94 -20.32 25.89
N ASN D 245 40.44 -21.11 26.81
CA ASN D 245 39.53 -21.79 27.78
C ASN D 245 38.74 -20.83 28.67
N LYS D 246 37.53 -21.28 29.02
CA LYS D 246 36.69 -20.62 30.03
C LYS D 246 37.56 -20.51 31.25
N GLY D 247 37.22 -19.59 32.14
CA GLY D 247 37.98 -19.40 33.39
C GLY D 247 39.21 -18.56 33.14
N ASN D 248 39.27 -17.86 31.99
CA ASN D 248 40.37 -16.93 31.69
C ASN D 248 39.91 -15.55 31.26
N ASP D 249 38.87 -15.03 31.93
CA ASP D 249 38.19 -13.78 31.57
C ASP D 249 39.04 -12.52 31.52
N GLU D 250 39.88 -12.34 32.54
CA GLU D 250 40.84 -11.26 32.53
C GLU D 250 41.78 -11.37 31.33
N ALA D 251 42.29 -12.55 31.04
CA ALA D 251 43.27 -12.74 29.91
C ALA D 251 42.59 -12.39 28.60
N VAL D 252 41.36 -12.87 28.48
CA VAL D 252 40.56 -12.59 27.31
C VAL D 252 40.40 -11.09 27.17
N ALA D 253 39.94 -10.41 28.21
CA ALA D 253 39.76 -8.94 28.14
C ALA D 253 41.09 -8.28 27.70
N LYS D 254 42.20 -8.73 28.24
CA LYS D 254 43.46 -8.10 27.85
C LYS D 254 43.78 -8.35 26.37
N PHE D 255 43.45 -9.54 25.84
CA PHE D 255 43.68 -9.77 24.41
C PHE D 255 42.81 -8.85 23.60
N SER D 256 41.56 -8.65 24.04
CA SER D 256 40.64 -7.77 23.36
C SER D 256 41.12 -6.32 23.33
N THR D 257 41.48 -5.79 24.49
CA THR D 257 42.09 -4.48 24.55
C THR D 257 43.28 -4.40 23.57
N ALA D 258 44.16 -5.40 23.57
CA ALA D 258 45.36 -5.34 22.68
C ALA D 258 44.93 -5.26 21.20
N ILE D 259 43.97 -6.08 20.83
CA ILE D 259 43.46 -6.07 19.48
C ILE D 259 42.93 -4.67 19.08
N ASN D 260 42.22 -4.00 19.98
CA ASN D 260 41.67 -2.70 19.64
C ASN D 260 42.74 -1.60 19.57
N GLU D 261 43.81 -1.77 20.32
CA GLU D 261 44.91 -0.86 20.26
C GLU D 261 45.60 -0.99 18.91
N LEU D 262 45.63 -2.22 18.39
CA LEU D 262 46.28 -2.52 17.08
C LEU D 262 45.46 -2.00 15.94
N LYS D 263 44.14 -2.01 16.10
CA LYS D 263 43.27 -1.29 15.17
C LYS D 263 43.62 0.22 15.21
N ALA D 264 43.61 0.81 16.42
CA ALA D 264 43.78 2.28 16.57
C ALA D 264 45.10 2.76 16.05
N ASP D 265 46.16 1.96 16.21
CA ASP D 265 47.49 2.39 15.82
C ASP D 265 47.87 2.01 14.36
N GLY D 266 46.92 1.45 13.61
CA GLY D 266 47.11 1.16 12.19
C GLY D 266 47.73 -0.20 11.87
N THR D 267 48.08 -0.98 12.88
CA THR D 267 48.78 -2.26 12.68
C THR D 267 47.88 -3.26 11.96
N LEU D 268 46.64 -3.38 12.37
CA LEU D 268 45.76 -4.34 11.69
C LEU D 268 45.50 -3.99 10.22
N LYS D 269 45.40 -2.69 9.92
CA LYS D 269 45.19 -2.22 8.56
C LYS D 269 46.37 -2.62 7.70
N LYS D 270 47.54 -2.37 8.25
CA LYS D 270 48.79 -2.75 7.66
C LYS D 270 48.88 -4.25 7.34
N LEU D 271 48.59 -5.10 8.31
CA LEU D 271 48.62 -6.56 8.11
C LEU D 271 47.56 -7.06 7.15
N GLY D 272 46.39 -6.44 7.17
CA GLY D 272 45.35 -6.74 6.18
C GLY D 272 45.76 -6.41 4.74
N GLU D 273 46.33 -5.24 4.56
CA GLU D 273 46.81 -4.81 3.23
C GLU D 273 47.87 -5.79 2.72
N GLN D 274 48.76 -6.19 3.63
CA GLN D 274 49.83 -7.11 3.29
C GLN D 274 49.27 -8.45 2.82
N PHE D 275 48.32 -9.05 3.56
CA PHE D 275 47.81 -10.40 3.18
C PHE D 275 46.60 -10.42 2.26
N PHE D 276 45.83 -9.35 2.25
CA PHE D 276 44.58 -9.34 1.45
C PHE D 276 44.38 -8.09 0.56
N GLY D 277 45.32 -7.16 0.61
CA GLY D 277 45.16 -5.91 -0.10
C GLY D 277 44.01 -5.06 0.43
N LYS D 278 43.57 -5.28 1.68
CA LYS D 278 42.64 -4.34 2.35
C LYS D 278 42.49 -4.62 3.85
N ASP D 279 42.16 -3.59 4.64
CA ASP D 279 41.86 -3.74 6.07
C ASP D 279 40.71 -4.74 6.21
N ILE D 280 40.89 -5.80 6.99
CA ILE D 280 39.80 -6.76 7.17
C ILE D 280 39.41 -6.92 8.64
N SER D 281 39.86 -5.98 9.46
CA SER D 281 39.61 -6.00 10.88
C SER D 281 38.40 -5.12 11.27
N VAL D 282 37.75 -4.52 10.28
CA VAL D 282 36.59 -3.69 10.53
C VAL D 282 35.33 -4.37 10.06
N GLN D 283 34.36 -4.53 10.95
CA GLN D 283 33.12 -5.27 10.61
C GLN D 283 32.35 -4.63 9.47
N GLY E 47 -39.36 52.34 -6.43
CA GLY E 47 -40.01 51.46 -5.38
C GLY E 47 -39.50 50.03 -5.33
N SER E 48 -40.33 49.10 -4.81
CA SER E 48 -39.96 47.64 -4.77
C SER E 48 -40.29 46.96 -6.11
N LEU E 49 -40.00 45.67 -6.24
CA LEU E 49 -40.19 44.98 -7.51
C LEU E 49 -41.67 44.84 -7.83
N ILE E 50 -42.47 44.37 -6.88
CA ILE E 50 -43.93 44.38 -7.04
C ILE E 50 -44.52 45.81 -7.27
N GLU E 51 -44.04 46.81 -6.57
CA GLU E 51 -44.53 48.18 -6.86
C GLU E 51 -44.20 48.59 -8.34
N ARG E 52 -42.97 48.34 -8.79
CA ARG E 52 -42.57 48.74 -10.14
C ARG E 52 -43.37 48.00 -11.21
N ILE E 53 -43.60 46.71 -11.01
CA ILE E 53 -44.47 45.94 -11.92
C ILE E 53 -45.86 46.61 -11.96
N ASN E 54 -46.47 46.79 -10.79
CA ASN E 54 -47.80 47.36 -10.72
C ASN E 54 -47.90 48.78 -11.30
N ASN E 55 -46.82 49.56 -11.22
CA ASN E 55 -46.84 50.98 -11.60
C ASN E 55 -46.10 51.27 -12.94
N LYS E 56 -45.88 50.21 -13.72
CA LYS E 56 -45.30 50.31 -15.07
C LYS E 56 -43.88 50.90 -15.04
N GLY E 57 -43.14 50.58 -13.99
CA GLY E 57 -41.75 50.98 -13.84
C GLY E 57 -40.85 50.08 -14.66
N THR E 58 -39.62 49.94 -14.18
CA THR E 58 -38.59 49.26 -14.91
C THR E 58 -38.08 48.05 -14.09
N VAL E 59 -37.84 46.95 -14.80
CA VAL E 59 -37.33 45.72 -14.22
C VAL E 59 -35.96 45.40 -14.89
N THR E 60 -34.95 45.09 -14.07
CA THR E 60 -33.64 44.81 -14.59
C THR E 60 -33.44 43.26 -14.62
N VAL E 61 -32.93 42.78 -15.76
CA VAL E 61 -32.83 41.35 -16.00
C VAL E 61 -31.39 40.98 -16.31
N GLY E 62 -30.89 39.97 -15.62
CA GLY E 62 -29.54 39.50 -15.72
C GLY E 62 -29.58 38.36 -16.75
N THR E 63 -28.60 38.36 -17.64
CA THR E 63 -28.47 37.47 -18.77
C THR E 63 -27.02 37.53 -19.34
N GLU E 64 -26.56 36.45 -19.95
CA GLU E 64 -25.14 36.39 -20.33
C GLU E 64 -24.88 37.17 -21.61
N GLY E 65 -25.80 37.10 -22.56
CA GLY E 65 -25.50 37.56 -23.93
C GLY E 65 -24.34 36.90 -24.68
N THR E 66 -23.91 35.68 -24.32
CA THR E 66 -22.79 35.02 -25.02
C THR E 66 -23.10 33.53 -25.29
N TYR E 67 -24.39 33.22 -25.48
CA TYR E 67 -24.94 31.86 -25.44
C TYR E 67 -26.12 31.70 -26.41
N ALA E 68 -25.75 31.56 -27.67
CA ALA E 68 -26.71 31.41 -28.71
C ALA E 68 -27.21 29.95 -28.60
N PRO E 69 -28.51 29.72 -28.86
CA PRO E 69 -29.53 30.63 -29.32
C PRO E 69 -30.45 31.20 -28.20
N PHE E 70 -29.96 31.25 -26.96
CA PHE E 70 -30.79 31.63 -25.81
C PHE E 70 -30.68 33.08 -25.45
N THR E 71 -29.45 33.60 -25.52
CA THR E 71 -29.15 34.95 -25.15
C THR E 71 -27.81 35.35 -25.77
N TYR E 72 -27.91 36.14 -26.84
CA TYR E 72 -26.75 36.43 -27.72
C TYR E 72 -26.97 37.67 -28.63
N HIS E 73 -25.90 38.09 -29.29
CA HIS E 73 -26.02 39.20 -30.22
C HIS E 73 -26.09 38.71 -31.64
N ASP E 74 -27.18 39.02 -32.34
CA ASP E 74 -27.31 38.68 -33.76
C ASP E 74 -26.27 39.41 -34.62
N LYS E 75 -26.46 39.39 -35.94
CA LYS E 75 -25.43 39.89 -36.84
C LYS E 75 -25.39 41.44 -36.80
N ASP E 76 -26.56 42.06 -36.58
CA ASP E 76 -26.63 43.50 -36.41
C ASP E 76 -26.17 43.99 -35.04
N GLY E 77 -25.83 43.07 -34.14
CA GLY E 77 -25.42 43.37 -32.75
C GLY E 77 -26.51 43.45 -31.66
N LYS E 78 -27.78 43.27 -32.03
CA LYS E 78 -28.88 43.30 -31.08
C LYS E 78 -28.88 42.07 -30.13
N LEU E 79 -29.07 42.31 -28.83
CA LEU E 79 -29.35 41.27 -27.88
C LEU E 79 -30.69 40.68 -28.26
N THR E 80 -30.65 39.36 -28.53
CA THR E 80 -31.79 38.57 -28.77
C THR E 80 -31.65 37.16 -28.22
N GLY E 81 -32.37 36.22 -28.79
CA GLY E 81 -32.37 34.81 -28.33
C GLY E 81 -33.65 34.50 -27.55
N TYR E 82 -33.90 33.20 -27.38
CA TYR E 82 -35.17 32.70 -26.90
C TYR E 82 -35.54 33.29 -25.54
N ASP E 83 -34.59 33.34 -24.62
CA ASP E 83 -34.84 33.78 -23.23
C ASP E 83 -35.04 35.30 -23.25
N VAL E 84 -34.27 35.97 -24.08
CA VAL E 84 -34.38 37.41 -24.15
C VAL E 84 -35.74 37.81 -24.66
N GLU E 85 -36.19 37.14 -25.72
CA GLU E 85 -37.43 37.48 -26.33
C GLU E 85 -38.61 37.05 -25.54
N VAL E 86 -38.59 35.89 -24.90
CA VAL E 86 -39.64 35.55 -23.91
C VAL E 86 -39.76 36.69 -22.87
N THR E 87 -38.62 37.09 -22.31
CA THR E 87 -38.61 38.07 -21.26
C THR E 87 -39.17 39.41 -21.76
N ARG E 88 -38.81 39.82 -23.00
CA ARG E 88 -39.36 41.06 -23.53
C ARG E 88 -40.84 40.89 -23.67
N ALA E 89 -41.28 39.70 -24.06
CA ALA E 89 -42.73 39.51 -24.21
C ALA E 89 -43.47 39.56 -22.83
N VAL E 90 -42.83 39.03 -21.78
CA VAL E 90 -43.35 39.18 -20.41
C VAL E 90 -43.45 40.66 -20.02
N ALA E 91 -42.39 41.42 -20.24
CA ALA E 91 -42.37 42.83 -19.83
C ALA E 91 -43.53 43.53 -20.52
N GLU E 92 -43.76 43.17 -21.78
CA GLU E 92 -44.88 43.73 -22.54
C GLU E 92 -46.25 43.32 -22.03
N LYS E 93 -46.47 42.07 -21.64
CA LYS E 93 -47.75 41.75 -20.98
C LYS E 93 -47.98 42.63 -19.74
N LEU E 94 -46.93 42.88 -18.97
CA LEU E 94 -47.09 43.52 -17.67
C LEU E 94 -47.01 45.04 -17.72
N GLY E 95 -46.64 45.58 -18.88
CA GLY E 95 -46.50 47.01 -19.06
C GLY E 95 -45.27 47.56 -18.37
N VAL E 96 -44.21 46.78 -18.25
CA VAL E 96 -43.03 47.31 -17.61
C VAL E 96 -41.96 47.44 -18.67
N LYS E 97 -41.06 48.41 -18.50
CA LYS E 97 -39.81 48.48 -19.25
C LYS E 97 -38.85 47.36 -18.75
N VAL E 98 -38.00 46.86 -19.63
CA VAL E 98 -36.98 45.94 -19.24
C VAL E 98 -35.64 46.49 -19.66
N GLU E 99 -34.66 46.48 -18.75
CA GLU E 99 -33.24 46.67 -19.07
C GLU E 99 -32.46 45.34 -18.83
N PHE E 100 -31.65 44.95 -19.79
CA PHE E 100 -30.88 43.77 -19.66
C PHE E 100 -29.51 44.16 -19.20
N LYS E 101 -28.95 43.38 -18.28
CA LYS E 101 -27.63 43.60 -17.76
C LYS E 101 -26.83 42.31 -18.06
N GLU E 102 -25.87 42.45 -18.94
CA GLU E 102 -25.20 41.32 -19.51
C GLU E 102 -24.01 40.97 -18.66
N THR E 103 -23.95 39.74 -18.16
CA THR E 103 -22.81 39.37 -17.38
C THR E 103 -22.67 37.86 -17.37
N GLN E 104 -21.44 37.40 -17.08
CA GLN E 104 -21.15 35.96 -17.15
C GLN E 104 -21.74 35.19 -15.99
N TRP E 105 -21.99 33.92 -16.24
CA TRP E 105 -22.89 33.09 -15.46
C TRP E 105 -22.66 33.20 -13.97
N ASP E 106 -21.41 33.15 -13.54
CA ASP E 106 -21.12 33.10 -12.12
C ASP E 106 -21.43 34.38 -11.40
N SER E 107 -21.06 35.47 -12.03
CA SER E 107 -21.38 36.74 -11.49
C SER E 107 -22.84 37.03 -11.63
N MET E 108 -23.53 36.37 -12.56
CA MET E 108 -24.94 36.67 -12.74
C MET E 108 -25.73 36.19 -11.53
N MET E 109 -25.44 35.00 -11.05
N MET E 109 -25.43 35.00 -11.03
CA MET E 109 -26.18 34.44 -9.93
CA MET E 109 -26.18 34.46 -9.92
C MET E 109 -25.83 35.20 -8.64
C MET E 109 -25.83 35.20 -8.62
N ALA E 110 -24.54 35.40 -8.36
CA ALA E 110 -24.12 36.20 -7.21
C ALA E 110 -24.75 37.64 -7.25
N GLY E 111 -24.77 38.23 -8.44
CA GLY E 111 -25.36 39.52 -8.67
C GLY E 111 -26.83 39.64 -8.34
N LEU E 112 -27.63 38.65 -8.72
CA LEU E 112 -29.07 38.69 -8.40
C LEU E 112 -29.22 38.64 -6.85
N LYS E 113 -28.44 37.79 -6.18
CA LYS E 113 -28.53 37.65 -4.72
C LYS E 113 -28.13 38.93 -4.03
N ALA E 114 -27.24 39.70 -4.67
CA ALA E 114 -26.75 40.95 -4.11
C ALA E 114 -27.57 42.17 -4.50
N GLY E 115 -28.57 42.00 -5.34
CA GLY E 115 -29.46 43.10 -5.73
C GLY E 115 -29.10 43.88 -6.98
N ARG E 116 -28.05 43.49 -7.67
CA ARG E 116 -27.65 44.14 -8.91
C ARG E 116 -28.75 44.12 -9.95
N PHE E 117 -29.56 43.05 -10.02
CA PHE E 117 -30.75 43.02 -10.90
C PHE E 117 -31.94 42.41 -10.21
N ASP E 118 -33.13 42.61 -10.76
CA ASP E 118 -34.32 42.06 -10.12
C ASP E 118 -34.55 40.60 -10.41
N VAL E 119 -34.13 40.19 -11.61
CA VAL E 119 -34.49 38.96 -12.27
C VAL E 119 -33.34 38.45 -13.10
N VAL E 120 -33.33 37.16 -13.37
CA VAL E 120 -32.36 36.50 -14.20
C VAL E 120 -33.07 35.52 -15.17
N ALA E 121 -32.73 35.61 -16.46
CA ALA E 121 -33.29 34.80 -17.54
C ALA E 121 -32.11 34.17 -18.28
N ASN E 122 -31.84 32.89 -18.05
CA ASN E 122 -30.65 32.28 -18.65
C ASN E 122 -30.66 30.75 -18.64
N GLN E 123 -31.79 30.20 -19.04
CA GLN E 123 -31.99 28.78 -19.03
C GLN E 123 -31.65 28.22 -17.64
N VAL E 124 -32.24 28.80 -16.59
CA VAL E 124 -31.93 28.34 -15.23
C VAL E 124 -33.07 27.47 -14.77
N GLY E 125 -32.74 26.20 -14.47
CA GLY E 125 -33.74 25.24 -13.99
C GLY E 125 -33.84 25.14 -12.47
N LEU E 126 -32.77 25.42 -11.75
CA LEU E 126 -32.80 25.52 -10.31
C LEU E 126 -33.18 24.14 -9.69
N THR E 127 -32.49 23.12 -10.21
CA THR E 127 -32.62 21.75 -9.80
C THR E 127 -32.02 21.43 -8.42
N SER E 128 -30.91 22.10 -8.07
CA SER E 128 -30.31 21.93 -6.77
C SER E 128 -31.24 22.37 -5.59
N PRO E 129 -31.54 21.46 -4.65
CA PRO E 129 -32.28 21.83 -3.42
C PRO E 129 -31.66 23.01 -2.66
N GLU E 130 -30.33 23.07 -2.64
CA GLU E 130 -29.61 24.17 -2.01
C GLU E 130 -30.01 25.54 -2.62
N ARG E 131 -30.01 25.64 -3.95
CA ARG E 131 -30.33 26.87 -4.68
C ARG E 131 -31.82 27.26 -4.63
N GLN E 132 -32.70 26.26 -4.46
CA GLN E 132 -34.12 26.56 -4.23
C GLN E 132 -34.33 27.19 -2.84
N ALA E 133 -33.33 27.10 -1.97
CA ALA E 133 -33.39 27.82 -0.69
C ALA E 133 -33.03 29.32 -0.79
N THR E 134 -32.30 29.74 -1.83
CA THR E 134 -31.93 31.13 -2.02
C THR E 134 -32.78 31.82 -3.09
N PHE E 135 -33.33 31.06 -4.03
CA PHE E 135 -34.07 31.63 -5.15
C PHE E 135 -35.43 30.96 -5.39
N ASP E 136 -36.32 31.73 -6.04
CA ASP E 136 -37.56 31.22 -6.57
C ASP E 136 -37.54 31.26 -8.09
N LYS E 137 -38.37 30.42 -8.69
CA LYS E 137 -38.51 30.30 -10.12
C LYS E 137 -40.00 30.33 -10.57
N SER E 138 -40.32 31.14 -11.57
CA SER E 138 -41.64 31.16 -12.17
C SER E 138 -41.91 29.85 -12.86
N GLU E 139 -43.14 29.75 -13.34
CA GLU E 139 -43.53 28.79 -14.33
C GLU E 139 -42.54 28.80 -15.49
N PRO E 140 -42.08 27.62 -15.89
CA PRO E 140 -41.04 27.59 -16.92
C PRO E 140 -41.57 28.06 -18.25
N TYR E 141 -40.71 28.72 -18.99
CA TYR E 141 -41.01 29.17 -20.35
C TYR E 141 -40.37 28.24 -21.42
N SER E 142 -39.42 27.41 -21.03
CA SER E 142 -38.92 26.35 -21.91
C SER E 142 -38.71 25.03 -21.13
N TRP E 143 -38.68 23.89 -21.83
CA TRP E 143 -38.41 22.60 -21.19
C TRP E 143 -37.45 21.79 -22.00
N SER E 144 -36.54 21.09 -21.35
CA SER E 144 -35.66 20.21 -22.11
C SER E 144 -35.35 18.96 -21.35
N GLY E 145 -34.78 17.98 -22.04
CA GLY E 145 -34.39 16.74 -21.39
C GLY E 145 -33.64 15.94 -22.41
N ALA E 146 -33.40 14.68 -22.08
CA ALA E 146 -32.62 13.74 -22.89
C ALA E 146 -33.36 13.36 -24.13
N VAL E 147 -32.62 13.29 -25.25
CA VAL E 147 -33.16 12.71 -26.48
C VAL E 147 -32.15 11.74 -27.09
N LEU E 148 -32.66 10.78 -27.86
CA LEU E 148 -31.86 9.77 -28.55
C LEU E 148 -31.99 10.04 -30.03
N VAL E 149 -30.84 10.15 -30.66
CA VAL E 149 -30.76 10.49 -32.08
C VAL E 149 -30.19 9.30 -32.80
N ALA E 150 -30.81 8.95 -33.92
CA ALA E 150 -30.39 7.76 -34.72
C ALA E 150 -30.50 8.08 -36.19
N HIS E 151 -29.93 7.17 -36.99
CA HIS E 151 -30.09 7.20 -38.45
C HIS E 151 -31.61 7.32 -38.86
N ASN E 152 -31.89 8.05 -39.96
CA ASN E 152 -33.23 8.09 -40.60
C ASN E 152 -33.97 6.72 -40.76
N ASP E 153 -33.22 5.67 -41.09
CA ASP E 153 -33.80 4.35 -41.39
C ASP E 153 -34.07 3.44 -40.16
N SER E 154 -33.95 4.00 -38.96
CA SER E 154 -33.75 3.22 -37.74
C SER E 154 -35.04 2.83 -37.03
N ASN E 155 -34.99 1.68 -36.36
CA ASN E 155 -36.10 1.14 -35.63
C ASN E 155 -35.91 1.27 -34.13
N ILE E 156 -34.72 1.70 -33.70
CA ILE E 156 -34.51 2.04 -32.30
C ILE E 156 -35.58 3.05 -31.87
N LYS E 157 -36.31 2.78 -30.79
CA LYS E 157 -37.37 3.67 -30.28
C LYS E 157 -37.34 3.99 -28.78
N SER E 158 -36.34 3.48 -28.06
CA SER E 158 -36.22 3.75 -26.61
C SER E 158 -34.81 3.51 -26.12
N ILE E 159 -34.57 3.71 -24.82
CA ILE E 159 -33.28 3.44 -24.20
C ILE E 159 -33.06 1.96 -23.93
N ALA E 160 -34.13 1.19 -23.82
CA ALA E 160 -33.99 -0.28 -23.86
C ALA E 160 -33.22 -0.65 -25.13
N ASP E 161 -33.57 -0.01 -26.24
CA ASP E 161 -33.10 -0.40 -27.57
C ASP E 161 -31.61 -0.13 -27.80
N ILE E 162 -30.95 0.56 -26.88
CA ILE E 162 -29.53 0.77 -27.03
C ILE E 162 -28.65 -0.15 -26.20
N LYS E 163 -29.23 -1.13 -25.49
CA LYS E 163 -28.42 -2.24 -24.90
C LYS E 163 -27.62 -2.90 -26.01
N GLY E 164 -26.31 -2.98 -25.83
CA GLY E 164 -25.43 -3.62 -26.85
C GLY E 164 -25.09 -2.80 -28.11
N VAL E 165 -25.82 -1.73 -28.36
CA VAL E 165 -25.68 -0.95 -29.59
C VAL E 165 -24.53 0.06 -29.50
N LYS E 166 -23.84 0.31 -30.61
CA LYS E 166 -22.81 1.35 -30.64
C LYS E 166 -23.44 2.74 -30.49
N THR E 167 -23.03 3.46 -29.44
CA THR E 167 -23.61 4.73 -29.06
C THR E 167 -22.49 5.73 -28.90
N ALA E 168 -22.44 6.74 -29.77
CA ALA E 168 -21.35 7.74 -29.77
C ALA E 168 -21.59 8.84 -28.69
N GLN E 169 -20.58 9.02 -27.84
CA GLN E 169 -20.60 9.98 -26.73
C GLN E 169 -19.17 10.33 -26.34
N SER E 170 -19.07 11.43 -25.63
CA SER E 170 -17.89 11.74 -24.91
C SER E 170 -17.88 10.90 -23.65
N LEU E 171 -16.71 10.33 -23.35
CA LEU E 171 -16.57 9.36 -22.31
C LEU E 171 -16.81 10.02 -20.98
N THR E 172 -16.50 11.31 -20.88
CA THR E 172 -16.52 12.02 -19.58
C THR E 172 -17.70 13.00 -19.48
N SER E 173 -18.73 12.72 -20.24
CA SER E 173 -19.84 13.62 -20.42
C SER E 173 -21.00 13.05 -19.62
N ASN E 174 -21.95 13.88 -19.21
CA ASN E 174 -23.08 13.33 -18.48
C ASN E 174 -23.82 12.31 -19.36
N TYR E 175 -23.95 12.60 -20.64
CA TYR E 175 -24.66 11.69 -21.53
C TYR E 175 -23.92 10.33 -21.76
N GLY E 176 -22.60 10.37 -21.82
CA GLY E 176 -21.82 9.15 -21.81
C GLY E 176 -22.13 8.27 -20.60
N GLU E 177 -22.15 8.87 -19.41
CA GLU E 177 -22.51 8.15 -18.17
C GLU E 177 -23.91 7.54 -18.33
N LYS E 178 -24.89 8.32 -18.80
CA LYS E 178 -26.23 7.75 -19.09
C LYS E 178 -26.15 6.53 -20.00
N ALA E 179 -25.63 6.72 -21.21
CA ALA E 179 -25.48 5.64 -22.20
C ALA E 179 -24.82 4.37 -21.62
N LYS E 180 -23.71 4.56 -20.93
CA LYS E 180 -22.97 3.50 -20.28
C LYS E 180 -23.84 2.78 -19.25
N ALA E 181 -24.64 3.52 -18.49
CA ALA E 181 -25.52 2.87 -17.52
C ALA E 181 -26.70 2.14 -18.20
N ALA E 182 -27.08 2.55 -19.40
CA ALA E 182 -28.06 1.80 -20.20
C ALA E 182 -27.39 0.60 -20.89
N GLY E 183 -26.13 0.33 -20.55
CA GLY E 183 -25.40 -0.78 -21.11
C GLY E 183 -25.12 -0.67 -22.61
N ALA E 184 -24.98 0.53 -23.11
CA ALA E 184 -24.72 0.75 -24.52
C ALA E 184 -23.25 0.49 -24.72
N GLN E 185 -22.85 0.28 -25.96
CA GLN E 185 -21.41 0.16 -26.30
C GLN E 185 -20.91 1.57 -26.68
N LEU E 186 -20.17 2.22 -25.78
CA LEU E 186 -19.73 3.60 -26.04
C LEU E 186 -18.65 3.66 -27.11
N VAL E 187 -18.86 4.54 -28.09
CA VAL E 187 -17.87 4.88 -29.11
C VAL E 187 -17.50 6.36 -28.92
N PRO E 188 -16.23 6.63 -28.67
CA PRO E 188 -15.76 7.90 -28.19
C PRO E 188 -15.78 9.00 -29.23
N VAL E 189 -16.33 10.15 -28.83
CA VAL E 189 -16.27 11.39 -29.59
C VAL E 189 -16.03 12.60 -28.64
N ASP E 190 -15.69 13.76 -29.23
CA ASP E 190 -15.50 14.95 -28.45
C ASP E 190 -16.79 15.71 -28.19
N GLY E 191 -17.81 15.59 -29.04
CA GLY E 191 -19.03 16.45 -28.94
C GLY E 191 -20.18 16.08 -29.88
N LEU E 192 -21.18 16.93 -29.95
CA LEU E 192 -22.41 16.63 -30.67
C LEU E 192 -22.12 16.43 -32.18
N ALA E 193 -21.38 17.36 -32.78
CA ALA E 193 -21.09 17.27 -34.24
C ALA E 193 -20.41 15.95 -34.62
N GLN E 194 -19.35 15.58 -33.93
CA GLN E 194 -18.64 14.34 -34.25
C GLN E 194 -19.52 13.14 -34.05
N SER E 195 -20.32 13.13 -32.97
CA SER E 195 -21.29 12.04 -32.75
C SER E 195 -22.18 11.87 -33.96
N LEU E 196 -22.61 12.97 -34.57
CA LEU E 196 -23.59 12.89 -35.66
C LEU E 196 -22.93 12.39 -36.89
N THR E 197 -21.63 12.68 -37.03
CA THR E 197 -20.91 12.34 -38.25
C THR E 197 -20.75 10.86 -38.22
N LEU E 198 -20.37 10.34 -37.05
CA LEU E 198 -20.29 8.90 -36.85
C LEU E 198 -21.56 8.15 -37.26
N ILE E 199 -22.73 8.60 -36.83
CA ILE E 199 -23.96 7.91 -37.19
C ILE E 199 -24.17 7.95 -38.71
N GLU E 200 -24.04 9.13 -39.32
CA GLU E 200 -24.07 9.28 -40.78
C GLU E 200 -23.13 8.26 -41.45
N GLN E 201 -21.87 8.22 -41.00
CA GLN E 201 -20.87 7.24 -41.50
C GLN E 201 -21.15 5.81 -41.10
N LYS E 202 -22.29 5.54 -40.51
CA LYS E 202 -22.60 4.23 -39.97
C LYS E 202 -21.53 3.52 -39.10
N ARG E 203 -20.81 4.25 -38.25
CA ARG E 203 -19.93 3.64 -37.21
C ARG E 203 -20.45 3.76 -35.76
N ALA E 204 -21.63 4.33 -35.59
CA ALA E 204 -22.40 4.23 -34.36
C ALA E 204 -23.84 4.22 -34.84
N ASP E 205 -24.74 3.76 -33.99
CA ASP E 205 -26.14 3.71 -34.37
C ASP E 205 -26.98 4.78 -33.68
N ALA E 206 -26.52 5.30 -32.54
CA ALA E 206 -27.31 6.24 -31.74
C ALA E 206 -26.42 7.18 -30.98
N THR E 207 -27.00 8.28 -30.51
CA THR E 207 -26.33 9.11 -29.50
C THR E 207 -27.40 9.73 -28.56
N LEU E 208 -27.05 9.87 -27.30
CA LEU E 208 -27.91 10.56 -26.33
C LEU E 208 -27.42 12.03 -26.15
N ASN E 209 -28.32 13.01 -26.27
CA ASN E 209 -27.94 14.44 -25.95
C ASN E 209 -29.12 15.27 -25.44
N ASP E 210 -28.91 16.59 -25.24
CA ASP E 210 -29.99 17.48 -24.82
C ASP E 210 -30.94 17.84 -25.94
N GLU E 211 -32.25 17.82 -25.65
CA GLU E 211 -33.26 18.21 -26.65
C GLU E 211 -32.91 19.55 -27.36
N LEU E 212 -32.72 20.61 -26.61
CA LEU E 212 -32.63 21.90 -27.24
C LEU E 212 -31.34 22.00 -28.04
N ALA E 213 -30.22 21.47 -27.53
CA ALA E 213 -28.97 21.56 -28.24
C ALA E 213 -29.09 20.76 -29.57
N VAL E 214 -29.71 19.59 -29.56
CA VAL E 214 -29.98 18.85 -30.78
C VAL E 214 -30.91 19.57 -31.75
N LEU E 215 -31.96 20.19 -31.26
CA LEU E 215 -32.87 20.93 -32.15
C LEU E 215 -32.11 22.06 -32.80
N ASP E 216 -31.21 22.69 -32.05
CA ASP E 216 -30.45 23.87 -32.54
C ASP E 216 -29.49 23.44 -33.67
N TYR E 217 -28.79 22.35 -33.47
CA TYR E 217 -27.81 21.86 -34.40
C TYR E 217 -28.46 21.44 -35.72
N LEU E 218 -29.51 20.63 -35.67
CA LEU E 218 -30.24 20.21 -36.88
C LEU E 218 -30.87 21.39 -37.60
N LYS E 219 -31.26 22.41 -36.85
CA LYS E 219 -31.90 23.53 -37.45
C LYS E 219 -30.84 24.22 -38.30
N LYS E 220 -29.60 24.30 -37.77
CA LYS E 220 -28.48 24.96 -38.45
C LYS E 220 -27.78 24.05 -39.48
N ASN E 221 -28.00 22.75 -39.35
CA ASN E 221 -27.40 21.76 -40.22
C ASN E 221 -28.47 20.76 -40.64
N PRO E 222 -29.41 21.21 -41.49
CA PRO E 222 -30.44 20.27 -42.00
C PRO E 222 -29.81 19.16 -42.87
N ASN E 223 -28.48 19.09 -42.88
CA ASN E 223 -27.73 17.86 -43.11
C ASN E 223 -28.53 16.75 -42.41
N ALA E 224 -29.33 16.00 -43.17
CA ALA E 224 -30.15 14.96 -42.55
C ALA E 224 -29.31 13.75 -42.19
N GLY E 225 -29.80 12.59 -42.64
CA GLY E 225 -29.27 11.29 -42.28
C GLY E 225 -29.73 10.77 -40.93
N VAL E 226 -30.10 11.69 -40.03
CA VAL E 226 -30.40 11.38 -38.62
C VAL E 226 -31.66 12.08 -38.10
N LYS E 227 -32.33 11.48 -37.13
CA LYS E 227 -33.47 12.16 -36.46
C LYS E 227 -33.52 11.77 -35.00
N ILE E 228 -34.40 12.48 -34.28
CA ILE E 228 -34.75 12.16 -32.93
C ILE E 228 -35.74 11.03 -32.94
N VAL E 229 -35.36 9.93 -32.33
CA VAL E 229 -36.21 8.71 -32.30
C VAL E 229 -36.84 8.37 -30.95
N TRP E 230 -36.57 9.19 -29.93
CA TRP E 230 -37.10 9.03 -28.59
C TRP E 230 -36.78 10.26 -27.85
N SER E 231 -37.69 10.65 -26.96
CA SER E 231 -37.47 11.79 -26.06
C SER E 231 -37.75 11.38 -24.63
N ALA E 232 -36.92 11.85 -23.72
CA ALA E 232 -37.22 11.72 -22.30
C ALA E 232 -38.67 12.19 -22.01
N PRO E 233 -39.46 11.38 -21.27
CA PRO E 233 -40.85 11.82 -20.93
C PRO E 233 -40.95 13.06 -20.00
N ALA E 234 -42.14 13.65 -19.95
CA ALA E 234 -42.45 14.85 -19.13
C ALA E 234 -41.72 14.90 -17.78
N ASP E 235 -41.85 13.85 -16.98
CA ASP E 235 -41.27 13.84 -15.67
C ASP E 235 -39.75 13.66 -15.68
N GLU E 236 -39.14 13.48 -16.82
CA GLU E 236 -37.68 13.54 -16.83
C GLU E 236 -37.12 14.85 -17.37
N LYS E 237 -37.95 15.87 -17.50
CA LYS E 237 -37.56 17.14 -18.17
C LYS E 237 -37.30 18.24 -17.14
N VAL E 238 -36.48 19.20 -17.51
CA VAL E 238 -36.17 20.32 -16.66
C VAL E 238 -36.77 21.57 -17.25
N GLY E 239 -37.34 22.42 -16.42
CA GLY E 239 -38.00 23.65 -16.89
C GLY E 239 -37.11 24.82 -16.55
N SER E 240 -36.89 25.74 -17.49
CA SER E 240 -36.15 26.97 -17.18
C SER E 240 -37.16 28.06 -16.98
N GLY E 241 -36.91 28.90 -15.97
CA GLY E 241 -37.89 29.92 -15.52
C GLY E 241 -37.18 31.24 -15.25
N LEU E 242 -37.94 32.33 -15.15
CA LEU E 242 -37.33 33.58 -14.59
C LEU E 242 -36.92 33.35 -13.11
N ILE E 243 -35.74 33.78 -12.70
CA ILE E 243 -35.27 33.51 -11.39
C ILE E 243 -35.25 34.86 -10.60
N VAL E 244 -35.78 34.84 -9.36
CA VAL E 244 -35.84 36.01 -8.43
C VAL E 244 -35.46 35.61 -7.05
N ASN E 245 -35.01 36.58 -6.27
CA ASN E 245 -34.77 36.41 -4.85
C ASN E 245 -36.02 35.95 -4.09
N LYS E 246 -35.78 35.27 -2.99
CA LYS E 246 -36.83 34.97 -2.00
C LYS E 246 -37.60 36.21 -1.55
N GLY E 247 -38.86 36.02 -1.19
CA GLY E 247 -39.67 37.12 -0.69
C GLY E 247 -40.26 38.00 -1.78
N ASN E 248 -40.42 37.45 -2.97
CA ASN E 248 -41.01 38.19 -4.04
C ASN E 248 -42.19 37.41 -4.65
N ASP E 249 -42.96 36.70 -3.82
CA ASP E 249 -43.98 35.73 -4.28
C ASP E 249 -45.03 36.31 -5.22
N GLU E 250 -45.49 37.52 -4.95
CA GLU E 250 -46.46 38.17 -5.80
C GLU E 250 -45.86 38.59 -7.17
N ALA E 251 -44.57 38.88 -7.19
CA ALA E 251 -43.87 39.24 -8.40
C ALA E 251 -43.76 38.00 -9.28
N VAL E 252 -43.25 36.93 -8.70
CA VAL E 252 -43.16 35.66 -9.41
C VAL E 252 -44.53 35.24 -9.94
N ALA E 253 -45.58 35.42 -9.13
CA ALA E 253 -46.91 35.03 -9.54
C ALA E 253 -47.33 35.83 -10.81
N LYS E 254 -46.91 37.08 -10.87
CA LYS E 254 -47.19 37.90 -12.04
C LYS E 254 -46.40 37.43 -13.27
N PHE E 255 -45.14 37.18 -13.10
CA PHE E 255 -44.34 36.62 -14.19
C PHE E 255 -44.96 35.33 -14.68
N SER E 256 -45.35 34.45 -13.76
CA SER E 256 -45.89 33.13 -14.10
C SER E 256 -47.12 33.21 -14.94
N THR E 257 -48.06 34.01 -14.48
CA THR E 257 -49.31 34.26 -15.13
C THR E 257 -49.04 34.83 -16.50
N ALA E 258 -48.09 35.76 -16.65
CA ALA E 258 -47.77 36.32 -17.97
C ALA E 258 -47.28 35.20 -18.93
N ILE E 259 -46.36 34.38 -18.42
CA ILE E 259 -45.85 33.20 -19.13
C ILE E 259 -47.02 32.28 -19.60
N ASN E 260 -47.92 31.92 -18.70
CA ASN E 260 -49.07 31.12 -19.13
C ASN E 260 -49.93 31.81 -20.21
N GLU E 261 -50.11 33.12 -20.12
CA GLU E 261 -50.80 33.85 -21.18
C GLU E 261 -50.05 33.77 -22.53
N LEU E 262 -48.74 33.88 -22.51
CA LEU E 262 -47.94 33.76 -23.72
C LEU E 262 -47.98 32.33 -24.28
N LYS E 263 -48.16 31.32 -23.41
CA LYS E 263 -48.36 29.95 -23.88
C LYS E 263 -49.67 29.89 -24.58
N ALA E 264 -50.72 30.26 -23.89
CA ALA E 264 -52.06 30.07 -24.40
C ALA E 264 -52.25 30.86 -25.70
N ASP E 265 -51.71 32.09 -25.81
CA ASP E 265 -51.85 32.86 -27.09
C ASP E 265 -50.91 32.48 -28.27
N GLY E 266 -50.06 31.46 -28.10
CA GLY E 266 -49.19 31.01 -29.18
C GLY E 266 -47.87 31.73 -29.36
N THR E 267 -47.53 32.63 -28.46
CA THR E 267 -46.31 33.45 -28.56
C THR E 267 -45.06 32.64 -28.22
N LEU E 268 -45.18 31.80 -27.20
CA LEU E 268 -44.09 30.93 -26.84
C LEU E 268 -43.80 29.93 -27.98
N LYS E 269 -44.86 29.37 -28.55
CA LYS E 269 -44.74 28.48 -29.72
C LYS E 269 -44.01 29.20 -30.87
N LYS E 270 -44.48 30.38 -31.21
CA LYS E 270 -43.79 31.24 -32.21
C LYS E 270 -42.28 31.36 -31.90
N LEU E 271 -41.92 31.83 -30.72
CA LEU E 271 -40.50 32.00 -30.41
C LEU E 271 -39.69 30.71 -30.45
N GLY E 272 -40.29 29.59 -30.05
CA GLY E 272 -39.63 28.30 -30.17
C GLY E 272 -39.33 27.94 -31.62
N GLU E 273 -40.35 27.92 -32.45
CA GLU E 273 -40.20 27.73 -33.88
C GLU E 273 -39.11 28.61 -34.46
N GLN E 274 -39.11 29.88 -34.08
CA GLN E 274 -38.11 30.78 -34.64
C GLN E 274 -36.71 30.36 -34.23
N PHE E 275 -36.55 29.92 -32.98
CA PHE E 275 -35.21 29.59 -32.45
C PHE E 275 -34.85 28.06 -32.50
N PHE E 276 -35.82 27.18 -32.68
CA PHE E 276 -35.56 25.71 -32.63
C PHE E 276 -36.37 24.92 -33.65
N GLY E 277 -37.15 25.63 -34.45
CA GLY E 277 -38.12 25.00 -35.33
C GLY E 277 -39.13 24.15 -34.60
N LYS E 278 -39.40 24.39 -33.33
CA LYS E 278 -40.39 23.62 -32.55
C LYS E 278 -40.84 24.37 -31.27
N ASP E 279 -42.10 24.21 -30.87
CA ASP E 279 -42.54 24.71 -29.54
C ASP E 279 -41.78 23.95 -28.46
N ILE E 280 -40.99 24.64 -27.62
CA ILE E 280 -40.30 23.98 -26.50
C ILE E 280 -40.89 24.31 -25.11
N SER E 281 -42.06 24.90 -25.09
CA SER E 281 -42.62 25.43 -23.86
C SER E 281 -43.61 24.44 -23.24
N VAL E 282 -43.79 23.32 -23.92
CA VAL E 282 -44.72 22.28 -23.47
C VAL E 282 -43.95 21.11 -22.79
N GLN E 283 -44.22 20.84 -21.51
CA GLN E 283 -43.55 19.71 -20.82
C GLN E 283 -43.80 18.39 -21.54
N SER F 46 2.09 22.10 -7.34
CA SER F 46 2.96 22.04 -8.58
C SER F 46 2.63 20.83 -9.50
N GLY F 47 2.44 21.10 -10.77
CA GLY F 47 2.17 20.05 -11.71
C GLY F 47 0.69 19.98 -11.94
N SER F 48 0.35 19.36 -13.02
CA SER F 48 -1.04 19.15 -13.35
C SER F 48 -1.72 18.22 -12.34
N LEU F 49 -3.04 18.25 -12.37
CA LEU F 49 -3.83 17.38 -11.56
C LEU F 49 -3.52 15.87 -11.80
N ILE F 50 -3.36 15.44 -13.05
CA ILE F 50 -3.07 14.02 -13.28
C ILE F 50 -1.67 13.68 -12.84
N GLU F 51 -0.75 14.61 -12.95
CA GLU F 51 0.59 14.33 -12.47
C GLU F 51 0.57 14.04 -10.98
N ARG F 52 -0.22 14.85 -10.24
CA ARG F 52 -0.25 14.72 -8.79
C ARG F 52 -1.03 13.46 -8.36
N ILE F 53 -2.12 13.14 -9.04
CA ILE F 53 -2.84 11.91 -8.81
C ILE F 53 -1.98 10.67 -9.03
N ASN F 54 -1.15 10.68 -10.06
CA ASN F 54 -0.30 9.53 -10.36
C ASN F 54 0.94 9.42 -9.46
N ASN F 55 1.35 10.50 -8.84
CA ASN F 55 2.62 10.56 -8.11
C ASN F 55 2.51 10.99 -6.63
N LYS F 56 1.40 10.61 -5.99
CA LYS F 56 1.19 10.78 -4.54
C LYS F 56 1.33 12.24 -4.11
N GLY F 57 0.77 13.14 -4.90
CA GLY F 57 0.82 14.57 -4.52
C GLY F 57 -0.43 15.02 -3.74
N THR F 58 -0.64 16.33 -3.69
CA THR F 58 -1.73 16.92 -2.95
C THR F 58 -2.76 17.48 -3.93
N VAL F 59 -4.01 17.17 -3.70
CA VAL F 59 -5.15 17.65 -4.47
C VAL F 59 -5.94 18.60 -3.55
N THR F 60 -6.46 19.70 -4.10
CA THR F 60 -7.17 20.71 -3.36
C THR F 60 -8.63 20.73 -3.83
N VAL F 61 -9.50 20.84 -2.85
CA VAL F 61 -10.92 20.62 -3.08
C VAL F 61 -11.76 21.73 -2.49
N GLY F 62 -12.59 22.31 -3.30
CA GLY F 62 -13.49 23.33 -2.81
C GLY F 62 -14.78 22.74 -2.27
N THR F 63 -15.25 23.27 -1.14
CA THR F 63 -16.48 22.83 -0.51
C THR F 63 -16.92 23.93 0.48
N GLU F 64 -18.21 23.99 0.81
CA GLU F 64 -18.74 25.12 1.59
C GLU F 64 -18.39 25.07 3.06
N GLY F 65 -18.59 23.91 3.67
CA GLY F 65 -18.39 23.76 5.07
C GLY F 65 -19.47 24.32 5.94
N THR F 66 -20.56 24.75 5.32
CA THR F 66 -21.68 25.34 6.01
C THR F 66 -23.03 24.76 5.54
N TYR F 67 -23.00 23.55 5.01
CA TYR F 67 -24.22 22.91 4.45
C TYR F 67 -24.36 21.47 4.98
N ALA F 68 -24.92 21.33 6.19
CA ALA F 68 -25.10 20.03 6.76
C ALA F 68 -26.17 19.30 5.98
N PRO F 69 -26.05 17.95 5.85
CA PRO F 69 -25.03 17.04 6.31
C PRO F 69 -24.02 16.70 5.23
N PHE F 70 -23.83 17.61 4.28
CA PHE F 70 -22.97 17.35 3.15
C PHE F 70 -21.53 17.77 3.39
N THR F 71 -21.38 18.94 4.03
CA THR F 71 -20.10 19.63 4.17
C THR F 71 -20.26 20.64 5.32
N TYR F 72 -19.86 20.23 6.51
CA TYR F 72 -20.12 21.01 7.71
C TYR F 72 -19.11 20.68 8.79
N HIS F 73 -19.06 21.52 9.80
CA HIS F 73 -18.15 21.35 10.91
C HIS F 73 -18.96 20.74 12.03
N ASP F 74 -18.45 19.65 12.60
CA ASP F 74 -19.18 18.95 13.65
C ASP F 74 -19.03 19.71 14.99
N LYS F 75 -19.58 19.13 16.05
CA LYS F 75 -19.50 19.75 17.40
C LYS F 75 -18.06 19.98 17.92
N ASP F 76 -17.06 19.24 17.41
CA ASP F 76 -15.67 19.52 17.77
C ASP F 76 -14.92 20.45 16.77
N GLY F 77 -15.61 20.98 15.77
CA GLY F 77 -14.96 21.83 14.78
C GLY F 77 -14.35 21.17 13.54
N LYS F 78 -14.52 19.85 13.40
CA LYS F 78 -13.87 19.06 12.33
C LYS F 78 -14.73 19.08 11.08
N LEU F 79 -14.12 19.45 9.95
CA LEU F 79 -14.84 19.43 8.68
C LEU F 79 -15.19 17.97 8.33
N THR F 80 -16.46 17.70 8.10
CA THR F 80 -16.95 16.39 7.81
C THR F 80 -18.19 16.57 6.96
N GLY F 81 -19.05 15.56 6.92
CA GLY F 81 -20.21 15.56 6.04
C GLY F 81 -20.00 14.52 4.95
N TYR F 82 -21.09 14.13 4.30
CA TYR F 82 -21.04 13.11 3.28
C TYR F 82 -20.06 13.40 2.14
N ASP F 83 -20.10 14.60 1.56
CA ASP F 83 -19.26 14.91 0.39
C ASP F 83 -17.79 14.95 0.81
N VAL F 84 -17.55 15.48 1.98
CA VAL F 84 -16.18 15.64 2.50
C VAL F 84 -15.58 14.26 2.79
N GLU F 85 -16.36 13.35 3.38
CA GLU F 85 -15.82 12.05 3.77
C GLU F 85 -15.65 11.20 2.48
N VAL F 86 -16.56 11.32 1.53
CA VAL F 86 -16.37 10.66 0.28
C VAL F 86 -15.03 11.06 -0.35
N THR F 87 -14.76 12.36 -0.35
CA THR F 87 -13.54 12.86 -0.91
C THR F 87 -12.26 12.42 -0.18
N ARG F 88 -12.32 12.32 1.14
CA ARG F 88 -11.19 11.73 1.86
C ARG F 88 -10.96 10.26 1.46
N ALA F 89 -12.05 9.53 1.27
CA ALA F 89 -11.93 8.10 0.91
C ALA F 89 -11.35 8.00 -0.52
N VAL F 90 -11.80 8.88 -1.41
CA VAL F 90 -11.29 8.90 -2.80
C VAL F 90 -9.79 9.22 -2.75
N ALA F 91 -9.45 10.19 -1.95
CA ALA F 91 -8.06 10.56 -1.82
C ALA F 91 -7.24 9.35 -1.33
N GLU F 92 -7.80 8.60 -0.39
CA GLU F 92 -7.10 7.43 0.19
C GLU F 92 -6.90 6.31 -0.84
N LYS F 93 -7.90 6.07 -1.68
CA LYS F 93 -7.81 5.09 -2.73
C LYS F 93 -6.74 5.47 -3.80
N LEU F 94 -6.67 6.75 -4.14
CA LEU F 94 -5.73 7.24 -5.13
C LEU F 94 -4.34 7.44 -4.56
N GLY F 95 -4.22 7.45 -3.23
CA GLY F 95 -2.92 7.64 -2.60
C GLY F 95 -2.47 9.09 -2.61
N VAL F 96 -3.41 10.05 -2.68
CA VAL F 96 -3.05 11.45 -2.59
C VAL F 96 -3.43 12.09 -1.27
N LYS F 97 -2.83 13.23 -1.02
CA LYS F 97 -3.16 14.01 0.12
C LYS F 97 -4.20 14.99 -0.39
N VAL F 98 -5.16 15.33 0.46
CA VAL F 98 -6.27 16.23 0.13
C VAL F 98 -6.31 17.44 1.12
N GLU F 99 -6.50 18.63 0.58
CA GLU F 99 -6.63 19.84 1.39
C GLU F 99 -7.92 20.47 0.99
N PHE F 100 -8.80 20.73 1.95
CA PHE F 100 -10.07 21.36 1.64
C PHE F 100 -9.94 22.88 1.76
N LYS F 101 -10.53 23.56 0.79
CA LYS F 101 -10.54 24.99 0.72
C LYS F 101 -12.00 25.43 0.89
N GLU F 102 -12.34 25.89 2.08
CA GLU F 102 -13.73 26.22 2.37
C GLU F 102 -14.07 27.58 1.81
N THR F 103 -15.19 27.64 1.08
CA THR F 103 -15.43 28.67 0.11
C THR F 103 -16.90 28.91 0.03
N GLN F 104 -17.29 30.17 -0.05
CA GLN F 104 -18.69 30.50 -0.19
C GLN F 104 -19.22 30.05 -1.53
N TRP F 105 -20.42 29.50 -1.56
CA TRP F 105 -20.96 28.92 -2.78
C TRP F 105 -20.80 29.84 -3.96
N ASP F 106 -21.15 31.09 -3.79
CA ASP F 106 -21.24 31.94 -4.95
C ASP F 106 -19.85 32.24 -5.59
N SER F 107 -18.74 31.94 -4.92
CA SER F 107 -17.43 32.09 -5.57
C SER F 107 -16.78 30.74 -5.85
N MET F 108 -17.56 29.66 -5.75
CA MET F 108 -17.03 28.33 -5.81
C MET F 108 -16.64 27.96 -7.25
N MET F 109 -17.58 28.09 -8.19
CA MET F 109 -17.33 27.61 -9.54
C MET F 109 -16.34 28.51 -10.27
N ALA F 110 -16.37 29.82 -9.97
CA ALA F 110 -15.43 30.77 -10.54
C ALA F 110 -14.09 30.41 -10.00
N GLY F 111 -14.05 29.99 -8.74
CA GLY F 111 -12.80 29.56 -8.12
C GLY F 111 -12.18 28.34 -8.81
N LEU F 112 -13.02 27.41 -9.16
CA LEU F 112 -12.57 26.20 -9.84
C LEU F 112 -12.00 26.67 -11.20
N LYS F 113 -12.81 27.40 -11.94
CA LYS F 113 -12.41 27.89 -13.26
C LYS F 113 -11.13 28.70 -13.23
N ALA F 114 -10.89 29.45 -12.16
CA ALA F 114 -9.67 30.22 -12.03
C ALA F 114 -8.50 29.41 -11.48
N GLY F 115 -8.72 28.14 -11.16
CA GLY F 115 -7.64 27.31 -10.61
C GLY F 115 -7.25 27.55 -9.17
N ARG F 116 -8.16 28.08 -8.37
CA ARG F 116 -7.93 28.19 -6.90
C ARG F 116 -7.97 26.84 -6.21
N PHE F 117 -8.67 25.90 -6.79
CA PHE F 117 -8.58 24.51 -6.33
C PHE F 117 -8.78 23.61 -7.52
N ASP F 118 -8.37 22.35 -7.38
CA ASP F 118 -8.45 21.32 -8.47
C ASP F 118 -9.86 20.79 -8.69
N VAL F 119 -10.69 20.67 -7.64
CA VAL F 119 -11.98 19.96 -7.70
C VAL F 119 -13.02 20.63 -6.82
N VAL F 120 -14.31 20.44 -7.12
CA VAL F 120 -15.39 20.87 -6.25
C VAL F 120 -16.22 19.61 -5.77
N ALA F 121 -16.48 19.52 -4.46
CA ALA F 121 -17.29 18.48 -3.90
C ALA F 121 -18.32 19.22 -3.08
N ASN F 122 -19.53 19.37 -3.63
CA ASN F 122 -20.54 20.16 -2.99
C ASN F 122 -21.90 19.92 -3.54
N GLN F 123 -22.30 18.67 -3.63
CA GLN F 123 -23.60 18.35 -4.16
C GLN F 123 -23.85 19.03 -5.52
N VAL F 124 -22.85 18.99 -6.40
CA VAL F 124 -23.03 19.61 -7.71
C VAL F 124 -23.51 18.56 -8.69
N GLY F 125 -24.72 18.79 -9.22
CA GLY F 125 -25.27 17.95 -10.29
C GLY F 125 -24.90 18.26 -11.73
N LEU F 126 -24.59 19.52 -12.02
CA LEU F 126 -24.16 19.89 -13.36
C LEU F 126 -25.25 19.50 -14.37
N THR F 127 -26.49 19.81 -14.02
CA THR F 127 -27.59 19.47 -14.88
C THR F 127 -27.79 20.42 -16.04
N SER F 128 -27.29 21.67 -15.96
CA SER F 128 -27.38 22.59 -17.09
C SER F 128 -26.46 22.16 -18.28
N PRO F 129 -27.02 22.02 -19.49
CA PRO F 129 -26.15 21.73 -20.68
C PRO F 129 -25.01 22.76 -20.89
N GLU F 130 -25.31 24.02 -20.60
CA GLU F 130 -24.32 25.04 -20.71
C GLU F 130 -23.14 24.84 -19.77
N ARG F 131 -23.44 24.45 -18.55
CA ARG F 131 -22.37 24.26 -17.59
C ARG F 131 -21.63 22.94 -17.81
N GLN F 132 -22.29 21.95 -18.40
CA GLN F 132 -21.60 20.74 -18.94
C GLN F 132 -20.54 21.04 -20.00
N ALA F 133 -20.61 22.20 -20.63
CA ALA F 133 -19.59 22.59 -21.59
C ALA F 133 -18.38 23.24 -20.93
N THR F 134 -18.49 23.63 -19.65
CA THR F 134 -17.38 24.32 -18.95
C THR F 134 -16.66 23.39 -17.99
N PHE F 135 -17.39 22.42 -17.43
CA PHE F 135 -16.85 21.55 -16.38
C PHE F 135 -17.15 20.05 -16.64
N ASP F 136 -16.32 19.18 -16.14
CA ASP F 136 -16.62 17.74 -16.16
C ASP F 136 -16.96 17.22 -14.74
N LYS F 137 -17.73 16.15 -14.71
CA LYS F 137 -18.27 15.60 -13.48
C LYS F 137 -17.90 14.17 -13.44
N SER F 138 -17.39 13.72 -12.31
CA SER F 138 -17.13 12.29 -12.11
C SER F 138 -18.41 11.45 -12.06
N GLU F 139 -18.25 10.13 -12.12
CA GLU F 139 -19.29 9.20 -11.74
C GLU F 139 -19.83 9.67 -10.40
N PRO F 140 -21.16 9.79 -10.27
CA PRO F 140 -21.70 10.33 -9.04
C PRO F 140 -21.43 9.50 -7.79
N TYR F 141 -21.25 10.18 -6.69
CA TYR F 141 -21.07 9.52 -5.40
C TYR F 141 -22.34 9.51 -4.60
N SER F 142 -23.34 10.27 -5.02
CA SER F 142 -24.69 10.24 -4.45
C SER F 142 -25.75 10.58 -5.47
N TRP F 143 -26.96 10.03 -5.28
CA TRP F 143 -28.06 10.22 -6.21
C TRP F 143 -29.25 10.65 -5.41
N SER F 144 -30.07 11.53 -5.97
CA SER F 144 -31.28 11.99 -5.27
C SER F 144 -32.38 12.36 -6.25
N GLY F 145 -33.61 12.28 -5.78
CA GLY F 145 -34.80 12.50 -6.60
C GLY F 145 -35.96 12.93 -5.69
N ALA F 146 -37.11 13.21 -6.27
CA ALA F 146 -38.32 13.58 -5.52
C ALA F 146 -38.83 12.39 -4.68
N VAL F 147 -39.32 12.68 -3.49
CA VAL F 147 -40.00 11.64 -2.66
C VAL F 147 -41.29 12.22 -2.18
N LEU F 148 -42.28 11.36 -1.99
CA LEU F 148 -43.54 11.78 -1.38
C LEU F 148 -43.54 11.34 0.08
N VAL F 149 -43.76 12.29 0.97
CA VAL F 149 -43.78 12.07 2.41
C VAL F 149 -45.21 12.28 2.88
N ALA F 150 -45.70 11.33 3.67
CA ALA F 150 -47.02 11.44 4.30
C ALA F 150 -47.00 10.76 5.69
N HIS F 151 -48.15 10.80 6.38
CA HIS F 151 -48.27 10.17 7.71
C HIS F 151 -47.91 8.69 7.70
N ASN F 152 -47.40 8.21 8.84
CA ASN F 152 -47.01 6.79 9.00
C ASN F 152 -48.06 5.74 8.57
N ASP F 153 -49.34 6.11 8.67
CA ASP F 153 -50.46 5.20 8.41
C ASP F 153 -51.32 5.64 7.19
N SER F 154 -50.77 6.49 6.35
CA SER F 154 -51.45 6.93 5.12
C SER F 154 -51.69 5.77 4.15
N ASN F 155 -52.73 5.90 3.34
CA ASN F 155 -52.94 4.96 2.24
C ASN F 155 -52.19 5.41 0.98
N ILE F 156 -51.77 6.67 0.98
CA ILE F 156 -51.08 7.26 -0.17
C ILE F 156 -49.80 6.50 -0.45
N LYS F 157 -49.65 6.06 -1.69
CA LYS F 157 -48.44 5.37 -2.15
C LYS F 157 -48.08 5.69 -3.61
N SER F 158 -48.54 6.83 -4.12
CA SER F 158 -48.23 7.22 -5.50
C SER F 158 -48.57 8.67 -5.81
N ILE F 159 -47.97 9.19 -6.89
CA ILE F 159 -48.29 10.52 -7.43
C ILE F 159 -49.73 10.55 -7.93
N ALA F 160 -50.20 9.42 -8.44
CA ALA F 160 -51.59 9.30 -8.84
C ALA F 160 -52.51 9.46 -7.63
N ASP F 161 -52.06 8.99 -6.46
CA ASP F 161 -52.89 8.98 -5.25
C ASP F 161 -52.99 10.34 -4.54
N ILE F 162 -52.38 11.39 -5.08
CA ILE F 162 -52.53 12.74 -4.48
C ILE F 162 -53.49 13.63 -5.28
N LYS F 163 -54.26 13.03 -6.18
CA LYS F 163 -55.31 13.75 -6.90
C LYS F 163 -56.30 14.38 -5.89
N GLY F 164 -56.33 15.71 -5.87
CA GLY F 164 -57.20 16.46 -4.95
C GLY F 164 -56.92 16.21 -3.47
N VAL F 165 -55.67 16.36 -3.08
CA VAL F 165 -55.24 16.12 -1.70
C VAL F 165 -54.46 17.31 -1.11
N LYS F 166 -54.72 17.61 0.16
CA LYS F 166 -53.99 18.66 0.85
C LYS F 166 -52.52 18.29 0.85
N THR F 167 -51.70 19.07 0.13
CA THR F 167 -50.26 18.82 -0.03
C THR F 167 -49.44 20.12 0.13
N ALA F 168 -48.59 20.17 1.14
CA ALA F 168 -47.83 21.38 1.48
C ALA F 168 -46.61 21.57 0.57
N GLN F 169 -46.60 22.66 -0.20
CA GLN F 169 -45.45 23.02 -1.06
C GLN F 169 -45.12 24.51 -1.01
N SER F 170 -43.98 24.84 -1.60
CA SER F 170 -43.70 26.22 -1.99
C SER F 170 -44.11 26.37 -3.44
N LEU F 171 -45.01 27.32 -3.70
CA LEU F 171 -45.56 27.49 -5.06
C LEU F 171 -44.47 27.69 -6.11
N THR F 172 -43.36 28.30 -5.71
CA THR F 172 -42.32 28.73 -6.64
C THR F 172 -41.09 27.80 -6.64
N SER F 173 -41.35 26.52 -6.41
CA SER F 173 -40.31 25.47 -6.38
C SER F 173 -40.54 24.41 -7.49
N ASN F 174 -39.52 23.62 -7.78
CA ASN F 174 -39.66 22.49 -8.70
C ASN F 174 -40.74 21.52 -8.23
N TYR F 175 -40.84 21.30 -6.92
CA TYR F 175 -41.80 20.35 -6.36
C TYR F 175 -43.22 20.94 -6.38
N GLY F 176 -43.32 22.26 -6.25
CA GLY F 176 -44.62 22.93 -6.38
C GLY F 176 -45.18 22.77 -7.80
N GLU F 177 -44.27 22.81 -8.77
CA GLU F 177 -44.61 22.56 -10.16
C GLU F 177 -45.12 21.14 -10.37
N LYS F 178 -44.41 20.17 -9.78
CA LYS F 178 -44.73 18.73 -9.89
C LYS F 178 -46.03 18.36 -9.16
N ALA F 179 -46.26 18.91 -7.96
CA ALA F 179 -47.50 18.68 -7.17
C ALA F 179 -48.75 19.17 -7.90
N LYS F 180 -48.65 20.37 -8.46
CA LYS F 180 -49.74 20.98 -9.21
C LYS F 180 -50.08 20.19 -10.50
N ALA F 181 -49.04 19.76 -11.22
CA ALA F 181 -49.17 18.95 -12.44
C ALA F 181 -49.80 17.56 -12.17
N ALA F 182 -49.72 17.11 -10.93
CA ALA F 182 -50.36 15.86 -10.50
C ALA F 182 -51.82 16.07 -10.07
N GLY F 183 -52.28 17.33 -10.12
CA GLY F 183 -53.67 17.66 -9.79
C GLY F 183 -53.94 17.78 -8.30
N ALA F 184 -52.91 18.18 -7.55
CA ALA F 184 -52.96 18.20 -6.10
C ALA F 184 -53.54 19.51 -5.56
N GLN F 185 -54.13 19.44 -4.37
CA GLN F 185 -54.70 20.62 -3.72
C GLN F 185 -53.59 21.30 -2.91
N LEU F 186 -52.99 22.32 -3.50
CA LEU F 186 -51.77 22.92 -2.93
C LEU F 186 -51.99 23.80 -1.72
N VAL F 187 -51.13 23.64 -0.72
CA VAL F 187 -51.11 24.47 0.48
C VAL F 187 -49.73 25.20 0.54
N PRO F 188 -49.75 26.54 0.67
CA PRO F 188 -48.51 27.32 0.54
C PRO F 188 -47.65 27.34 1.80
N VAL F 189 -46.34 27.13 1.64
CA VAL F 189 -45.39 27.15 2.75
C VAL F 189 -43.99 27.51 2.21
N ASP F 190 -43.16 28.09 3.07
CA ASP F 190 -41.81 28.58 2.67
C ASP F 190 -40.75 27.50 2.34
N GLY F 191 -40.76 26.37 3.06
CA GLY F 191 -39.75 25.31 2.87
C GLY F 191 -40.14 23.94 3.38
N LEU F 192 -39.14 23.05 3.52
CA LEU F 192 -39.37 21.64 3.92
C LEU F 192 -39.66 21.48 5.40
N ALA F 193 -38.92 22.21 6.23
CA ALA F 193 -39.11 22.19 7.68
C ALA F 193 -40.58 22.43 7.98
N GLN F 194 -41.09 23.55 7.46
CA GLN F 194 -42.48 23.93 7.67
C GLN F 194 -43.44 22.90 7.07
N SER F 195 -43.17 22.44 5.85
CA SER F 195 -44.02 21.42 5.20
C SER F 195 -44.25 20.20 6.10
N LEU F 196 -43.20 19.79 6.79
CA LEU F 196 -43.25 18.62 7.67
C LEU F 196 -44.01 18.89 8.98
N THR F 197 -43.99 20.11 9.46
CA THR F 197 -44.78 20.47 10.65
C THR F 197 -46.28 20.53 10.28
N LEU F 198 -46.59 21.19 9.16
CA LEU F 198 -47.98 21.32 8.69
C LEU F 198 -48.64 19.96 8.54
N ILE F 199 -47.91 18.97 8.03
CA ILE F 199 -48.41 17.60 8.01
C ILE F 199 -48.59 17.09 9.43
N GLU F 200 -47.51 17.17 10.22
CA GLU F 200 -47.47 16.67 11.58
C GLU F 200 -48.62 17.25 12.42
N GLN F 201 -49.07 18.46 12.06
CA GLN F 201 -50.23 19.10 12.71
C GLN F 201 -51.51 18.95 11.89
N LYS F 202 -51.61 17.88 11.11
CA LYS F 202 -52.83 17.50 10.37
C LYS F 202 -53.51 18.61 9.56
N ARG F 203 -52.72 19.49 8.94
CA ARG F 203 -53.24 20.55 8.06
C ARG F 203 -52.96 20.25 6.58
N ALA F 204 -51.99 19.38 6.32
CA ALA F 204 -51.80 18.81 4.99
C ALA F 204 -51.58 17.32 5.13
N ASP F 205 -51.80 16.59 4.05
CA ASP F 205 -51.69 15.13 4.07
C ASP F 205 -50.35 14.64 3.48
N ALA F 206 -49.72 15.43 2.61
CA ALA F 206 -48.49 15.00 1.94
C ALA F 206 -47.60 16.17 1.57
N THR F 207 -46.37 15.84 1.19
CA THR F 207 -45.46 16.79 0.57
C THR F 207 -44.43 16.11 -0.31
N LEU F 208 -44.03 16.80 -1.38
CA LEU F 208 -42.94 16.34 -2.26
C LEU F 208 -41.70 17.12 -1.92
N ASN F 209 -40.59 16.42 -1.79
CA ASN F 209 -39.34 17.08 -1.59
C ASN F 209 -38.21 16.16 -2.01
N ASP F 210 -36.98 16.62 -1.79
CA ASP F 210 -35.80 15.91 -2.20
C ASP F 210 -35.49 14.77 -1.25
N GLU F 211 -35.10 13.62 -1.82
CA GLU F 211 -34.82 12.40 -1.07
C GLU F 211 -33.84 12.66 0.03
N LEU F 212 -32.70 13.30 -0.30
CA LEU F 212 -31.66 13.40 0.69
C LEU F 212 -32.04 14.37 1.82
N ALA F 213 -32.72 15.46 1.51
CA ALA F 213 -33.07 16.42 2.56
C ALA F 213 -34.03 15.72 3.55
N VAL F 214 -34.94 14.93 2.99
CA VAL F 214 -35.93 14.21 3.80
C VAL F 214 -35.27 13.10 4.61
N LEU F 215 -34.34 12.38 4.01
CA LEU F 215 -33.64 11.31 4.74
C LEU F 215 -32.86 11.90 5.91
N ASP F 216 -32.22 13.04 5.69
CA ASP F 216 -31.53 13.76 6.77
C ASP F 216 -32.48 14.18 7.94
N TYR F 217 -33.68 14.63 7.61
CA TYR F 217 -34.68 15.04 8.58
C TYR F 217 -35.19 13.86 9.40
N LEU F 218 -35.47 12.75 8.72
CA LEU F 218 -35.90 11.54 9.39
C LEU F 218 -34.82 11.02 10.30
N LYS F 219 -33.57 10.93 9.85
CA LYS F 219 -32.47 10.54 10.74
C LYS F 219 -32.40 11.41 12.01
N LYS F 220 -32.54 12.74 11.85
CA LYS F 220 -32.33 13.70 12.96
C LYS F 220 -33.49 13.63 14.00
N ASN F 221 -34.73 13.66 13.49
CA ASN F 221 -35.95 13.59 14.29
C ASN F 221 -36.77 12.37 13.86
N PRO F 222 -36.44 11.19 14.40
CA PRO F 222 -37.07 9.94 13.95
C PRO F 222 -38.43 9.59 14.64
N ASN F 223 -39.07 10.55 15.30
CA ASN F 223 -40.42 10.33 15.84
C ASN F 223 -41.43 11.36 15.34
N ALA F 224 -41.07 12.13 14.32
CA ALA F 224 -42.11 12.72 13.50
C ALA F 224 -42.94 11.50 13.12
N GLY F 225 -44.25 11.69 13.00
CA GLY F 225 -45.14 10.59 12.62
C GLY F 225 -45.25 10.40 11.11
N VAL F 226 -44.13 10.57 10.40
CA VAL F 226 -44.19 10.64 8.96
C VAL F 226 -43.04 9.87 8.31
N LYS F 227 -43.22 9.58 7.02
CA LYS F 227 -42.24 8.82 6.27
C LYS F 227 -42.42 8.89 4.77
N ILE F 228 -41.43 8.33 4.08
CA ILE F 228 -41.42 8.27 2.63
C ILE F 228 -42.38 7.16 2.22
N VAL F 229 -43.34 7.50 1.36
CA VAL F 229 -44.31 6.55 0.84
C VAL F 229 -44.21 6.37 -0.67
N TRP F 230 -43.43 7.18 -1.35
CA TRP F 230 -43.14 6.96 -2.79
C TRP F 230 -41.85 7.65 -3.18
N SER F 231 -41.03 6.98 -3.97
CA SER F 231 -39.80 7.54 -4.50
C SER F 231 -39.84 7.55 -6.02
N ALA F 232 -39.54 8.72 -6.61
CA ALA F 232 -39.39 8.86 -8.07
C ALA F 232 -38.37 7.85 -8.60
N PRO F 233 -38.60 7.28 -9.80
CA PRO F 233 -37.71 6.23 -10.32
C PRO F 233 -36.30 6.65 -10.68
N ALA F 234 -35.45 5.67 -10.92
CA ALA F 234 -34.06 5.86 -11.25
C ALA F 234 -33.82 6.93 -12.29
N ASP F 235 -34.54 6.91 -13.42
CA ASP F 235 -34.25 7.84 -14.50
C ASP F 235 -34.62 9.28 -14.18
N GLU F 236 -35.34 9.51 -13.08
CA GLU F 236 -35.69 10.85 -12.67
C GLU F 236 -34.75 11.40 -11.60
N LYS F 237 -33.64 10.72 -11.35
CA LYS F 237 -32.70 11.10 -10.28
C LYS F 237 -31.47 11.82 -10.83
N VAL F 238 -30.92 12.75 -10.06
CA VAL F 238 -29.73 13.52 -10.40
C VAL F 238 -28.61 13.04 -9.52
N GLY F 239 -27.42 12.88 -10.08
CA GLY F 239 -26.24 12.51 -9.36
C GLY F 239 -25.25 13.64 -9.17
N SER F 240 -24.70 13.76 -7.96
CA SER F 240 -23.63 14.71 -7.70
C SER F 240 -22.32 13.97 -7.78
N GLY F 241 -21.28 14.62 -8.29
CA GLY F 241 -19.98 13.97 -8.45
C GLY F 241 -18.93 15.02 -8.25
N LEU F 242 -17.65 14.62 -8.28
CA LEU F 242 -16.55 15.54 -8.26
C LEU F 242 -16.48 16.37 -9.57
N ILE F 243 -16.39 17.68 -9.43
CA ILE F 243 -16.38 18.57 -10.56
C ILE F 243 -14.98 19.10 -10.80
N VAL F 244 -14.55 18.98 -12.06
N VAL F 244 -14.52 18.97 -12.05
CA VAL F 244 -13.20 19.39 -12.48
CA VAL F 244 -13.20 19.50 -12.42
C VAL F 244 -13.32 20.32 -13.66
C VAL F 244 -13.32 20.34 -13.66
N ASN F 245 -12.30 21.15 -13.92
CA ASN F 245 -12.15 21.85 -15.23
C ASN F 245 -12.04 20.87 -16.39
N LYS F 246 -12.55 21.29 -17.54
CA LYS F 246 -12.23 20.68 -18.84
C LYS F 246 -10.72 20.61 -19.00
N GLY F 247 -10.26 19.69 -19.82
CA GLY F 247 -8.82 19.50 -20.05
C GLY F 247 -8.21 18.63 -18.97
N ASN F 248 -9.02 17.91 -18.19
CA ASN F 248 -8.51 17.02 -17.13
C ASN F 248 -9.11 15.61 -17.20
N ASP F 249 -9.27 15.10 -18.40
CA ASP F 249 -10.00 13.87 -18.68
C ASP F 249 -9.47 12.64 -17.96
N GLU F 250 -8.17 12.47 -17.99
CA GLU F 250 -7.57 11.37 -17.26
C GLU F 250 -7.87 11.46 -15.75
N ALA F 251 -7.75 12.65 -15.17
CA ALA F 251 -7.97 12.88 -13.74
C ALA F 251 -9.38 12.52 -13.41
N VAL F 252 -10.29 12.98 -14.28
CA VAL F 252 -11.72 12.67 -14.15
C VAL F 252 -11.94 11.19 -14.17
N ALA F 253 -11.39 10.49 -15.15
CA ALA F 253 -11.54 9.02 -15.20
C ALA F 253 -11.04 8.35 -13.91
N LYS F 254 -9.90 8.83 -13.40
CA LYS F 254 -9.36 8.23 -12.21
C LYS F 254 -10.26 8.48 -11.01
N PHE F 255 -10.87 9.65 -10.92
CA PHE F 255 -11.81 9.87 -9.83
C PHE F 255 -13.00 8.92 -9.97
N SER F 256 -13.47 8.73 -11.20
CA SER F 256 -14.58 7.84 -11.47
C SER F 256 -14.25 6.40 -11.09
N THR F 257 -13.10 5.92 -11.49
CA THR F 257 -12.68 4.62 -11.08
C THR F 257 -12.63 4.54 -9.51
N ALA F 258 -12.07 5.53 -8.85
CA ALA F 258 -12.01 5.48 -7.36
C ALA F 258 -13.41 5.40 -6.73
N ILE F 259 -14.32 6.23 -7.20
CA ILE F 259 -15.72 6.17 -6.74
C ILE F 259 -16.34 4.76 -6.90
N ASN F 260 -16.15 4.12 -8.04
CA ASN F 260 -16.72 2.78 -8.21
C ASN F 260 -16.09 1.67 -7.33
N GLU F 261 -14.79 1.80 -7.07
CA GLU F 261 -14.10 0.92 -6.15
C GLU F 261 -14.62 1.07 -4.72
N LEU F 262 -14.97 2.30 -4.34
CA LEU F 262 -15.57 2.61 -3.04
C LEU F 262 -16.99 2.09 -2.92
N LYS F 263 -17.74 2.09 -4.03
CA LYS F 263 -19.01 1.36 -4.07
C LYS F 263 -18.75 -0.14 -3.86
N ALA F 264 -17.83 -0.71 -4.64
CA ALA F 264 -17.58 -2.18 -4.58
C ALA F 264 -17.07 -2.67 -3.23
N ASP F 265 -16.29 -1.84 -2.56
CA ASP F 265 -15.74 -2.25 -1.28
C ASP F 265 -16.60 -1.91 -0.05
N GLY F 266 -17.82 -1.40 -0.28
CA GLY F 266 -18.77 -1.11 0.79
C GLY F 266 -18.65 0.29 1.41
N THR F 267 -17.63 1.06 1.02
CA THR F 267 -17.35 2.35 1.69
C THR F 267 -18.47 3.36 1.51
N LEU F 268 -18.98 3.46 0.31
CA LEU F 268 -20.07 4.42 0.06
C LEU F 268 -21.36 4.06 0.86
N LYS F 269 -21.65 2.79 0.93
CA LYS F 269 -22.81 2.30 1.68
C LYS F 269 -22.68 2.71 3.14
N LYS F 270 -21.51 2.45 3.67
CA LYS F 270 -21.16 2.83 5.00
C LYS F 270 -21.38 4.37 5.25
N LEU F 271 -20.86 5.22 4.38
CA LEU F 271 -20.97 6.65 4.58
C LEU F 271 -22.39 7.13 4.42
N GLY F 272 -23.12 6.52 3.50
CA GLY F 272 -24.55 6.81 3.33
C GLY F 272 -25.34 6.50 4.62
N GLU F 273 -25.14 5.31 5.18
CA GLU F 273 -25.81 4.90 6.39
C GLU F 273 -25.51 5.90 7.51
N GLN F 274 -24.25 6.29 7.62
CA GLN F 274 -23.84 7.19 8.65
C GLN F 274 -24.59 8.53 8.57
N PHE F 275 -24.68 9.11 7.37
CA PHE F 275 -25.27 10.42 7.21
C PHE F 275 -26.75 10.40 6.90
N PHE F 276 -27.23 9.36 6.27
CA PHE F 276 -28.64 9.34 5.81
C PHE F 276 -29.43 8.08 6.26
N GLY F 277 -28.77 7.17 6.95
CA GLY F 277 -29.41 5.91 7.32
C GLY F 277 -29.72 5.03 6.12
N LYS F 278 -29.06 5.27 4.97
CA LYS F 278 -29.17 4.37 3.82
C LYS F 278 -28.11 4.65 2.71
N ASP F 279 -27.75 3.62 1.96
CA ASP F 279 -26.88 3.75 0.79
C ASP F 279 -27.52 4.74 -0.19
N ILE F 280 -26.82 5.79 -0.56
CA ILE F 280 -27.42 6.73 -1.49
C ILE F 280 -26.60 6.87 -2.76
N SER F 281 -25.64 5.96 -2.93
CA SER F 281 -24.72 6.02 -4.07
C SER F 281 -25.19 5.15 -5.24
N VAL F 282 -26.35 4.52 -5.09
CA VAL F 282 -26.92 3.66 -6.12
C VAL F 282 -28.14 4.33 -6.78
N GLN F 283 -28.09 4.49 -8.10
CA GLN F 283 -29.16 5.19 -8.80
C GLN F 283 -30.52 4.56 -8.61
N GLY G 47 18.77 55.58 20.81
CA GLY G 47 18.29 54.93 22.06
C GLY G 47 18.77 53.49 22.27
N SER G 48 17.92 52.68 22.90
CA SER G 48 18.14 51.24 22.99
C SER G 48 17.88 50.59 21.60
N LEU G 49 18.22 49.32 21.46
CA LEU G 49 18.01 48.66 20.21
C LEU G 49 16.51 48.64 19.93
N ILE G 50 15.73 48.08 20.84
CA ILE G 50 14.29 47.92 20.62
C ILE G 50 13.57 49.24 20.31
N GLU G 51 14.01 50.34 20.88
CA GLU G 51 13.37 51.66 20.62
C GLU G 51 13.79 52.23 19.27
N ARG G 52 15.01 51.89 18.87
CA ARG G 52 15.43 52.19 17.53
C ARG G 52 14.62 51.36 16.54
N ILE G 53 14.40 50.09 16.81
CA ILE G 53 13.55 49.34 15.88
C ILE G 53 12.15 49.98 15.86
N ASN G 54 11.55 50.24 17.01
CA ASN G 54 10.17 50.70 17.04
C ASN G 54 9.99 52.11 16.45
N ASN G 55 11.03 52.95 16.56
CA ASN G 55 11.01 54.37 16.08
C ASN G 55 11.80 54.63 14.79
N LYS G 56 11.90 53.61 13.95
CA LYS G 56 12.42 53.75 12.60
C LYS G 56 13.81 54.40 12.61
N GLY G 57 14.66 53.99 13.55
CA GLY G 57 16.03 54.50 13.65
C GLY G 57 17.05 53.72 12.82
N THR G 58 18.26 53.64 13.33
CA THR G 58 19.37 52.98 12.68
C THR G 58 19.97 51.87 13.52
N VAL G 59 20.19 50.72 12.87
CA VAL G 59 20.72 49.49 13.46
C VAL G 59 22.03 49.14 12.79
N THR G 60 23.03 48.85 13.59
CA THR G 60 24.30 48.47 13.09
C THR G 60 24.46 46.94 13.06
N VAL G 61 25.02 46.42 11.97
CA VAL G 61 25.17 45.00 11.80
C VAL G 61 26.58 44.68 11.47
N GLY G 62 27.17 43.76 12.20
CA GLY G 62 28.55 43.31 11.91
C GLY G 62 28.58 42.18 10.86
N THR G 63 29.54 42.24 9.94
CA THR G 63 29.73 41.20 8.91
C THR G 63 31.15 41.26 8.34
N GLU G 64 31.61 40.21 7.70
CA GLU G 64 33.01 40.17 7.26
C GLU G 64 33.20 40.95 5.98
N GLY G 65 32.37 40.67 5.01
CA GLY G 65 32.49 41.32 3.73
C GLY G 65 33.64 40.74 2.92
N THR G 66 34.19 39.62 3.38
CA THR G 66 35.27 38.92 2.70
C THR G 66 34.93 37.44 2.52
N TYR G 67 33.64 37.11 2.37
CA TYR G 67 33.20 35.71 2.35
C TYR G 67 32.07 35.51 1.34
N ALA G 68 32.47 35.26 0.12
CA ALA G 68 31.54 35.03 -0.98
C ALA G 68 30.92 33.66 -0.80
N PRO G 69 29.64 33.51 -1.13
CA PRO G 69 28.72 34.45 -1.67
C PRO G 69 27.75 34.91 -0.60
N PHE G 70 28.23 34.98 0.62
CA PHE G 70 27.43 35.30 1.79
C PHE G 70 27.55 36.77 2.15
N THR G 71 28.78 37.26 2.14
CA THR G 71 29.07 38.62 2.55
C THR G 71 30.36 39.02 1.88
N TYR G 72 30.21 39.66 0.74
CA TYR G 72 31.37 40.10 -0.04
C TYR G 72 31.11 41.41 -0.84
N HIS G 73 32.13 41.83 -1.58
CA HIS G 73 32.05 42.99 -2.45
C HIS G 73 32.02 42.48 -3.88
N ASP G 74 31.05 42.98 -4.63
CA ASP G 74 30.94 42.63 -6.02
C ASP G 74 31.90 43.45 -6.90
N LYS G 75 31.77 43.29 -8.22
CA LYS G 75 32.79 43.78 -9.15
C LYS G 75 32.85 45.29 -9.13
N ASP G 76 31.69 45.89 -8.88
CA ASP G 76 31.56 47.33 -8.72
C ASP G 76 32.00 47.82 -7.35
N GLY G 77 32.21 46.94 -6.38
CA GLY G 77 32.56 47.42 -5.02
C GLY G 77 31.41 47.36 -4.00
N LYS G 78 30.18 47.16 -4.46
CA LYS G 78 29.02 47.08 -3.59
C LYS G 78 29.04 45.91 -2.63
N LEU G 79 28.86 46.23 -1.35
CA LEU G 79 28.64 45.23 -0.34
C LEU G 79 27.39 44.45 -0.72
N THR G 80 27.54 43.12 -0.92
CA THR G 80 26.41 42.26 -1.29
C THR G 80 26.56 40.87 -0.68
N GLY G 81 25.84 39.89 -1.18
CA GLY G 81 25.93 38.51 -0.72
C GLY G 81 24.65 38.11 0.04
N TYR G 82 24.48 36.80 0.29
CA TYR G 82 23.21 36.30 0.84
C TYR G 82 22.86 36.88 2.22
N ASP G 83 23.83 36.95 3.12
CA ASP G 83 23.56 37.42 4.47
C ASP G 83 23.29 38.93 4.47
N VAL G 84 24.05 39.65 3.63
CA VAL G 84 23.92 41.07 3.53
C VAL G 84 22.53 41.47 3.01
N GLU G 85 22.03 40.75 1.99
CA GLU G 85 20.83 41.16 1.31
C GLU G 85 19.56 40.75 2.09
N VAL G 86 19.59 39.60 2.76
CA VAL G 86 18.58 39.27 3.84
C VAL G 86 18.44 40.40 4.88
N THR G 87 19.56 40.83 5.46
CA THR G 87 19.58 41.85 6.47
C THR G 87 19.02 43.20 5.96
N ARG G 88 19.39 43.61 4.75
CA ARG G 88 18.72 44.76 4.08
C ARG G 88 17.21 44.59 3.98
N ALA G 89 16.77 43.40 3.58
CA ALA G 89 15.36 43.11 3.43
C ALA G 89 14.60 43.02 4.80
N VAL G 90 15.27 42.61 5.86
CA VAL G 90 14.70 42.66 7.22
C VAL G 90 14.58 44.13 7.67
N ALA G 91 15.64 44.89 7.45
CA ALA G 91 15.59 46.32 7.76
C ALA G 91 14.38 47.00 7.13
N GLU G 92 14.12 46.66 5.87
CA GLU G 92 13.10 47.31 5.08
C GLU G 92 11.72 46.91 5.61
N LYS G 93 11.58 45.66 6.05
CA LYS G 93 10.30 45.25 6.65
C LYS G 93 10.00 46.02 7.93
N LEU G 94 11.04 46.32 8.70
CA LEU G 94 10.92 46.94 10.01
C LEU G 94 10.99 48.45 9.92
N GLY G 95 11.34 48.97 8.75
CA GLY G 95 11.39 50.42 8.56
C GLY G 95 12.65 51.11 9.06
N VAL G 96 13.66 50.34 9.49
CA VAL G 96 14.92 50.94 9.99
C VAL G 96 15.95 51.14 8.90
N LYS G 97 16.94 51.97 9.16
CA LYS G 97 18.11 52.07 8.30
C LYS G 97 19.13 51.13 8.89
N VAL G 98 19.88 50.45 8.03
CA VAL G 98 20.92 49.52 8.45
C VAL G 98 22.28 50.02 7.98
N GLU G 99 23.29 49.86 8.83
CA GLU G 99 24.68 50.19 8.56
C GLU G 99 25.59 48.97 8.83
N PHE G 100 26.33 48.52 7.80
CA PHE G 100 27.30 47.41 7.95
C PHE G 100 28.68 47.88 8.37
N LYS G 101 29.23 47.19 9.37
CA LYS G 101 30.57 47.41 9.91
C LYS G 101 31.39 46.15 9.58
N GLU G 102 32.32 46.30 8.66
CA GLU G 102 33.07 45.18 8.11
C GLU G 102 34.24 44.81 9.04
N THR G 103 34.26 43.59 9.56
CA THR G 103 35.23 43.17 10.58
C THR G 103 35.52 41.69 10.39
N GLN G 104 36.73 41.24 10.69
N GLN G 104 36.72 41.28 10.78
CA GLN G 104 37.01 39.80 10.59
CA GLN G 104 37.17 39.89 10.72
C GLN G 104 36.41 39.04 11.76
C GLN G 104 36.43 39.04 11.78
N TRP G 105 36.26 37.74 11.53
CA TRP G 105 35.41 36.86 12.34
C TRP G 105 35.61 36.89 13.87
N ASP G 106 36.86 36.82 14.32
CA ASP G 106 37.13 36.71 15.76
C ASP G 106 36.92 38.04 16.49
N SER G 107 37.19 39.12 15.77
CA SER G 107 36.80 40.45 16.20
C SER G 107 35.30 40.60 16.18
N MET G 108 34.64 39.83 15.32
CA MET G 108 33.21 40.10 15.06
C MET G 108 32.39 39.83 16.27
N MET G 109 32.60 38.67 16.90
CA MET G 109 31.86 38.32 18.12
C MET G 109 32.26 39.15 19.33
N ALA G 110 33.56 39.36 19.52
CA ALA G 110 34.03 40.24 20.58
C ALA G 110 33.36 41.60 20.36
N GLY G 111 33.32 42.04 19.10
CA GLY G 111 32.70 43.30 18.73
C GLY G 111 31.23 43.41 19.18
N LEU G 112 30.47 42.35 18.91
CA LEU G 112 29.10 42.24 19.37
C LEU G 112 29.01 42.33 20.90
N LYS G 113 29.83 41.53 21.57
CA LYS G 113 29.76 41.41 23.01
C LYS G 113 30.02 42.77 23.65
N ALA G 114 30.92 43.54 23.03
CA ALA G 114 31.38 44.81 23.55
C ALA G 114 30.60 46.01 23.05
N GLY G 115 29.51 45.79 22.35
CA GLY G 115 28.67 46.91 21.91
C GLY G 115 29.10 47.69 20.68
N ARG G 116 30.05 47.18 19.88
CA ARG G 116 30.41 47.85 18.59
C ARG G 116 29.28 47.88 17.54
N PHE G 117 28.39 46.89 17.56
CA PHE G 117 27.22 46.86 16.75
C PHE G 117 26.10 46.11 17.50
N ASP G 118 24.86 46.15 17.01
CA ASP G 118 23.72 45.47 17.67
C ASP G 118 23.54 44.01 17.32
N VAL G 119 23.90 43.66 16.11
CA VAL G 119 23.62 42.35 15.55
C VAL G 119 24.82 41.90 14.73
N VAL G 120 25.01 40.59 14.65
CA VAL G 120 25.89 40.07 13.66
C VAL G 120 25.17 39.24 12.59
N ALA G 121 25.61 39.36 11.32
CA ALA G 121 25.06 38.57 10.19
C ALA G 121 26.20 37.91 9.40
N ASN G 122 26.44 36.63 9.64
CA ASN G 122 27.63 35.99 9.06
C ASN G 122 27.64 34.47 9.15
N GLN G 123 26.57 33.85 8.65
CA GLN G 123 26.42 32.42 8.68
C GLN G 123 26.77 31.87 10.09
N VAL G 124 26.20 32.47 11.13
CA VAL G 124 26.44 32.02 12.51
C VAL G 124 25.28 31.13 12.95
N GLY G 125 25.61 29.91 13.32
CA GLY G 125 24.60 28.94 13.74
C GLY G 125 24.47 28.84 15.25
N LEU G 126 25.50 29.29 15.96
CA LEU G 126 25.48 29.34 17.42
C LEU G 126 25.25 27.96 18.01
N THR G 127 25.90 26.90 17.51
CA THR G 127 25.56 25.57 17.98
C THR G 127 26.22 25.24 19.35
N SER G 128 27.39 25.79 19.62
CA SER G 128 28.04 25.61 20.89
C SER G 128 27.10 26.03 22.06
N PRO G 129 26.75 25.06 22.94
CA PRO G 129 26.03 25.44 24.17
C PRO G 129 26.68 26.64 24.89
N GLU G 130 28.03 26.68 24.94
CA GLU G 130 28.78 27.80 25.52
C GLU G 130 28.50 29.12 24.81
N ARG G 131 28.33 29.12 23.49
CA ARG G 131 27.95 30.36 22.85
C ARG G 131 26.48 30.73 23.08
N GLN G 132 25.61 29.73 23.22
CA GLN G 132 24.19 30.01 23.44
C GLN G 132 23.96 30.81 24.78
N ALA G 133 24.90 30.77 25.73
CA ALA G 133 24.76 31.51 27.03
C ALA G 133 25.08 32.99 26.94
N THR G 134 25.75 33.41 25.87
CA THR G 134 26.17 34.77 25.72
C THR G 134 25.49 35.47 24.56
N PHE G 135 24.87 34.73 23.63
CA PHE G 135 24.17 35.34 22.51
C PHE G 135 22.85 34.65 22.22
N ASP G 136 21.91 35.42 21.70
CA ASP G 136 20.66 34.90 21.19
C ASP G 136 20.73 34.88 19.68
N LYS G 137 19.94 34.01 19.08
CA LYS G 137 19.85 33.88 17.64
C LYS G 137 18.39 34.01 17.20
N SER G 138 18.18 34.76 16.11
CA SER G 138 16.90 34.93 15.48
C SER G 138 16.43 33.67 14.79
N GLU G 139 15.19 33.67 14.33
CA GLU G 139 14.76 32.62 13.42
C GLU G 139 15.78 32.56 12.27
N PRO G 140 16.22 31.36 11.92
CA PRO G 140 17.19 31.29 10.86
C PRO G 140 16.68 31.75 9.53
N TYR G 141 17.52 32.48 8.84
CA TYR G 141 17.25 32.87 7.48
C TYR G 141 17.94 31.96 6.45
N SER G 142 18.60 30.88 6.86
CA SER G 142 19.10 29.88 5.91
C SER G 142 19.48 28.65 6.68
N TRP G 143 19.43 27.48 6.04
CA TRP G 143 19.76 26.17 6.66
C TRP G 143 20.75 25.39 5.80
N SER G 144 21.86 24.93 6.35
CA SER G 144 22.78 24.04 5.61
C SER G 144 23.01 22.76 6.37
N GLY G 145 23.57 21.78 5.68
CA GLY G 145 23.96 20.53 6.31
C GLY G 145 24.65 19.63 5.30
N ALA G 146 24.98 18.42 5.70
CA ALA G 146 25.78 17.55 4.85
C ALA G 146 25.00 17.13 3.61
N VAL G 147 25.72 17.01 2.49
CA VAL G 147 25.19 16.45 1.21
C VAL G 147 26.13 15.41 0.65
N LEU G 148 25.57 14.51 -0.14
CA LEU G 148 26.36 13.50 -0.84
C LEU G 148 26.32 13.80 -2.35
N VAL G 149 27.49 14.05 -2.94
CA VAL G 149 27.61 14.31 -4.39
C VAL G 149 28.15 13.05 -5.12
N ALA G 150 27.44 12.61 -6.14
CA ALA G 150 27.85 11.42 -6.91
C ALA G 150 27.72 11.68 -8.42
N HIS G 151 28.00 10.66 -9.22
CA HIS G 151 27.83 10.75 -10.67
C HIS G 151 26.33 10.86 -10.98
N ASN G 152 25.97 11.43 -12.14
CA ASN G 152 24.55 11.63 -12.53
C ASN G 152 23.74 10.34 -12.58
N ASP G 153 24.42 9.25 -12.94
CA ASP G 153 23.78 7.92 -13.12
C ASP G 153 23.83 7.03 -11.87
N SER G 154 24.83 7.29 -11.02
CA SER G 154 25.01 6.60 -9.73
C SER G 154 23.69 6.24 -9.10
N ASN G 155 23.64 5.12 -8.40
CA ASN G 155 22.43 4.72 -7.66
C ASN G 155 22.60 4.88 -6.15
N ILE G 156 23.63 5.62 -5.76
CA ILE G 156 23.82 6.03 -4.37
C ILE G 156 22.65 6.97 -4.06
N LYS G 157 21.95 6.73 -2.96
CA LYS G 157 20.99 7.71 -2.43
C LYS G 157 20.91 7.77 -0.90
N SER G 158 21.97 7.32 -0.23
CA SER G 158 22.04 7.37 1.22
C SER G 158 23.46 7.17 1.71
N ILE G 159 23.66 7.56 2.95
CA ILE G 159 24.91 7.38 3.62
C ILE G 159 25.26 5.92 3.78
N ALA G 160 24.30 5.12 4.24
CA ALA G 160 24.49 3.68 4.31
C ALA G 160 25.07 3.08 3.02
N ASP G 161 24.74 3.65 1.86
CA ASP G 161 25.24 3.13 0.58
C ASP G 161 26.73 3.46 0.28
N ILE G 162 27.42 4.30 1.03
CA ILE G 162 28.86 4.50 0.72
C ILE G 162 29.77 3.54 1.48
N LYS G 163 29.17 2.74 2.37
CA LYS G 163 29.84 1.60 2.99
C LYS G 163 30.61 0.83 1.93
N GLY G 164 31.95 0.87 2.03
CA GLY G 164 32.84 0.13 1.14
C GLY G 164 33.28 0.87 -0.10
N VAL G 165 32.68 2.04 -0.35
CA VAL G 165 32.83 2.74 -1.62
C VAL G 165 33.89 3.83 -1.60
N LYS G 166 34.64 4.00 -2.70
CA LYS G 166 35.63 5.08 -2.85
C LYS G 166 35.03 6.49 -2.73
N THR G 167 35.21 7.08 -1.55
CA THR G 167 34.73 8.41 -1.24
C THR G 167 35.93 9.36 -1.14
N ALA G 168 35.88 10.42 -1.94
CA ALA G 168 36.93 11.44 -2.06
C ALA G 168 36.81 12.50 -0.97
N GLN G 169 37.72 12.50 -0.01
CA GLN G 169 37.67 13.46 1.07
C GLN G 169 39.08 13.86 1.43
N SER G 170 39.20 15.08 1.98
CA SER G 170 40.43 15.42 2.67
C SER G 170 40.51 14.67 4.01
N LEU G 171 41.59 13.94 4.22
CA LEU G 171 41.77 13.07 5.37
C LEU G 171 41.71 13.74 6.74
N THR G 172 41.92 15.04 6.82
CA THR G 172 41.78 15.70 8.11
C THR G 172 40.54 16.61 8.24
N SER G 173 39.60 16.50 7.30
N SER G 173 39.70 16.58 7.22
CA SER G 173 38.36 17.32 7.20
CA SER G 173 38.48 17.34 7.20
C SER G 173 37.19 16.77 8.04
C SER G 173 37.44 16.61 8.02
N ASN G 174 36.20 17.60 8.43
N ASN G 174 36.44 17.37 8.48
CA ASN G 174 35.11 17.09 9.27
CA ASN G 174 35.32 16.81 9.25
C ASN G 174 34.35 16.00 8.45
C ASN G 174 34.51 15.86 8.40
N TYR G 175 34.27 16.26 7.15
CA TYR G 175 33.63 15.37 6.19
C TYR G 175 34.47 14.10 5.91
N GLY G 176 35.78 14.19 6.08
CA GLY G 176 36.67 13.03 6.09
C GLY G 176 36.32 12.07 7.21
N GLU G 177 36.19 12.60 8.41
CA GLU G 177 35.82 11.83 9.60
C GLU G 177 34.47 11.19 9.40
N LYS G 178 33.51 11.93 8.83
CA LYS G 178 32.16 11.35 8.63
C LYS G 178 32.17 10.17 7.62
N ALA G 179 32.92 10.31 6.53
CA ALA G 179 33.02 9.27 5.52
C ALA G 179 33.70 8.07 6.14
N LYS G 180 34.81 8.29 6.86
CA LYS G 180 35.46 7.15 7.59
C LYS G 180 34.51 6.46 8.56
N ALA G 181 33.77 7.22 9.35
CA ALA G 181 32.88 6.63 10.36
C ALA G 181 31.65 5.96 9.73
N ALA G 182 31.37 6.27 8.46
CA ALA G 182 30.25 5.64 7.74
C ALA G 182 30.71 4.42 6.93
N GLY G 183 31.99 4.08 7.06
CA GLY G 183 32.56 2.94 6.42
C GLY G 183 33.06 3.18 5.01
N ALA G 184 33.15 4.41 4.60
CA ALA G 184 33.71 4.67 3.29
C ALA G 184 35.21 4.31 3.21
N GLN G 185 35.67 4.08 2.00
CA GLN G 185 37.08 3.91 1.67
C GLN G 185 37.55 5.29 1.14
N LEU G 186 38.49 5.92 1.84
CA LEU G 186 38.83 7.31 1.56
C LEU G 186 39.85 7.49 0.43
N VAL G 187 39.49 8.27 -0.59
CA VAL G 187 40.47 8.66 -1.60
C VAL G 187 40.80 10.07 -1.23
N PRO G 188 42.08 10.33 -0.95
CA PRO G 188 42.52 11.61 -0.44
C PRO G 188 42.53 12.68 -1.50
N VAL G 189 41.83 13.78 -1.24
CA VAL G 189 41.99 15.03 -1.99
C VAL G 189 42.30 16.18 -1.00
N ASP G 190 42.50 17.40 -1.51
CA ASP G 190 42.77 18.58 -0.70
C ASP G 190 41.55 19.44 -0.49
N GLY G 191 40.50 19.23 -1.28
CA GLY G 191 39.31 20.11 -1.20
C GLY G 191 38.27 19.71 -2.25
N LEU G 192 37.20 20.51 -2.35
CA LEU G 192 36.02 20.14 -3.13
C LEU G 192 36.29 20.01 -4.63
N ALA G 193 37.07 20.92 -5.18
CA ALA G 193 37.31 20.89 -6.62
C ALA G 193 37.99 19.58 -6.93
N GLN G 194 38.98 19.21 -6.13
CA GLN G 194 39.71 18.01 -6.41
C GLN G 194 38.77 16.80 -6.25
N SER G 195 37.82 16.84 -5.32
CA SER G 195 36.94 15.66 -5.14
C SER G 195 36.05 15.50 -6.35
N LEU G 196 35.58 16.60 -6.91
CA LEU G 196 34.64 16.54 -8.05
C LEU G 196 35.31 16.06 -9.33
N THR G 197 36.50 16.59 -9.59
CA THR G 197 37.41 16.02 -10.58
C THR G 197 37.54 14.48 -10.45
N LEU G 198 37.75 14.03 -9.22
CA LEU G 198 37.98 12.61 -8.97
C LEU G 198 36.73 11.74 -9.31
N ILE G 199 35.55 12.26 -9.00
CA ILE G 199 34.30 11.57 -9.31
C ILE G 199 34.07 11.53 -10.83
N GLU G 200 34.36 12.65 -11.51
CA GLU G 200 34.29 12.72 -12.97
C GLU G 200 35.24 11.72 -13.68
N GLN G 201 36.47 11.60 -13.23
CA GLN G 201 37.40 10.62 -13.76
C GLN G 201 37.07 9.17 -13.34
N LYS G 202 35.94 8.95 -12.69
CA LYS G 202 35.57 7.63 -12.15
C LYS G 202 36.57 7.03 -11.13
N ARG G 203 37.44 7.87 -10.54
CA ARG G 203 38.42 7.37 -9.56
C ARG G 203 37.87 7.41 -8.15
N ALA G 204 36.75 8.08 -7.97
CA ALA G 204 35.96 7.97 -6.75
C ALA G 204 34.50 7.96 -7.17
N ASP G 205 33.65 7.40 -6.30
CA ASP G 205 32.23 7.26 -6.56
C ASP G 205 31.47 8.39 -5.89
N ALA G 206 32.03 9.02 -4.87
CA ALA G 206 31.22 10.04 -4.19
C ALA G 206 32.01 10.94 -3.25
N THR G 207 31.38 12.03 -2.82
CA THR G 207 31.98 12.87 -1.76
C THR G 207 30.92 13.44 -0.80
N LEU G 208 31.34 13.66 0.44
CA LEU G 208 30.47 14.30 1.44
C LEU G 208 30.95 15.74 1.57
N ASN G 209 30.03 16.69 1.61
CA ASN G 209 30.42 18.06 1.86
C ASN G 209 29.19 18.86 2.26
N ASP G 210 29.37 20.12 2.55
CA ASP G 210 28.31 21.00 3.03
C ASP G 210 27.44 21.43 1.87
N GLU G 211 26.12 21.46 2.07
CA GLU G 211 25.18 21.83 1.00
C GLU G 211 25.54 23.13 0.32
N LEU G 212 25.58 24.21 1.10
CA LEU G 212 25.70 25.53 0.50
C LEU G 212 27.02 25.65 -0.23
N ALA G 213 28.12 25.11 0.31
CA ALA G 213 29.37 25.13 -0.42
C ALA G 213 29.18 24.41 -1.79
N VAL G 214 28.53 23.25 -1.77
CA VAL G 214 28.35 22.50 -3.02
C VAL G 214 27.46 23.28 -4.02
N LEU G 215 26.33 23.76 -3.55
CA LEU G 215 25.42 24.46 -4.45
C LEU G 215 26.12 25.58 -5.23
N ASP G 216 27.06 26.26 -4.57
CA ASP G 216 27.71 27.49 -5.06
C ASP G 216 28.80 27.08 -6.02
N TYR G 217 29.38 25.90 -5.82
CA TYR G 217 30.41 25.40 -6.73
C TYR G 217 29.81 25.04 -8.08
N LEU G 218 28.66 24.39 -8.01
CA LEU G 218 27.85 24.01 -9.15
C LEU G 218 27.26 25.16 -9.94
N LYS G 219 26.78 26.18 -9.27
CA LYS G 219 26.25 27.35 -9.96
C LYS G 219 27.35 28.06 -10.77
N LYS G 220 28.54 28.09 -10.19
CA LYS G 220 29.70 28.71 -10.77
C LYS G 220 30.34 27.79 -11.81
N ASN G 221 30.37 26.47 -11.57
CA ASN G 221 30.92 25.45 -12.52
C ASN G 221 29.89 24.39 -12.93
N PRO G 222 28.99 24.73 -13.87
CA PRO G 222 28.01 23.76 -14.36
C PRO G 222 28.62 22.73 -15.31
N GLY G 225 29.24 17.27 -14.35
CA GLY G 225 28.58 15.95 -14.59
C GLY G 225 28.20 15.11 -13.35
N VAL G 226 27.98 15.78 -12.23
CA VAL G 226 27.72 15.12 -10.94
C VAL G 226 26.38 15.61 -10.42
N LYS G 227 25.89 15.05 -9.33
CA LYS G 227 24.77 15.69 -8.66
C LYS G 227 24.67 15.34 -7.19
N ILE G 228 23.86 16.15 -6.50
CA ILE G 228 23.52 15.89 -5.11
C ILE G 228 22.52 14.77 -5.10
N VAL G 229 22.92 13.61 -4.57
CA VAL G 229 22.05 12.42 -4.56
C VAL G 229 21.40 12.19 -3.20
N TRP G 230 21.92 12.87 -2.16
CA TRP G 230 21.40 12.78 -0.81
C TRP G 230 21.76 14.03 -0.02
N SER G 231 20.75 14.58 0.64
CA SER G 231 20.85 15.69 1.59
C SER G 231 20.37 15.20 2.96
N ALA G 232 21.07 15.61 4.02
CA ALA G 232 20.77 15.11 5.36
C ALA G 232 19.43 15.68 5.75
N PRO G 233 18.69 15.01 6.64
CA PRO G 233 17.33 15.43 6.98
C PRO G 233 17.32 16.67 7.86
N ALA G 234 16.12 17.21 8.01
CA ALA G 234 15.87 18.47 8.75
C ALA G 234 16.59 18.58 10.12
N ASP G 235 16.61 17.50 10.90
CA ASP G 235 17.15 17.56 12.25
C ASP G 235 18.66 17.43 12.31
N GLU G 236 19.30 17.16 11.17
CA GLU G 236 20.79 17.19 11.06
C GLU G 236 21.30 18.54 10.45
N LYS G 237 20.41 19.50 10.26
CA LYS G 237 20.73 20.75 9.62
C LYS G 237 21.01 21.88 10.62
N VAL G 238 21.91 22.78 10.27
CA VAL G 238 22.18 23.97 11.06
C VAL G 238 21.67 25.26 10.39
N GLY G 239 21.12 26.15 11.19
CA GLY G 239 20.29 27.26 10.72
C GLY G 239 21.04 28.50 11.11
N SER G 240 21.27 29.40 10.16
CA SER G 240 22.05 30.63 10.45
C SER G 240 21.07 31.76 10.74
N GLY G 241 21.30 32.49 11.82
CA GLY G 241 20.42 33.64 12.16
C GLY G 241 21.10 34.95 12.52
N LEU G 242 20.30 36.01 12.66
CA LEU G 242 20.79 37.27 13.24
C LEU G 242 21.06 37.02 14.71
N ILE G 243 22.31 37.23 15.13
CA ILE G 243 22.84 37.03 16.46
C ILE G 243 22.89 38.41 17.15
N VAL G 244 22.41 38.47 18.39
CA VAL G 244 22.31 39.70 19.15
C VAL G 244 22.75 39.33 20.50
N ASN G 245 23.11 40.33 21.29
CA ASN G 245 23.39 40.12 22.72
C ASN G 245 22.19 39.71 23.56
N LYS G 246 22.47 39.04 24.69
CA LYS G 246 21.44 38.61 25.66
C LYS G 246 20.61 39.78 26.08
N GLY G 247 19.32 39.51 26.24
CA GLY G 247 18.43 40.45 26.91
C GLY G 247 17.85 41.44 25.97
N ASN G 248 17.71 41.04 24.72
CA ASN G 248 17.13 41.87 23.68
C ASN G 248 16.03 40.99 23.05
N ASP G 249 15.21 40.36 23.89
CA ASP G 249 14.23 39.38 23.45
C ASP G 249 13.20 40.00 22.54
N GLU G 250 12.89 41.26 22.77
CA GLU G 250 11.84 41.95 22.02
C GLU G 250 12.32 42.19 20.60
N ALA G 251 13.54 42.65 20.45
CA ALA G 251 14.13 42.93 19.13
C ALA G 251 14.34 41.62 18.35
N VAL G 252 14.60 40.54 19.07
CA VAL G 252 14.86 39.26 18.43
C VAL G 252 13.59 38.74 17.89
N ALA G 253 12.53 38.93 18.66
CA ALA G 253 11.20 38.59 18.17
C ALA G 253 10.87 39.37 16.88
N LYS G 254 11.12 40.68 16.88
CA LYS G 254 10.88 41.52 15.68
C LYS G 254 11.68 41.00 14.48
N PHE G 255 12.96 40.69 14.69
CA PHE G 255 13.82 40.13 13.61
C PHE G 255 13.30 38.82 13.01
N SER G 256 12.99 37.88 13.90
CA SER G 256 12.32 36.64 13.53
C SER G 256 10.98 36.87 12.83
N THR G 257 10.12 37.71 13.39
CA THR G 257 8.85 37.95 12.72
C THR G 257 9.12 38.37 11.29
N ALA G 258 10.10 39.27 11.10
CA ALA G 258 10.47 39.81 9.78
C ALA G 258 11.03 38.78 8.83
N ILE G 259 11.81 37.85 9.35
CA ILE G 259 12.36 36.76 8.55
C ILE G 259 11.29 35.82 8.10
N ASN G 260 10.39 35.45 9.01
CA ASN G 260 9.23 34.61 8.64
C ASN G 260 8.34 35.27 7.59
N GLU G 261 8.24 36.60 7.66
CA GLU G 261 7.51 37.38 6.65
C GLU G 261 8.24 37.30 5.30
N LEU G 262 9.57 37.38 5.33
CA LEU G 262 10.35 37.35 4.12
C LEU G 262 10.33 35.92 3.53
N LYS G 263 10.17 34.94 4.41
CA LYS G 263 9.97 33.54 4.05
C LYS G 263 8.62 33.33 3.38
N ALA G 264 7.55 33.89 3.97
CA ALA G 264 6.18 33.79 3.42
C ALA G 264 5.93 34.69 2.19
N ASP G 265 6.60 35.84 2.05
CA ASP G 265 6.36 36.67 0.86
C ASP G 265 7.22 36.25 -0.35
N GLY G 266 8.01 35.19 -0.18
CA GLY G 266 8.83 34.66 -1.25
C GLY G 266 10.18 35.33 -1.43
N THR G 267 10.55 36.27 -0.58
CA THR G 267 11.83 36.99 -0.71
C THR G 267 13.07 36.15 -0.34
N LEU G 268 12.98 35.29 0.65
CA LEU G 268 14.09 34.45 0.93
C LEU G 268 14.32 33.49 -0.26
N LYS G 269 13.25 33.09 -0.95
CA LYS G 269 13.36 32.16 -2.04
C LYS G 269 14.10 32.83 -3.19
N LYS G 270 13.66 34.04 -3.49
CA LYS G 270 14.29 34.87 -4.52
C LYS G 270 15.78 34.91 -4.24
N LEU G 271 16.14 35.23 -3.00
CA LEU G 271 17.55 35.44 -2.67
C LEU G 271 18.38 34.14 -2.72
N GLY G 272 17.76 33.00 -2.44
CA GLY G 272 18.44 31.74 -2.45
C GLY G 272 18.76 31.45 -3.90
N GLU G 273 17.74 31.60 -4.74
CA GLU G 273 17.89 31.48 -6.18
C GLU G 273 19.05 32.32 -6.75
N GLN G 274 19.16 33.57 -6.32
CA GLN G 274 20.20 34.46 -6.82
C GLN G 274 21.61 33.99 -6.47
N PHE G 275 21.79 33.46 -5.26
CA PHE G 275 23.16 33.14 -4.76
C PHE G 275 23.54 31.68 -4.87
N PHE G 276 22.56 30.79 -4.88
CA PHE G 276 22.76 29.36 -4.77
C PHE G 276 21.94 28.55 -5.78
N GLY G 277 21.03 29.19 -6.51
CA GLY G 277 20.19 28.51 -7.46
C GLY G 277 19.07 27.73 -6.81
N LYS G 278 18.87 27.94 -5.51
CA LYS G 278 17.92 27.13 -4.73
C LYS G 278 17.46 27.89 -3.50
N ASP G 279 16.25 27.58 -3.03
CA ASP G 279 15.77 28.11 -1.81
C ASP G 279 16.61 27.43 -0.75
N ILE G 280 17.21 28.20 0.14
CA ILE G 280 17.90 27.58 1.25
C ILE G 280 17.25 27.98 2.57
N SER G 281 16.10 28.65 2.50
CA SER G 281 15.46 29.11 3.71
C SER G 281 14.62 28.03 4.40
N VAL G 282 14.37 26.91 3.75
CA VAL G 282 13.55 25.85 4.37
C VAL G 282 14.40 24.70 4.92
N GLN G 283 14.19 24.39 6.21
CA GLN G 283 14.93 23.35 6.93
C GLN G 283 14.73 22.01 6.23
N SER H 46 60.40 25.98 19.92
CA SER H 46 61.11 26.19 18.63
C SER H 46 61.10 24.90 17.80
N GLY H 47 60.86 25.03 16.52
CA GLY H 47 60.60 23.86 15.70
C GLY H 47 59.13 23.77 15.47
N SER H 48 58.75 23.10 14.40
CA SER H 48 57.39 22.89 14.07
C SER H 48 56.73 21.94 15.07
N LEU H 49 55.42 21.98 15.07
CA LEU H 49 54.61 21.15 15.94
C LEU H 49 54.96 19.67 15.69
N ILE H 50 55.07 19.24 14.43
CA ILE H 50 55.33 17.81 14.16
C ILE H 50 56.72 17.43 14.64
N GLU H 51 57.67 18.33 14.49
CA GLU H 51 59.02 18.06 14.97
C GLU H 51 58.98 17.80 16.46
N ARG H 52 58.25 18.62 17.21
CA ARG H 52 58.22 18.50 18.68
C ARG H 52 57.45 17.28 19.13
N ILE H 53 56.35 16.96 18.45
CA ILE H 53 55.63 15.71 18.69
C ILE H 53 56.50 14.50 18.44
N ASN H 54 57.37 14.52 17.42
CA ASN H 54 58.18 13.34 17.09
C ASN H 54 59.42 13.23 17.95
N ASN H 55 59.80 14.33 18.62
CA ASN H 55 61.10 14.39 19.32
C ASN H 55 61.02 14.84 20.78
N LYS H 56 59.95 14.44 21.43
CA LYS H 56 59.73 14.62 22.89
C LYS H 56 59.84 16.08 23.36
N GLY H 57 59.27 17.01 22.61
CA GLY H 57 59.34 18.42 22.92
C GLY H 57 58.13 18.85 23.68
N THR H 58 57.87 20.15 23.69
CA THR H 58 56.77 20.73 24.47
C THR H 58 55.74 21.26 23.50
N VAL H 59 54.47 20.94 23.76
CA VAL H 59 53.32 21.42 23.02
C VAL H 59 52.51 22.37 23.91
N THR H 60 52.07 23.47 23.35
CA THR H 60 51.34 24.44 24.14
C THR H 60 49.91 24.42 23.68
N VAL H 61 49.00 24.53 24.67
CA VAL H 61 47.58 24.32 24.48
C VAL H 61 46.76 25.46 25.10
N GLY H 62 45.91 26.08 24.30
CA GLY H 62 44.99 27.08 24.77
C GLY H 62 43.70 26.46 25.29
N THR H 63 43.20 27.01 26.38
CA THR H 63 41.99 26.54 27.02
C THR H 63 41.55 27.63 28.01
N GLU H 64 40.28 27.71 28.33
CA GLU H 64 39.81 28.81 29.19
C GLU H 64 40.20 28.72 30.66
N GLY H 65 40.02 27.55 31.27
CA GLY H 65 40.20 27.35 32.71
C GLY H 65 39.09 27.90 33.58
N THR H 66 37.99 28.37 32.96
CA THR H 66 36.88 28.98 33.66
C THR H 66 35.54 28.36 33.23
N TYR H 67 35.57 27.15 32.69
CA TYR H 67 34.37 26.50 32.16
C TYR H 67 34.25 25.07 32.67
N ALA H 68 33.67 24.92 33.87
CA ALA H 68 33.47 23.62 34.51
C ALA H 68 32.38 22.87 33.76
N PRO H 69 32.52 21.55 33.64
CA PRO H 69 33.59 20.65 34.05
C PRO H 69 34.59 20.33 32.90
N PHE H 70 34.82 21.26 31.99
CA PHE H 70 35.60 21.00 30.79
C PHE H 70 37.04 21.49 30.96
N THR H 71 37.18 22.63 31.61
CA THR H 71 38.45 23.31 31.77
C THR H 71 38.25 24.33 32.89
N TYR H 72 38.68 23.95 34.10
CA TYR H 72 38.44 24.70 35.33
C TYR H 72 39.49 24.42 36.39
N HIS H 73 39.50 25.21 37.45
CA HIS H 73 40.44 25.00 38.55
C HIS H 73 39.69 24.35 39.68
N ASP H 74 40.23 23.30 40.26
CA ASP H 74 39.52 22.56 41.30
C ASP H 74 39.69 23.27 42.62
N LYS H 75 39.14 22.72 43.68
CA LYS H 75 39.23 23.35 45.00
C LYS H 75 40.67 23.66 45.49
N ASP H 76 41.68 22.89 45.05
CA ASP H 76 43.09 23.19 45.40
C ASP H 76 43.81 24.10 44.41
N GLY H 77 43.09 24.63 43.41
CA GLY H 77 43.70 25.52 42.40
C GLY H 77 44.22 24.84 41.11
N LYS H 78 44.09 23.53 41.00
CA LYS H 78 44.73 22.78 39.94
C LYS H 78 43.87 22.87 38.68
N LEU H 79 44.49 23.20 37.56
CA LEU H 79 43.77 23.17 36.30
C LEU H 79 43.43 21.68 35.97
N THR H 80 42.16 21.42 35.73
CA THR H 80 41.67 20.11 35.42
C THR H 80 40.37 20.24 34.57
N GLY H 81 39.59 19.17 34.54
CA GLY H 81 38.41 19.15 33.69
C GLY H 81 38.64 18.19 32.54
N TYR H 82 37.55 17.76 31.92
CA TYR H 82 37.58 16.73 30.90
C TYR H 82 38.51 17.06 29.70
N ASP H 83 38.44 18.25 29.16
CA ASP H 83 39.26 18.57 28.02
C ASP H 83 40.75 18.62 28.38
N VAL H 84 41.02 19.11 29.56
CA VAL H 84 42.37 19.27 30.05
C VAL H 84 42.99 17.89 30.33
N GLU H 85 42.24 17.00 30.95
CA GLU H 85 42.82 15.72 31.33
C GLU H 85 42.97 14.87 30.08
N VAL H 86 42.05 14.96 29.14
CA VAL H 86 42.25 14.32 27.84
C VAL H 86 43.51 14.80 27.19
N THR H 87 43.77 16.11 27.28
CA THR H 87 44.99 16.63 26.69
C THR H 87 46.27 16.15 27.36
N ARG H 88 46.27 16.02 28.68
CA ARG H 88 47.41 15.42 29.39
C ARG H 88 47.60 13.96 29.01
N ALA H 89 46.52 13.22 28.89
CA ALA H 89 46.64 11.82 28.51
C ALA H 89 47.16 11.67 27.03
N VAL H 90 46.71 12.55 26.12
CA VAL H 90 47.25 12.59 24.75
C VAL H 90 48.76 12.95 24.75
N ALA H 91 49.13 13.95 25.53
CA ALA H 91 50.54 14.30 25.66
C ALA H 91 51.36 13.11 26.20
N GLU H 92 50.79 12.37 27.16
CA GLU H 92 51.49 11.19 27.67
C GLU H 92 51.66 10.03 26.65
N LYS H 93 50.67 9.79 25.81
CA LYS H 93 50.77 8.84 24.72
C LYS H 93 51.80 9.23 23.67
N LEU H 94 51.83 10.50 23.29
CA LEU H 94 52.80 11.01 22.33
C LEU H 94 54.23 11.16 22.89
N GLY H 95 54.36 11.19 24.22
CA GLY H 95 55.66 11.42 24.86
C GLY H 95 56.10 12.87 24.86
N VAL H 96 55.19 13.81 24.78
CA VAL H 96 55.56 15.22 24.85
C VAL H 96 55.16 15.86 26.17
N LYS H 97 55.75 17.02 26.40
CA LYS H 97 55.42 17.80 27.55
C LYS H 97 54.34 18.74 27.08
N VAL H 98 53.39 19.05 27.95
CA VAL H 98 52.28 19.96 27.60
C VAL H 98 52.22 21.16 28.56
N GLU H 99 52.03 22.36 28.03
CA GLU H 99 51.88 23.56 28.86
C GLU H 99 50.54 24.21 28.47
N PHE H 100 49.71 24.48 29.45
CA PHE H 100 48.44 25.10 29.17
C PHE H 100 48.57 26.61 29.27
N LYS H 101 47.95 27.28 28.30
CA LYS H 101 47.94 28.74 28.23
C LYS H 101 46.51 29.23 28.40
N GLU H 102 46.16 29.65 29.62
CA GLU H 102 44.75 29.95 29.94
C GLU H 102 44.41 31.28 29.32
N THR H 103 43.33 31.29 28.59
CA THR H 103 43.05 32.36 27.68
C THR H 103 41.54 32.61 27.63
N GLN H 104 41.15 33.86 27.57
CA GLN H 104 39.74 34.15 27.46
C GLN H 104 39.18 33.68 26.11
N TRP H 105 38.00 33.12 26.12
CA TRP H 105 37.44 32.58 24.86
C TRP H 105 37.55 33.54 23.65
N ASP H 106 37.16 34.81 23.83
CA ASP H 106 37.22 35.80 22.74
C ASP H 106 38.59 35.93 22.09
N SER H 107 39.67 35.58 22.75
CA SER H 107 40.96 35.73 22.08
C SER H 107 41.60 34.40 21.79
N MET H 108 40.80 33.34 21.87
CA MET H 108 41.34 32.00 21.79
C MET H 108 41.67 31.54 20.38
N MET H 109 40.74 31.72 19.46
CA MET H 109 40.99 31.29 18.11
C MET H 109 41.95 32.23 17.38
N ALA H 110 41.84 33.53 17.61
CA ALA H 110 42.81 34.48 17.08
C ALA H 110 44.20 34.09 17.57
N GLY H 111 44.30 33.71 18.85
CA GLY H 111 45.57 33.31 19.43
C GLY H 111 46.20 32.09 18.74
N LEU H 112 45.36 31.11 18.44
CA LEU H 112 45.81 29.92 17.75
C LEU H 112 46.38 30.40 16.38
N LYS H 113 45.58 31.16 15.66
CA LYS H 113 45.95 31.64 14.35
C LYS H 113 47.26 32.42 14.37
N ALA H 114 47.45 33.20 15.42
CA ALA H 114 48.66 34.01 15.53
C ALA H 114 49.81 33.22 16.12
N GLY H 115 49.63 31.95 16.42
CA GLY H 115 50.74 31.10 16.91
C GLY H 115 51.12 31.28 18.35
N ARG H 116 50.22 31.84 19.17
CA ARG H 116 50.43 31.94 20.62
C ARG H 116 50.38 30.61 21.35
N PHE H 117 49.71 29.62 20.77
CA PHE H 117 49.85 28.22 21.23
C PHE H 117 49.67 27.28 20.06
N ASP H 118 50.08 26.02 20.22
CA ASP H 118 49.97 25.04 19.13
C ASP H 118 48.57 24.53 18.86
N VAL H 119 47.72 24.45 19.91
CA VAL H 119 46.46 23.73 19.89
C VAL H 119 45.40 24.38 20.82
N VAL H 120 44.13 24.16 20.51
CA VAL H 120 43.05 24.59 21.37
C VAL H 120 42.25 23.36 21.86
N ALA H 121 42.05 23.24 23.20
CA ALA H 121 41.24 22.19 23.78
C ALA H 121 40.15 22.85 24.62
N ASN H 122 38.96 23.01 24.04
CA ASN H 122 37.92 23.81 24.68
C ASN H 122 36.57 23.58 24.09
N GLN H 123 36.17 22.34 24.00
CA GLN H 123 34.85 21.97 23.49
C GLN H 123 34.54 22.63 22.13
N VAL H 124 35.53 22.62 21.24
CA VAL H 124 35.36 23.28 19.96
C VAL H 124 34.94 22.25 18.95
N GLY H 125 33.73 22.41 18.43
CA GLY H 125 33.17 21.54 17.38
C GLY H 125 33.51 21.92 15.90
N LEU H 126 33.83 23.19 15.66
CA LEU H 126 34.24 23.61 14.35
C LEU H 126 33.13 23.22 13.36
N THR H 127 31.88 23.50 13.74
CA THR H 127 30.76 23.12 12.88
C THR H 127 30.53 24.07 11.69
N SER H 128 31.03 25.30 11.78
CA SER H 128 30.93 26.23 10.66
C SER H 128 31.82 25.81 9.46
N PRO H 129 31.25 25.69 8.26
CA PRO H 129 32.10 25.41 7.06
C PRO H 129 33.23 26.40 6.83
N GLU H 130 32.94 27.66 7.06
CA GLU H 130 33.94 28.71 6.95
C GLU H 130 35.13 28.52 7.86
N ARG H 131 34.88 28.11 9.11
CA ARG H 131 35.95 27.95 10.09
C ARG H 131 36.71 26.66 9.82
N GLN H 132 36.02 25.67 9.25
CA GLN H 132 36.70 24.45 8.74
C GLN H 132 37.73 24.77 7.68
N ALA H 133 37.65 25.91 7.05
CA ALA H 133 38.65 26.29 6.07
C ALA H 133 39.87 26.93 6.70
N THR H 134 39.78 27.33 7.97
CA THR H 134 40.90 28.03 8.64
C THR H 134 41.66 27.11 9.60
N PHE H 135 40.97 26.12 10.15
CA PHE H 135 41.55 25.27 11.20
C PHE H 135 41.22 23.81 10.93
N ASP H 136 42.00 22.90 11.50
CA ASP H 136 41.71 21.48 11.43
C ASP H 136 41.36 21.01 12.80
N LYS H 137 40.60 19.92 12.87
CA LYS H 137 40.11 19.31 14.12
C LYS H 137 40.49 17.87 14.17
N SER H 138 41.06 17.42 15.27
CA SER H 138 41.36 15.97 15.45
C SER H 138 40.04 15.17 15.51
N GLU H 139 40.17 13.85 15.43
CA GLU H 139 39.14 12.90 15.89
C GLU H 139 38.60 13.36 17.24
N PRO H 140 37.29 13.42 17.38
CA PRO H 140 36.81 13.98 18.60
C PRO H 140 37.09 13.13 19.80
N TYR H 141 37.33 13.80 20.94
CA TYR H 141 37.47 13.14 22.24
C TYR H 141 36.18 13.15 23.06
N SER H 142 35.16 13.87 22.63
CA SER H 142 33.83 13.83 23.24
C SER H 142 32.76 14.15 22.20
N TRP H 143 31.56 13.60 22.39
CA TRP H 143 30.42 13.80 21.52
C TRP H 143 29.24 14.21 22.35
N SER H 144 28.41 15.10 21.82
CA SER H 144 27.22 15.54 22.53
C SER H 144 26.12 15.90 21.59
N GLY H 145 24.88 15.83 22.07
CA GLY H 145 23.69 16.06 21.26
C GLY H 145 22.57 16.42 22.17
N ALA H 146 21.39 16.69 21.61
CA ALA H 146 20.21 17.04 22.39
C ALA H 146 19.75 15.85 23.23
N VAL H 147 19.25 16.14 24.43
CA VAL H 147 18.57 15.12 25.22
C VAL H 147 17.26 15.71 25.72
N LEU H 148 16.28 14.85 25.95
CA LEU H 148 15.01 15.26 26.56
C LEU H 148 15.02 14.83 28.02
N VAL H 149 14.84 15.81 28.90
CA VAL H 149 14.85 15.58 30.33
C VAL H 149 13.41 15.74 30.85
N ALA H 150 12.97 14.79 31.66
CA ALA H 150 11.65 14.86 32.30
C ALA H 150 11.67 14.16 33.66
N HIS H 151 10.54 14.21 34.36
CA HIS H 151 10.44 13.58 35.69
C HIS H 151 10.81 12.10 35.68
N ASN H 152 11.32 11.62 36.81
CA ASN H 152 11.73 10.21 36.98
C ASN H 152 10.69 9.15 36.56
N ASP H 153 9.41 9.52 36.65
CA ASP H 153 8.29 8.60 36.40
C ASP H 153 7.41 9.02 35.22
N SER H 154 7.94 9.90 34.36
CA SER H 154 7.24 10.34 33.15
C SER H 154 6.99 9.16 32.18
N ASN H 155 5.93 9.27 31.39
CA ASN H 155 5.69 8.35 30.29
C ASN H 155 6.42 8.82 29.01
N ILE H 156 6.87 10.08 29.02
CA ILE H 156 7.54 10.68 27.87
C ILE H 156 8.81 9.92 27.56
N LYS H 157 8.95 9.49 26.31
CA LYS H 157 10.17 8.81 25.84
C LYS H 157 10.50 9.14 24.38
N SER H 158 10.04 10.28 23.89
CA SER H 158 10.32 10.68 22.50
C SER H 158 9.98 12.13 22.21
N ILE H 159 10.59 12.65 21.13
CA ILE H 159 10.27 13.98 20.59
C ILE H 159 8.81 14.00 20.11
N ALA H 160 8.34 12.87 19.58
CA ALA H 160 6.93 12.73 19.19
C ALA H 160 6.01 12.90 20.39
N ASP H 161 6.43 12.41 21.55
CA ASP H 161 5.58 12.39 22.77
C ASP H 161 5.48 13.75 23.49
N ILE H 162 6.10 14.80 22.95
CA ILE H 162 5.99 16.13 23.55
C ILE H 162 5.01 17.03 22.77
N LYS H 163 4.24 16.42 21.87
CA LYS H 163 3.16 17.14 21.17
C LYS H 163 2.21 17.75 22.19
N GLY H 164 2.16 19.08 22.22
CA GLY H 164 1.32 19.83 23.15
C GLY H 164 1.60 19.57 24.62
N VAL H 165 2.87 19.75 25.00
CA VAL H 165 3.30 19.50 26.38
C VAL H 165 4.05 20.70 26.95
N LYS H 166 3.83 20.99 28.23
CA LYS H 166 4.56 22.06 28.91
C LYS H 166 6.05 21.71 28.88
N THR H 167 6.85 22.50 28.16
CA THR H 167 8.29 22.24 28.00
C THR H 167 9.08 23.53 28.17
N ALA H 168 9.95 23.59 29.16
CA ALA H 168 10.71 24.80 29.47
C ALA H 168 11.92 25.01 28.55
N GLN H 169 11.91 26.11 27.79
CA GLN H 169 13.05 26.47 26.92
C GLN H 169 13.38 27.95 26.96
N SER H 170 14.50 28.30 26.36
CA SER H 170 14.76 29.68 25.97
C SER H 170 14.31 29.83 24.52
N LEU H 171 13.41 30.77 24.27
CA LEU H 171 12.84 30.96 22.93
C LEU H 171 13.91 31.19 21.85
N THR H 172 15.03 31.77 22.25
CA THR H 172 16.05 32.22 21.30
C THR H 172 17.30 31.30 21.28
N SER H 173 17.05 30.00 21.53
CA SER H 173 18.10 28.97 21.54
C SER H 173 17.81 27.88 20.50
N ASN H 174 18.85 27.11 20.20
CA ASN H 174 18.75 26.00 19.26
C ASN H 174 17.67 25.04 19.68
N TYR H 175 17.58 24.81 20.98
CA TYR H 175 16.62 23.83 21.57
C TYR H 175 15.20 24.39 21.59
N GLY H 176 15.08 25.71 21.73
CA GLY H 176 13.78 26.39 21.61
C GLY H 176 13.21 26.27 20.20
N GLU H 177 14.11 26.31 19.21
CA GLU H 177 13.78 26.05 17.80
C GLU H 177 13.28 24.60 17.63
N LYS H 178 13.99 23.64 18.22
CA LYS H 178 13.67 22.21 18.09
C LYS H 178 12.38 21.83 18.84
N ALA H 179 12.17 22.39 20.03
CA ALA H 179 10.96 22.14 20.83
C ALA H 179 9.72 22.61 20.10
N LYS H 180 9.79 23.82 19.55
CA LYS H 180 8.68 24.42 18.81
C LYS H 180 8.32 23.60 17.55
N ALA H 181 9.35 23.20 16.80
CA ALA H 181 9.20 22.38 15.59
C ALA H 181 8.57 21.02 15.84
N ALA H 182 8.67 20.54 17.08
CA ALA H 182 8.07 19.28 17.51
C ALA H 182 6.62 19.49 17.97
N GLY H 183 6.15 20.74 17.92
CA GLY H 183 4.77 21.07 18.28
C GLY H 183 4.53 21.17 19.77
N ALA H 184 5.56 21.57 20.51
CA ALA H 184 5.52 21.61 21.96
C ALA H 184 4.91 22.91 22.49
N GLN H 185 4.33 22.84 23.69
CA GLN H 185 3.79 24.01 24.37
C GLN H 185 4.89 24.68 25.17
N LEU H 186 5.48 25.71 24.58
CA LEU H 186 6.69 26.32 25.12
C LEU H 186 6.47 27.21 26.34
N VAL H 187 7.35 27.05 27.33
CA VAL H 187 7.41 27.88 28.53
C VAL H 187 8.76 28.63 28.56
N PRO H 188 8.74 29.97 28.70
CA PRO H 188 9.97 30.76 28.56
C PRO H 188 10.85 30.79 29.80
N VAL H 189 12.16 30.58 29.61
CA VAL H 189 13.13 30.60 30.72
C VAL H 189 14.53 30.95 30.16
N ASP H 190 15.36 31.55 31.01
CA ASP H 190 16.71 32.04 30.59
C ASP H 190 17.76 30.97 30.26
N GLY H 191 17.76 29.85 31.00
CA GLY H 191 18.77 28.80 30.81
C GLY H 191 18.40 27.42 31.32
N LEU H 192 19.41 26.55 31.44
CA LEU H 192 19.21 25.14 31.82
C LEU H 192 18.93 24.99 33.31
N ALA H 193 19.71 25.71 34.11
CA ALA H 193 19.53 25.69 35.56
C ALA H 193 18.04 25.92 35.87
N GLN H 194 17.51 27.02 35.36
CA GLN H 194 16.11 27.38 35.61
C GLN H 194 15.16 26.34 35.02
N SER H 195 15.43 25.89 33.80
CA SER H 195 14.57 24.89 33.14
C SER H 195 14.36 23.65 34.01
N LEU H 196 15.41 23.26 34.72
CA LEU H 196 15.38 22.09 35.59
C LEU H 196 14.60 22.34 36.90
N THR H 197 14.65 23.57 37.41
CA THR H 197 13.88 23.92 38.60
C THR H 197 12.38 24.00 38.28
N LEU H 198 12.04 24.63 37.16
CA LEU H 198 10.65 24.74 36.71
C LEU H 198 9.99 23.37 36.59
N ILE H 199 10.73 22.40 36.04
CA ILE H 199 10.25 21.02 36.02
C ILE H 199 10.10 20.53 37.44
N GLU H 200 11.20 20.58 38.18
CA GLU H 200 11.24 20.08 39.55
C GLU H 200 10.10 20.63 40.40
N GLN H 201 9.64 21.86 40.08
CA GLN H 201 8.48 22.48 40.75
C GLN H 201 7.17 22.34 39.95
N LYS H 202 7.08 21.25 39.15
CA LYS H 202 5.85 20.87 38.44
C LYS H 202 5.14 21.99 37.66
N ARG H 203 5.92 22.88 37.03
CA ARG H 203 5.40 23.93 36.14
C ARG H 203 5.64 23.62 34.65
N ALA H 204 6.62 22.77 34.36
CA ALA H 204 6.80 22.20 33.04
C ALA H 204 7.03 20.71 33.19
N ASP H 205 6.80 19.96 32.12
CA ASP H 205 6.94 18.51 32.12
C ASP H 205 8.29 18.03 31.51
N ALA H 206 8.89 18.84 30.66
CA ALA H 206 10.11 18.44 29.95
C ALA H 206 11.04 19.61 29.62
N THR H 207 12.24 19.27 29.19
CA THR H 207 13.12 20.23 28.55
C THR H 207 14.12 19.54 27.63
N LEU H 208 14.51 20.24 26.56
CA LEU H 208 15.57 19.80 25.67
C LEU H 208 16.80 20.60 26.00
N ASN H 209 17.92 19.92 26.14
CA ASN H 209 19.20 20.59 26.29
C ASN H 209 20.32 19.67 25.85
N ASP H 210 21.55 20.14 26.05
CA ASP H 210 22.75 19.43 25.66
C ASP H 210 23.09 18.27 26.61
N GLU H 211 23.44 17.14 26.02
CA GLU H 211 23.74 15.93 26.78
C GLU H 211 24.77 16.19 27.88
N LEU H 212 25.86 16.87 27.52
CA LEU H 212 26.94 16.96 28.47
C LEU H 212 26.57 17.87 29.61
N ALA H 213 25.88 18.98 29.33
CA ALA H 213 25.56 19.94 30.37
C ALA H 213 24.59 19.28 31.34
N VAL H 214 23.68 18.47 30.80
CA VAL H 214 22.70 17.74 31.61
C VAL H 214 23.39 16.67 32.42
N LEU H 215 24.30 15.90 31.80
CA LEU H 215 25.01 14.85 32.55
C LEU H 215 25.78 15.43 33.73
N ASP H 216 26.42 16.57 33.51
CA ASP H 216 27.14 17.29 34.56
C ASP H 216 26.20 17.73 35.73
N TYR H 217 24.98 18.17 35.39
CA TYR H 217 23.99 18.57 36.39
C TYR H 217 23.50 17.39 37.22
N LEU H 218 23.22 16.28 36.55
CA LEU H 218 22.82 15.05 37.23
C LEU H 218 23.92 14.50 38.13
N LYS H 219 25.16 14.47 37.65
CA LYS H 219 26.28 14.10 38.53
C LYS H 219 26.36 14.97 39.79
N LYS H 220 26.19 16.29 39.64
CA LYS H 220 26.40 17.24 40.74
C LYS H 220 25.26 17.18 41.77
N ASN H 221 24.01 17.20 41.29
CA ASN H 221 22.81 17.10 42.11
C ASN H 221 21.98 15.88 41.70
N PRO H 222 22.31 14.70 42.24
CA PRO H 222 21.70 13.45 41.78
C PRO H 222 20.36 13.08 42.46
N ASN H 223 19.69 14.02 43.11
CA ASN H 223 18.36 13.77 43.66
C ASN H 223 17.36 14.80 43.12
N VAL H 226 14.67 14.03 38.37
CA VAL H 226 14.53 14.09 36.91
C VAL H 226 15.67 13.34 36.20
N LYS H 227 15.45 13.03 34.94
CA LYS H 227 16.44 12.28 34.18
C LYS H 227 16.25 12.34 32.68
N ILE H 228 17.27 11.83 31.98
CA ILE H 228 17.25 11.76 30.53
C ILE H 228 16.29 10.65 30.13
N VAL H 229 15.32 10.99 29.29
CA VAL H 229 14.33 10.04 28.76
C VAL H 229 14.43 9.80 27.23
N TRP H 230 15.18 10.63 26.53
CA TRP H 230 15.45 10.40 25.11
C TRP H 230 16.71 11.11 24.72
N SER H 231 17.52 10.49 23.88
CA SER H 231 18.77 11.07 23.37
C SER H 231 18.77 11.07 21.83
N ALA H 232 19.03 12.24 21.24
CA ALA H 232 19.14 12.38 19.79
C ALA H 232 20.17 11.37 19.22
N PRO H 233 19.89 10.81 18.04
CA PRO H 233 20.79 9.78 17.50
C PRO H 233 22.20 10.21 17.06
N ALA H 234 23.04 9.20 16.83
CA ALA H 234 24.44 9.38 16.45
C ALA H 234 24.66 10.46 15.44
N ASP H 235 23.91 10.45 14.34
CA ASP H 235 24.16 11.41 13.26
C ASP H 235 23.75 12.85 13.58
N GLU H 236 23.11 13.06 14.72
CA GLU H 236 22.77 14.42 15.13
C GLU H 236 23.70 14.95 16.20
N LYS H 237 24.85 14.30 16.41
CA LYS H 237 25.78 14.68 17.47
C LYS H 237 27.01 15.44 16.94
N VAL H 238 27.55 16.34 17.74
CA VAL H 238 28.71 17.14 17.37
C VAL H 238 29.87 16.68 18.23
N GLY H 239 31.03 16.52 17.64
CA GLY H 239 32.21 16.12 18.37
C GLY H 239 33.21 17.26 18.51
N SER H 240 33.78 17.38 19.72
CA SER H 240 34.84 18.32 20.00
C SER H 240 36.16 17.62 19.85
N GLY H 241 37.16 18.29 19.30
CA GLY H 241 38.49 17.69 19.16
C GLY H 241 39.56 18.72 19.33
N LEU H 242 40.83 18.32 19.33
CA LEU H 242 41.93 19.28 19.38
C LEU H 242 41.98 20.06 18.08
N ILE H 243 42.11 21.37 18.19
CA ILE H 243 42.09 22.26 17.03
C ILE H 243 43.49 22.79 16.77
N VAL H 244 43.90 22.71 15.50
CA VAL H 244 45.20 23.16 15.10
C VAL H 244 45.12 24.09 13.90
N ASN H 245 46.13 24.92 13.66
CA ASN H 245 46.22 25.57 12.36
C ASN H 245 46.32 24.59 11.18
N LYS H 246 45.84 25.06 10.02
CA LYS H 246 46.10 24.44 8.72
C LYS H 246 47.62 24.37 8.53
N GLY H 247 48.06 23.41 7.74
CA GLY H 247 49.50 23.24 7.50
C GLY H 247 50.17 22.40 8.58
N ASN H 248 49.36 21.68 9.36
CA ASN H 248 49.88 20.77 10.40
C ASN H 248 49.26 19.38 10.32
N ASP H 249 49.07 18.91 9.10
CA ASP H 249 48.34 17.64 8.82
C ASP H 249 48.90 16.41 9.55
N GLU H 250 50.20 16.24 9.50
CA GLU H 250 50.86 15.16 10.21
C GLU H 250 50.60 15.26 11.72
N ALA H 251 50.70 16.45 12.29
CA ALA H 251 50.45 16.62 13.74
C ALA H 251 48.99 16.20 14.07
N VAL H 252 48.09 16.68 13.22
CA VAL H 252 46.69 16.38 13.41
C VAL H 252 46.47 14.87 13.36
N ALA H 253 47.02 14.20 12.36
CA ALA H 253 46.88 12.74 12.30
C ALA H 253 47.43 12.09 13.58
N LYS H 254 48.58 12.56 14.05
CA LYS H 254 49.11 11.99 15.28
C LYS H 254 48.21 12.22 16.52
N PHE H 255 47.61 13.40 16.63
CA PHE H 255 46.66 13.63 17.73
C PHE H 255 45.49 12.68 17.60
N SER H 256 45.04 12.45 16.37
CA SER H 256 43.89 11.57 16.12
C SER H 256 44.17 10.13 16.48
N THR H 257 45.32 9.64 16.05
CA THR H 257 45.76 8.31 16.46
C THR H 257 45.80 8.25 18.00
N ALA H 258 46.41 9.22 18.67
CA ALA H 258 46.56 9.14 20.14
C ALA H 258 45.18 9.06 20.84
N ILE H 259 44.24 9.86 20.37
CA ILE H 259 42.86 9.80 20.84
C ILE H 259 42.29 8.41 20.68
N ASN H 260 42.40 7.81 19.50
CA ASN H 260 41.82 6.49 19.32
C ASN H 260 42.48 5.42 20.18
N GLU H 261 43.77 5.56 20.46
CA GLU H 261 44.49 4.66 21.36
C GLU H 261 43.96 4.78 22.80
N LEU H 262 43.59 6.00 23.19
CA LEU H 262 43.00 6.28 24.53
C LEU H 262 41.59 5.73 24.66
N LYS H 263 40.84 5.75 23.58
CA LYS H 263 39.57 5.03 23.57
C LYS H 263 39.83 3.54 23.78
N ALA H 264 40.74 2.97 22.97
CA ALA H 264 40.98 1.52 23.00
C ALA H 264 41.53 1.05 24.35
N ASP H 265 42.36 1.87 24.99
CA ASP H 265 42.94 1.43 26.27
C ASP H 265 42.05 1.73 27.50
N GLY H 266 40.83 2.24 27.30
CA GLY H 266 39.92 2.56 28.43
C GLY H 266 40.09 3.96 29.08
N THR H 267 41.05 4.73 28.63
CA THR H 267 41.33 6.01 29.28
C THR H 267 40.19 6.99 29.06
N LEU H 268 39.66 7.10 27.85
CA LEU H 268 38.57 8.05 27.67
C LEU H 268 37.28 7.70 28.43
N LYS H 269 37.04 6.42 28.61
CA LYS H 269 35.88 5.94 29.35
C LYS H 269 36.00 6.33 30.81
N LYS H 270 37.17 6.11 31.34
CA LYS H 270 37.54 6.52 32.68
C LYS H 270 37.36 8.02 32.92
N LEU H 271 37.83 8.84 32.01
CA LEU H 271 37.72 10.30 32.18
C LEU H 271 36.28 10.75 32.03
N GLY H 272 35.55 10.08 31.16
CA GLY H 272 34.12 10.36 30.99
C GLY H 272 33.35 10.05 32.26
N GLU H 273 33.62 8.88 32.84
CA GLU H 273 32.94 8.46 34.07
C GLU H 273 33.23 9.46 35.19
N GLN H 274 34.48 9.88 35.26
CA GLN H 274 34.92 10.80 36.28
C GLN H 274 34.19 12.15 36.19
N PHE H 275 34.08 12.72 35.00
CA PHE H 275 33.44 14.04 34.85
C PHE H 275 31.94 14.01 34.55
N PHE H 276 31.45 12.93 33.97
CA PHE H 276 30.04 12.91 33.54
C PHE H 276 29.28 11.67 33.98
N GLY H 277 29.95 10.76 34.68
CA GLY H 277 29.31 9.51 35.03
C GLY H 277 29.02 8.62 33.84
N LYS H 278 29.64 8.88 32.70
CA LYS H 278 29.55 7.97 31.55
C LYS H 278 30.57 8.24 30.45
N ASP H 279 30.91 7.23 29.68
CA ASP H 279 31.76 7.37 28.50
C ASP H 279 31.11 8.36 27.53
N ILE H 280 31.80 9.41 27.17
CA ILE H 280 31.18 10.35 26.24
C ILE H 280 31.98 10.47 24.94
N SER H 281 32.97 9.61 24.76
CA SER H 281 33.88 9.69 23.60
C SER H 281 33.40 8.85 22.43
N VAL H 282 32.25 8.19 22.59
CA VAL H 282 31.69 7.31 21.57
C VAL H 282 30.50 7.99 20.96
N GLN H 283 30.49 8.14 19.65
CA GLN H 283 29.39 8.82 18.94
C GLN H 283 28.06 8.12 19.13
#